data_8EEB
#
_entry.id   8EEB
#
_cell.length_a   1.00
_cell.length_b   1.00
_cell.length_c   1.00
_cell.angle_alpha   90.00
_cell.angle_beta   90.00
_cell.angle_gamma   90.00
#
_symmetry.space_group_name_H-M   'P 1'
#
loop_
_entity.id
_entity.type
_entity.pdbx_description
1 polymer 'Phospholipid-transporting ATPase ABCA7'
2 branched 2-acetamido-2-deoxy-beta-D-glucopyranose-(1-4)-2-acetamido-2-deoxy-beta-D-glucopyranose
3 branched beta-D-mannopyranose-(1-4)-2-acetamido-2-deoxy-beta-D-glucopyranose-(1-4)-2-acetamido-2-deoxy-beta-D-glucopyranose
4 non-polymer 2-acetamido-2-deoxy-beta-D-glucopyranose
#
_entity_poly.entity_id   1
_entity_poly.type   'polypeptide(L)'
_entity_poly.pdbx_seq_one_letter_code
;MAFWTQLMLLLWKNFMYRRRQPVQLLVELLWPLFLFFILVAVRHSHPPLEHHECHFPNKPLPSAGTVPWLQGLICNVNNT
CFPQLTPGEEPGRLSNFNDSLVSRLLADARTVLGGASAHRTLAGLGKLIATLRAARSTAQPQPTKQSPLEPPMLDVAELL
TSLLRTESLGLALGQAQEPLHSLLEAAEDLAQELLALRSLVELRALLQRPRGTSGPLELLSEALCSVRGPSSTVGPSLNW
YEASDLMELVGQEPESALPDSSLSPACSELIGALDSHPLSRLLWRRLKPLILGKLLFAPDTPFTRKLMAQVNRTFEELTL
LRDVREVWEMLGPRIFTFMNDSSNVAMLQRLLQMQDEGRRQPRPGGRDHMEALRSFLDPGSGGYSWQDAHADVGHLVGTL
GRVTECLSLDKLEAAPSEAALVSRALQLLAEHRFWAGVVFLGPEDSSDPTEHPTPDLGPGHVRIKIRMDIDVVTRTNKIR
DRFWDPGPAADPLTDLRYVWGGFVYLQDLVERAAVRVLSGANPRAGLYLQQMPYPCYVDDVFLRVLSRSLPLFLTLAWIY
SVTLTVKAVVREKETRLRDTMRAMGLSRAVLWLGWFLSCLGPFLLSAALLVLVLKLGDILPYSHPGVVFLFLAAFAVATV
TQSFLLSAFFSRANLAAACGGLAYFSLYLPYVLCVAWRDRLPAGGRVAASLLSPVAFGFGCESLALLEEQGEGAQWHNVG
TRPTADVFSLAQVSGLLLLDAALYGLATWYLEAVCPGQYGIPEPWNFPFRRSYWCGPRPPKSPAPCPTPLDPKVLVEEAP
PGLSPGVSVRSLEKRFPGSPQPALRGLSLDFYQGHITAFLGHNGAGKTTTLSILSGLFPPSGGSAFILGHDVRSSMAAIR
PHLGVCPQYNVLFDMLTVDEHVWFYGRLKGLSAAVVGPEQDRLLQDVGLVSKQSVQTRHLSGGMQRKLSVAIAFVGGSQV
VILDEPTAGVDPASRRGIWELLLKYREGRTLILSTHHLDEAELLGDRVAVVAGGRLCCCGSPLFLRRHLGSGYYLTLVKA
RLPLTTNEKADTDMEGSVDTRQEKKNGSQGSRVGTPQLLALVQHWVPGARLVEELPHELVLVLPYTGAHDGSFATLFREL
DTRLAELRLTGYGISDTSLEEIFLKVVEECAADTDMEDGSCGQHLCTGIAGLDVTLRLKMPPQETALENGEPAGSAPETD
QGSGPDAVGRVQGWALTRQQLQALLLKRFLLARRSRRGLFAQIVLPALFVGLALVFSLIVPPFGHYPALRLSPTMYGAQV
SFFSEDAPGDPGRARLLEALLQEAGLEEPPVQHSSHRFSAPEVPAEVAKVLASGNWTPESPSPACQCSRPGARRLLPDCP
AAAGGPPPPQAVTGSGEVVQNLTGRNLSDFLVKTYPRLVRQGLKTKKWVNEVRYGGFSLGGRDPGLPSGQELGRSVEELW
ALLSPLPGGALDRVLKNLTAWAHSLDAQDSLKIWFNNKGWHSMVAFVNRASNAILRAHLPPGPARHAHSITTLNHPLNLT
KEQLSEGALMASSVDVLVSICVVFAMSFVPASFTLVLIEERVTRAKHLQLMGGLSPTLYWLGNFLWDMCNYLVPACIVVL
IFLAFQQRAYVAPANLPALLLLLLLYGWSITPLMYPASFFFSVPSTAYVVLTCINLFIGINGSMATFVLELFSDQKLQEV
SRILKQVFLIFPHFCLGRGLIDMVRNQAMADAFERLGDRQFQSPLRWEVVGKNLLAMVIQGPLFLLFTLLLQHRSQLLPQ
PRVRSLPLLGEEDEDVARERERVVQGATQGDVLVLRNLTKVYRGQRMPAVDRLCLGIPPGECFGLLGVNGAGKTSTFRMV
TGDTLASRGEAVLAGHSVAREPSAAHLSMGYCPQSDAIFELLTGREHLELLARLRGVPEAQVAQTAGSGLARLGLSWYAD
RPAGTYSGGNKRKLATALALVGDPAVVFLDEPTTGMDPSARRFLWNSLLAVVREGRSVMLTSHSMEECEALCSRLAIMVN
GRFRCLGSPQHLKGRFAAGHTLTLRVPAARSQPAAAFVAAEFPGAELREAHGGRLRFQLPPGGRCALARVFGELAVHGAE
HGVEDFSVSQTMLEEVFLYFSKDQGKDEDTEEQKEAGVGVDPAPGLQHPKRVSQFLDDPSTAETVL
;
_entity_poly.pdbx_strand_id   A
#
# COMPACT_ATOMS: atom_id res chain seq x y z
N PHE A 3 -35.54 25.87 -10.21
CA PHE A 3 -34.22 25.28 -10.31
C PHE A 3 -33.64 24.97 -8.93
N TRP A 4 -33.73 25.96 -8.03
CA TRP A 4 -33.18 25.79 -6.69
C TRP A 4 -33.94 24.74 -5.90
N THR A 5 -35.24 24.58 -6.20
CA THR A 5 -36.08 23.69 -5.38
C THR A 5 -35.55 22.27 -5.37
N GLN A 6 -35.31 21.70 -6.55
CA GLN A 6 -34.73 20.37 -6.61
C GLN A 6 -33.33 20.35 -6.02
N LEU A 7 -32.61 21.47 -6.10
CA LEU A 7 -31.26 21.52 -5.57
C LEU A 7 -31.25 21.30 -4.06
N MET A 8 -32.04 22.09 -3.32
CA MET A 8 -31.98 21.85 -1.87
C MET A 8 -32.82 20.66 -1.47
N LEU A 9 -33.73 20.18 -2.31
CA LEU A 9 -34.36 18.89 -2.05
C LEU A 9 -33.32 17.76 -2.08
N LEU A 10 -32.46 17.77 -3.09
CA LEU A 10 -31.38 16.80 -3.16
C LEU A 10 -30.42 16.95 -1.98
N LEU A 11 -30.11 18.20 -1.62
CA LEU A 11 -29.22 18.43 -0.47
C LEU A 11 -29.84 17.87 0.81
N TRP A 12 -31.14 18.10 1.01
CA TRP A 12 -31.81 17.57 2.19
C TRP A 12 -31.84 16.04 2.19
N LYS A 13 -32.06 15.44 1.02
CA LYS A 13 -32.05 13.99 0.93
C LYS A 13 -30.67 13.42 1.28
N ASN A 14 -29.61 14.05 0.77
CA ASN A 14 -28.25 13.59 1.09
C ASN A 14 -27.96 13.76 2.58
N PHE A 15 -28.37 14.89 3.16
CA PHE A 15 -28.18 15.09 4.59
C PHE A 15 -28.94 14.05 5.39
N MET A 16 -30.16 13.69 4.96
CA MET A 16 -30.92 12.66 5.64
C MET A 16 -30.24 11.30 5.55
N TYR A 17 -29.66 10.98 4.39
CA TYR A 17 -28.83 9.78 4.29
C TYR A 17 -27.69 9.82 5.30
N ARG A 18 -26.95 10.92 5.34
CA ARG A 18 -25.76 10.99 6.19
C ARG A 18 -26.11 10.90 7.66
N ARG A 19 -27.18 11.57 8.10
CA ARG A 19 -27.53 11.60 9.51
C ARG A 19 -27.98 10.24 10.04
N ARG A 20 -28.44 9.35 9.17
CA ARG A 20 -29.03 8.09 9.61
C ARG A 20 -28.00 7.00 9.86
N GLN A 21 -26.72 7.27 9.65
CA GLN A 21 -25.65 6.31 9.90
C GLN A 21 -24.60 6.95 10.80
N PRO A 22 -24.91 7.09 12.09
CA PRO A 22 -23.96 7.76 13.00
C PRO A 22 -22.62 7.07 13.11
N VAL A 23 -22.58 5.73 13.01
CA VAL A 23 -21.32 5.01 13.19
C VAL A 23 -20.31 5.39 12.13
N GLN A 24 -20.75 5.49 10.86
CA GLN A 24 -19.85 5.87 9.79
C GLN A 24 -19.33 7.29 9.97
N LEU A 25 -20.22 8.22 10.34
CA LEU A 25 -19.81 9.60 10.54
C LEU A 25 -18.79 9.73 11.65
N LEU A 26 -19.02 9.03 12.78
CA LEU A 26 -18.11 9.15 13.92
C LEU A 26 -16.73 8.59 13.59
N VAL A 27 -16.67 7.42 12.95
CA VAL A 27 -15.37 6.84 12.62
C VAL A 27 -14.67 7.67 11.56
N GLU A 28 -15.43 8.23 10.61
CA GLU A 28 -14.82 9.11 9.61
C GLU A 28 -14.23 10.35 10.27
N LEU A 29 -14.94 10.91 11.25
CA LEU A 29 -14.43 12.08 11.96
C LEU A 29 -13.19 11.75 12.77
N LEU A 30 -13.18 10.60 13.45
CA LEU A 30 -12.12 10.29 14.40
C LEU A 30 -10.93 9.54 13.79
N TRP A 31 -11.01 9.12 12.52
CA TRP A 31 -9.89 8.40 11.93
C TRP A 31 -8.61 9.23 11.83
N PRO A 32 -8.60 10.44 11.27
CA PRO A 32 -7.32 11.17 11.14
C PRO A 32 -6.82 11.78 12.42
N LEU A 33 -7.69 11.99 13.41
CA LEU A 33 -7.27 12.60 14.66
C LEU A 33 -6.21 11.75 15.37
N PHE A 34 -6.41 10.43 15.40
CA PHE A 34 -5.43 9.56 16.04
C PHE A 34 -4.11 9.59 15.31
N LEU A 35 -4.14 9.58 13.97
CA LEU A 35 -2.90 9.62 13.20
C LEU A 35 -2.13 10.90 13.47
N PHE A 36 -2.82 12.04 13.49
CA PHE A 36 -2.11 13.28 13.75
C PHE A 36 -1.71 13.43 15.21
N PHE A 37 -2.42 12.77 16.14
CA PHE A 37 -1.94 12.72 17.52
C PHE A 37 -0.64 11.92 17.61
N ILE A 38 -0.55 10.83 16.86
CA ILE A 38 0.71 10.07 16.80
C ILE A 38 1.83 10.95 16.24
N LEU A 39 1.52 11.69 15.17
CA LEU A 39 2.53 12.58 14.59
C LEU A 39 2.96 13.66 15.58
N VAL A 40 2.01 14.23 16.32
CA VAL A 40 2.33 15.28 17.29
C VAL A 40 3.17 14.71 18.43
N ALA A 41 2.85 13.50 18.88
CA ALA A 41 3.66 12.87 19.93
C ALA A 41 5.08 12.60 19.42
N VAL A 42 5.20 12.16 18.17
CA VAL A 42 6.52 11.94 17.59
C VAL A 42 7.32 13.23 17.56
N ARG A 43 6.68 14.33 17.15
CA ARG A 43 7.36 15.62 17.13
C ARG A 43 7.74 16.06 18.54
N HIS A 44 6.86 15.84 19.52
CA HIS A 44 7.16 16.19 20.90
C HIS A 44 8.29 15.35 21.47
N SER A 45 8.51 14.15 20.94
CA SER A 45 9.59 13.30 21.44
C SER A 45 10.96 13.93 21.19
N HIS A 46 11.17 14.53 20.02
CA HIS A 46 12.47 15.04 19.61
C HIS A 46 12.40 16.54 19.37
N PRO A 47 12.71 17.36 20.37
CA PRO A 47 12.79 18.81 20.15
C PRO A 47 14.02 19.17 19.35
N PRO A 48 14.01 20.33 18.67
CA PRO A 48 15.21 20.74 17.92
C PRO A 48 16.32 21.18 18.86
N LEU A 49 17.55 21.15 18.32
CA LEU A 49 18.73 21.52 19.06
C LEU A 49 19.41 22.71 18.42
N GLU A 50 20.17 23.46 19.23
CA GLU A 50 20.89 24.64 18.76
C GLU A 50 22.36 24.50 19.13
N HIS A 51 23.24 25.06 18.29
CA HIS A 51 24.67 25.02 18.54
C HIS A 51 25.28 26.35 18.11
N HIS A 52 26.16 26.88 18.94
CA HIS A 52 26.78 28.18 18.71
C HIS A 52 27.89 28.07 17.67
N GLU A 53 28.51 29.21 17.34
CA GLU A 53 29.64 29.22 16.43
C GLU A 53 30.79 28.42 17.03
N CYS A 54 31.52 27.70 16.17
CA CYS A 54 32.45 26.69 16.64
C CYS A 54 33.82 26.89 16.01
N HIS A 55 34.87 26.65 16.80
CA HIS A 55 36.24 26.72 16.34
C HIS A 55 37.02 25.53 16.88
N PHE A 56 38.10 25.18 16.18
CA PHE A 56 38.88 23.99 16.50
C PHE A 56 40.35 24.34 16.63
N PRO A 57 41.10 23.57 17.42
CA PRO A 57 42.53 23.82 17.58
C PRO A 57 43.35 23.22 16.44
N ASN A 58 44.61 23.66 16.39
CA ASN A 58 45.57 23.17 15.42
C ASN A 58 46.02 21.76 15.78
N LYS A 59 46.54 21.04 14.77
CA LYS A 59 47.11 19.71 14.99
C LYS A 59 48.47 19.63 14.29
N PRO A 60 49.56 19.42 15.00
CA PRO A 60 50.87 19.29 14.35
C PRO A 60 51.07 17.89 13.80
N LEU A 61 52.19 17.72 13.10
CA LEU A 61 52.61 16.46 12.53
C LEU A 61 54.06 16.19 12.91
N PRO A 62 54.48 14.92 12.90
CA PRO A 62 55.87 14.62 13.30
C PRO A 62 56.92 15.28 12.43
N SER A 63 56.60 15.64 11.19
CA SER A 63 57.56 16.34 10.37
C SER A 63 57.87 17.73 10.93
N ALA A 64 56.92 18.36 11.60
CA ALA A 64 57.17 19.65 12.23
C ALA A 64 58.15 19.51 13.40
N GLY A 65 58.01 18.46 14.19
CA GLY A 65 58.88 18.26 15.32
C GLY A 65 58.42 17.09 16.15
N THR A 66 59.18 16.83 17.21
CA THR A 66 58.88 15.73 18.12
C THR A 66 58.07 16.20 19.32
N VAL A 67 58.57 17.22 20.04
CA VAL A 67 57.85 17.73 21.20
C VAL A 67 56.47 18.29 20.84
N PRO A 68 56.33 19.17 19.84
CA PRO A 68 54.98 19.65 19.51
C PRO A 68 54.03 18.55 19.07
N TRP A 69 54.53 17.54 18.35
CA TRP A 69 53.66 16.49 17.86
C TRP A 69 53.09 15.67 19.02
N LEU A 70 53.95 15.25 19.95
CA LEU A 70 53.48 14.54 21.13
C LEU A 70 52.60 15.42 22.00
N GLN A 71 52.94 16.71 22.09
CA GLN A 71 52.12 17.63 22.87
C GLN A 71 50.71 17.71 22.32
N GLY A 72 50.57 17.80 20.99
CA GLY A 72 49.26 17.76 20.38
C GLY A 72 48.56 16.44 20.61
N LEU A 73 49.27 15.34 20.41
CA LEU A 73 48.70 14.01 20.61
C LEU A 73 48.13 13.86 22.02
N ILE A 74 48.80 14.47 23.01
CA ILE A 74 48.35 14.33 24.39
C ILE A 74 47.21 15.29 24.70
N CYS A 75 47.32 16.54 24.22
CA CYS A 75 46.35 17.56 24.61
C CYS A 75 45.05 17.44 23.81
N ASN A 76 45.14 17.52 22.48
CA ASN A 76 43.95 17.59 21.64
C ASN A 76 43.40 16.19 21.37
N VAL A 77 43.24 15.42 22.44
CA VAL A 77 42.53 14.15 22.33
C VAL A 77 41.03 14.42 22.22
N ASN A 78 40.56 15.47 22.89
CA ASN A 78 39.16 15.64 23.21
C ASN A 78 38.43 16.50 22.20
N ASN A 79 39.15 17.32 21.43
CA ASN A 79 38.58 18.14 20.35
C ASN A 79 37.42 19.01 20.87
N THR A 80 37.70 19.75 21.93
CA THR A 80 36.69 20.65 22.48
C THR A 80 36.51 21.85 21.56
N CYS A 81 35.25 22.18 21.28
CA CYS A 81 34.94 23.32 20.43
C CYS A 81 35.08 24.63 21.19
N PHE A 82 35.66 25.62 20.51
CA PHE A 82 35.98 26.90 21.14
C PHE A 82 35.07 28.00 20.59
N PRO A 83 34.23 28.62 21.40
CA PRO A 83 33.39 29.71 20.87
C PRO A 83 34.19 30.90 20.36
N GLN A 84 35.30 31.23 21.01
CA GLN A 84 36.11 32.37 20.61
C GLN A 84 37.10 31.94 19.52
N LEU A 85 38.03 32.84 19.20
CA LEU A 85 39.06 32.53 18.21
C LEU A 85 40.23 31.82 18.88
N THR A 86 40.96 31.03 18.08
CA THR A 86 42.13 30.36 18.62
C THR A 86 43.40 31.06 18.14
N PRO A 87 44.43 31.11 18.98
CA PRO A 87 45.66 31.84 18.60
C PRO A 87 46.35 31.29 17.38
N GLY A 88 46.14 30.02 17.04
CA GLY A 88 46.85 29.43 15.92
C GLY A 88 46.35 29.88 14.56
N GLU A 89 45.10 30.35 14.47
CA GLU A 89 44.54 30.72 13.19
C GLU A 89 45.03 32.09 12.70
N GLU A 90 45.53 32.93 13.59
CA GLU A 90 46.06 34.22 13.17
C GLU A 90 47.32 34.02 12.31
N PRO A 91 47.56 34.93 11.37
CA PRO A 91 48.71 34.75 10.46
C PRO A 91 50.05 34.68 11.18
N GLY A 92 50.21 35.41 12.28
CA GLY A 92 51.48 35.45 12.96
C GLY A 92 51.82 34.20 13.75
N ARG A 93 51.02 33.92 14.78
CA ARG A 93 51.33 32.82 15.69
C ARG A 93 51.07 31.47 15.02
N LEU A 94 51.78 30.45 15.51
CA LEU A 94 51.60 29.07 15.06
C LEU A 94 51.18 28.15 16.20
N SER A 95 51.86 28.21 17.33
CA SER A 95 51.57 27.35 18.48
C SER A 95 50.79 28.13 19.52
N ASN A 96 49.92 27.41 20.24
CA ASN A 96 49.09 28.02 21.26
C ASN A 96 49.34 27.39 22.62
N PHE A 97 50.60 27.18 22.98
CA PHE A 97 50.95 26.49 24.22
C PHE A 97 52.03 27.26 24.97
N ASN A 98 51.85 28.58 25.10
CA ASN A 98 52.71 29.33 26.00
C ASN A 98 52.36 29.05 27.46
N ASP A 99 51.12 28.69 27.74
CA ASP A 99 50.78 28.26 29.10
C ASP A 99 51.43 26.93 29.45
N SER A 100 51.91 26.19 28.46
CA SER A 100 52.56 24.91 28.70
C SER A 100 53.89 25.10 29.43
N LEU A 101 54.13 24.22 30.41
CA LEU A 101 55.36 24.31 31.20
C LEU A 101 56.58 24.01 30.33
N VAL A 102 56.48 23.03 29.44
CA VAL A 102 57.66 22.59 28.68
C VAL A 102 58.17 23.71 27.77
N SER A 103 57.27 24.44 27.12
CA SER A 103 57.70 25.53 26.25
C SER A 103 58.39 26.62 27.06
N ARG A 104 57.86 26.94 28.24
CA ARG A 104 58.51 27.92 29.10
C ARG A 104 59.89 27.44 29.55
N LEU A 105 60.01 26.16 29.87
CA LEU A 105 61.30 25.62 30.27
C LEU A 105 62.31 25.72 29.15
N LEU A 106 61.91 25.36 27.93
CA LEU A 106 62.82 25.44 26.79
C LEU A 106 63.23 26.88 26.52
N ALA A 107 62.28 27.81 26.56
CA ALA A 107 62.60 29.21 26.33
C ALA A 107 63.54 29.74 27.41
N ASP A 108 63.29 29.39 28.67
CA ASP A 108 64.17 29.82 29.75
C ASP A 108 65.57 29.26 29.59
N ALA A 109 65.68 27.98 29.23
CA ALA A 109 66.98 27.38 29.04
C ALA A 109 67.74 28.07 27.91
N ARG A 110 67.07 28.35 26.80
CA ARG A 110 67.73 29.01 25.68
C ARG A 110 68.17 30.42 26.07
N THR A 111 67.29 31.18 26.73
CA THR A 111 67.63 32.56 27.06
C THR A 111 68.66 32.66 28.18
N VAL A 112 68.82 31.61 28.99
CA VAL A 112 69.86 31.62 30.01
C VAL A 112 71.20 31.21 29.40
N LEU A 113 71.22 30.11 28.64
CA LEU A 113 72.45 29.65 28.02
C LEU A 113 72.93 30.57 26.91
N GLY A 114 72.08 31.49 26.42
CA GLY A 114 72.52 32.42 25.40
C GLY A 114 73.58 33.39 25.90
N GLY A 115 73.39 33.93 27.10
CA GLY A 115 74.29 34.91 27.67
C GLY A 115 75.39 34.36 28.55
N ALA A 116 75.56 33.04 28.61
CA ALA A 116 76.56 32.42 29.48
C ALA A 116 77.80 31.96 28.71
N SER A 117 77.91 32.32 27.43
CA SER A 117 79.06 31.89 26.64
C SER A 117 80.37 32.47 27.18
N ALA A 118 80.34 33.76 27.54
CA ALA A 118 81.57 34.42 27.99
C ALA A 118 82.11 33.77 29.25
N HIS A 119 81.23 33.43 30.19
CA HIS A 119 81.67 32.84 31.45
C HIS A 119 82.36 31.50 31.22
N ARG A 120 81.72 30.62 30.47
CA ARG A 120 82.29 29.28 30.25
C ARG A 120 83.57 29.36 29.42
N THR A 121 83.60 30.24 28.41
CA THR A 121 84.82 30.39 27.63
C THR A 121 85.98 30.91 28.47
N LEU A 122 85.70 31.89 29.34
CA LEU A 122 86.74 32.41 30.22
C LEU A 122 87.23 31.34 31.18
N ALA A 123 86.31 30.56 31.75
CA ALA A 123 86.72 29.48 32.65
C ALA A 123 87.59 28.46 31.93
N GLY A 124 87.19 28.10 30.70
CA GLY A 124 87.98 27.13 29.94
C GLY A 124 89.36 27.64 29.62
N LEU A 125 89.46 28.88 29.14
CA LEU A 125 90.77 29.42 28.80
C LEU A 125 91.64 29.57 30.04
N GLY A 126 91.04 29.94 31.18
CA GLY A 126 91.81 29.99 32.41
C GLY A 126 92.34 28.63 32.82
N LYS A 127 91.50 27.59 32.72
CA LYS A 127 91.96 26.25 33.05
C LYS A 127 93.09 25.81 32.13
N LEU A 128 92.96 26.08 30.82
CA LEU A 128 94.00 25.69 29.88
C LEU A 128 95.30 26.44 30.12
N ILE A 129 95.25 27.74 30.40
CA ILE A 129 96.48 28.47 30.64
C ILE A 129 97.13 28.03 31.94
N ALA A 130 96.31 27.74 32.97
CA ALA A 130 96.87 27.22 34.22
C ALA A 130 97.55 25.88 34.00
N THR A 131 96.92 25.00 33.22
CA THR A 131 97.54 23.70 32.92
C THR A 131 98.83 23.88 32.14
N LEU A 132 98.84 24.79 31.16
CA LEU A 132 100.05 25.01 30.37
C LEU A 132 101.19 25.55 31.23
N ARG A 133 100.89 26.51 32.12
CA ARG A 133 101.92 27.04 33.00
C ARG A 133 102.34 26.02 34.06
N ALA A 134 101.49 25.06 34.39
CA ALA A 134 101.88 24.01 35.32
C ALA A 134 103.03 23.17 34.77
N ALA A 135 102.97 22.85 33.48
CA ALA A 135 104.02 22.05 32.84
C ALA A 135 105.32 22.84 32.75
N GLN A 177 95.22 34.11 40.71
CA GLN A 177 94.18 34.57 41.62
C GLN A 177 93.05 35.24 40.86
N GLU A 178 93.40 36.07 39.88
CA GLU A 178 92.37 36.71 39.06
C GLU A 178 91.49 35.72 38.29
N PRO A 179 91.99 34.60 37.73
CA PRO A 179 91.05 33.64 37.13
C PRO A 179 90.07 33.08 38.14
N LEU A 180 90.51 32.88 39.39
CA LEU A 180 89.59 32.43 40.43
C LEU A 180 88.50 33.46 40.68
N HIS A 181 88.87 34.74 40.74
CA HIS A 181 87.87 35.79 40.93
C HIS A 181 86.89 35.83 39.76
N SER A 182 87.40 35.71 38.53
CA SER A 182 86.53 35.74 37.37
C SER A 182 85.56 34.55 37.37
N LEU A 183 86.07 33.36 37.70
CA LEU A 183 85.21 32.19 37.76
C LEU A 183 84.18 32.32 38.86
N LEU A 184 84.57 32.85 40.01
CA LEU A 184 83.62 33.06 41.11
C LEU A 184 82.51 34.02 40.70
N GLU A 185 82.87 35.13 40.05
CA GLU A 185 81.87 36.08 39.60
C GLU A 185 80.95 35.46 38.56
N ALA A 186 81.51 34.69 37.64
CA ALA A 186 80.70 34.03 36.62
C ALA A 186 79.72 33.04 37.24
N ALA A 187 80.19 32.24 38.20
CA ALA A 187 79.31 31.30 38.88
C ALA A 187 78.23 32.03 39.66
N GLU A 188 78.58 33.15 40.30
CA GLU A 188 77.59 33.95 41.00
C GLU A 188 76.52 34.47 40.05
N ASP A 189 76.93 34.98 38.89
CA ASP A 189 75.97 35.49 37.92
C ASP A 189 75.06 34.38 37.42
N LEU A 190 75.62 33.21 37.11
CA LEU A 190 74.78 32.10 36.65
C LEU A 190 73.82 31.64 37.74
N ALA A 191 74.28 31.58 38.99
CA ALA A 191 73.40 31.18 40.08
C ALA A 191 72.27 32.20 40.26
N GLN A 192 72.58 33.49 40.15
CA GLN A 192 71.54 34.51 40.26
C GLN A 192 70.54 34.39 39.12
N GLU A 193 71.02 34.11 37.91
CA GLU A 193 70.12 33.96 36.78
C GLU A 193 69.19 32.75 36.97
N LEU A 194 69.75 31.62 37.39
CA LEU A 194 68.91 30.44 37.63
C LEU A 194 68.00 30.60 38.83
N LEU A 195 68.32 31.51 39.77
CA LEU A 195 67.40 31.77 40.87
C LEU A 195 66.10 32.39 40.37
N ALA A 196 66.19 33.27 39.37
CA ALA A 196 65.01 33.95 38.83
C ALA A 196 64.36 33.12 37.72
N LEU A 197 63.92 31.92 38.10
CA LEU A 197 63.23 31.00 37.18
C LEU A 197 62.16 30.27 37.98
N ARG A 198 60.93 30.77 37.90
CA ARG A 198 59.83 30.17 38.65
C ARG A 198 59.53 28.76 38.17
N SER A 199 59.58 28.53 36.86
CA SER A 199 59.22 27.22 36.30
C SER A 199 60.00 26.10 36.97
N LEU A 200 61.26 26.36 37.34
CA LEU A 200 62.00 25.40 38.15
C LEU A 200 61.28 25.13 39.47
N VAL A 201 60.75 26.18 40.10
CA VAL A 201 60.06 26.01 41.37
C VAL A 201 58.80 25.18 41.19
N GLU A 202 58.01 25.46 40.15
CA GLU A 202 56.82 24.65 39.92
C GLU A 202 57.16 23.20 39.62
N LEU A 203 58.17 22.95 38.79
CA LEU A 203 58.51 21.56 38.49
C LEU A 203 59.02 20.84 39.74
N ARG A 204 59.83 21.52 40.56
CA ARG A 204 60.27 20.92 41.81
C ARG A 204 59.08 20.56 42.69
N ALA A 205 58.19 21.53 42.93
CA ALA A 205 57.02 21.27 43.75
C ALA A 205 56.19 20.13 43.19
N LEU A 206 56.18 19.96 41.87
CA LEU A 206 55.53 18.81 41.27
C LEU A 206 56.25 17.52 41.64
N LEU A 207 57.58 17.54 41.66
CA LEU A 207 58.34 16.31 41.88
C LEU A 207 58.10 15.74 43.28
N GLN A 208 58.28 16.55 44.32
CA GLN A 208 58.08 16.06 45.69
C GLN A 208 56.58 15.98 46.00
N ARG A 209 55.97 14.92 45.47
CA ARG A 209 54.58 14.61 45.69
C ARG A 209 54.43 13.10 45.81
N PRO A 210 53.41 12.62 46.54
CA PRO A 210 53.16 11.18 46.60
C PRO A 210 52.59 10.64 45.30
N ARG A 211 52.33 9.34 45.24
CA ARG A 211 51.82 8.68 44.04
C ARG A 211 50.32 8.47 44.09
N GLY A 212 49.59 9.42 44.67
CA GLY A 212 48.13 9.33 44.69
C GLY A 212 47.50 9.76 43.39
N THR A 213 46.37 10.46 43.49
CA THR A 213 45.62 10.98 42.33
C THR A 213 45.28 9.80 41.42
N SER A 214 45.66 9.81 40.15
CA SER A 214 45.30 8.74 39.22
C SER A 214 46.51 7.94 38.75
N GLY A 215 47.52 8.61 38.19
CA GLY A 215 48.67 7.91 37.67
C GLY A 215 49.67 8.83 37.00
N PRO A 216 50.56 8.26 36.19
CA PRO A 216 51.63 9.06 35.58
C PRO A 216 51.16 9.93 34.42
N LEU A 217 50.24 9.41 33.60
CA LEU A 217 49.82 10.16 32.43
C LEU A 217 49.00 11.39 32.79
N GLU A 218 48.24 11.35 33.89
CA GLU A 218 47.55 12.54 34.34
C GLU A 218 48.53 13.63 34.74
N LEU A 219 49.60 13.27 35.45
CA LEU A 219 50.63 14.25 35.79
C LEU A 219 51.33 14.76 34.53
N LEU A 220 51.57 13.87 33.56
CA LEU A 220 52.19 14.30 32.31
C LEU A 220 51.31 15.29 31.57
N SER A 221 49.99 15.04 31.54
CA SER A 221 49.07 15.96 30.89
C SER A 221 49.02 17.29 31.63
N GLU A 222 49.06 17.26 32.97
CA GLU A 222 49.08 18.50 33.73
C GLU A 222 50.35 19.29 33.43
N ALA A 223 51.49 18.61 33.30
CA ALA A 223 52.74 19.29 33.00
C ALA A 223 52.83 19.74 31.55
N LEU A 224 52.05 19.14 30.66
CA LEU A 224 52.09 19.45 29.23
C LEU A 224 51.00 20.42 28.81
N CYS A 225 49.74 20.07 29.05
CA CYS A 225 48.63 20.91 28.64
C CYS A 225 48.40 22.05 29.63
N SER A 264 58.08 -6.49 31.51
CA SER A 264 58.40 -5.30 32.28
C SER A 264 57.33 -5.05 33.34
N PRO A 265 57.66 -5.34 34.61
CA PRO A 265 56.69 -5.12 35.69
C PRO A 265 56.25 -3.68 35.83
N ALA A 266 57.15 -2.72 35.58
CA ALA A 266 56.77 -1.31 35.64
C ALA A 266 55.71 -0.99 34.59
N CYS A 267 55.88 -1.51 33.37
CA CYS A 267 54.88 -1.29 32.35
C CYS A 267 53.56 -2.01 32.68
N SER A 268 53.64 -3.18 33.33
CA SER A 268 52.42 -3.84 33.78
C SER A 268 51.68 -2.98 34.80
N GLU A 269 52.41 -2.38 35.73
CA GLU A 269 51.77 -1.48 36.69
C GLU A 269 51.20 -0.25 36.01
N LEU A 270 51.90 0.26 34.98
CA LEU A 270 51.36 1.39 34.23
C LEU A 270 50.06 1.01 33.54
N ILE A 271 49.99 -0.19 32.95
CA ILE A 271 48.78 -0.65 32.30
C ILE A 271 47.65 -0.80 33.32
N GLY A 272 47.97 -1.34 34.50
CA GLY A 272 46.96 -1.45 35.54
C GLY A 272 46.44 -0.11 36.00
N ALA A 273 47.33 0.88 36.15
CA ALA A 273 46.90 2.22 36.52
C ALA A 273 46.06 2.85 35.40
N LEU A 274 46.41 2.58 34.15
CA LEU A 274 45.62 3.07 33.03
C LEU A 274 44.22 2.49 33.04
N ASP A 275 44.10 1.19 33.31
CA ASP A 275 42.80 0.56 33.41
C ASP A 275 42.06 0.94 34.68
N SER A 276 42.77 1.52 35.67
CA SER A 276 42.10 1.97 36.88
C SER A 276 41.13 3.10 36.60
N HIS A 277 41.50 4.02 35.72
CA HIS A 277 40.68 5.19 35.41
C HIS A 277 40.21 5.12 33.96
N PRO A 278 38.92 5.27 33.69
CA PRO A 278 38.43 5.15 32.31
C PRO A 278 39.05 6.16 31.35
N LEU A 279 39.38 7.36 31.82
CA LEU A 279 39.99 8.35 30.94
C LEU A 279 41.34 7.87 30.42
N SER A 280 42.23 7.49 31.35
CA SER A 280 43.50 6.90 30.96
C SER A 280 43.30 5.59 30.22
N ARG A 281 42.24 4.86 30.54
CA ARG A 281 41.96 3.61 29.83
C ARG A 281 41.74 3.86 28.35
N LEU A 282 40.88 4.82 28.01
CA LEU A 282 40.61 5.11 26.60
C LEU A 282 41.83 5.75 25.94
N LEU A 283 42.56 6.59 26.68
CA LEU A 283 43.77 7.17 26.10
C LEU A 283 44.77 6.09 25.72
N TRP A 284 44.99 5.13 26.61
CA TRP A 284 45.91 4.03 26.31
C TRP A 284 45.37 3.13 25.21
N ARG A 285 44.05 2.92 25.18
CA ARG A 285 43.47 2.12 24.09
C ARG A 285 43.74 2.77 22.74
N ARG A 286 43.64 4.10 22.67
CA ARG A 286 43.92 4.78 21.41
C ARG A 286 45.41 4.83 21.11
N LEU A 287 46.26 4.86 22.14
CA LEU A 287 47.69 5.12 21.93
C LEU A 287 48.50 3.84 21.75
N LYS A 288 48.05 2.71 22.31
CA LYS A 288 48.87 1.50 22.34
C LYS A 288 49.30 0.99 20.97
N PRO A 289 48.41 0.87 19.96
CA PRO A 289 48.89 0.33 18.67
C PRO A 289 50.00 1.15 18.05
N LEU A 290 50.04 2.46 18.30
CA LEU A 290 51.15 3.26 17.84
C LEU A 290 52.45 2.87 18.54
N ILE A 291 52.39 2.62 19.84
CA ILE A 291 53.60 2.29 20.60
C ILE A 291 54.13 0.91 20.20
N LEU A 292 53.25 -0.09 20.15
CA LEU A 292 53.65 -1.48 20.01
C LEU A 292 53.28 -2.04 18.64
N GLY A 293 53.33 -1.20 17.62
CA GLY A 293 53.04 -1.65 16.27
C GLY A 293 54.21 -2.37 15.63
N LYS A 294 54.05 -2.66 14.34
CA LYS A 294 55.09 -3.35 13.58
C LYS A 294 54.93 -2.95 12.11
N LEU A 295 55.78 -2.05 11.66
CA LEU A 295 55.73 -1.58 10.28
C LEU A 295 56.40 -2.60 9.36
N LEU A 296 55.89 -2.70 8.13
CA LEU A 296 56.31 -3.72 7.19
C LEU A 296 56.43 -3.10 5.80
N PHE A 297 57.13 -3.79 4.91
CA PHE A 297 57.25 -3.37 3.52
C PHE A 297 57.58 -4.58 2.66
N ALA A 298 56.82 -4.75 1.57
CA ALA A 298 56.90 -5.95 0.74
C ALA A 298 58.15 -6.01 -0.13
N PRO A 299 58.43 -5.01 -0.99
CA PRO A 299 59.64 -5.11 -1.82
C PRO A 299 60.89 -5.07 -0.97
N ASP A 300 61.91 -5.81 -1.43
CA ASP A 300 63.14 -5.97 -0.66
C ASP A 300 64.37 -5.53 -1.44
N THR A 301 64.21 -4.65 -2.42
CA THR A 301 65.35 -4.07 -3.10
C THR A 301 66.08 -3.11 -2.17
N PRO A 302 67.37 -2.86 -2.42
CA PRO A 302 68.10 -1.91 -1.56
C PRO A 302 67.51 -0.51 -1.55
N PHE A 303 66.79 -0.13 -2.62
CA PHE A 303 66.09 1.15 -2.64
C PHE A 303 65.10 1.24 -1.49
N THR A 304 64.31 0.17 -1.29
CA THR A 304 63.37 0.15 -0.17
C THR A 304 64.10 0.12 1.17
N ARG A 305 65.28 -0.49 1.22
CA ARG A 305 66.06 -0.48 2.46
C ARG A 305 66.50 0.94 2.82
N LYS A 306 66.97 1.70 1.82
CA LYS A 306 67.30 3.11 2.05
C LYS A 306 66.07 3.88 2.51
N LEU A 307 64.93 3.62 1.86
CA LEU A 307 63.69 4.28 2.26
C LEU A 307 63.35 3.98 3.72
N MET A 308 63.50 2.72 4.13
CA MET A 308 63.13 2.34 5.48
C MET A 308 64.10 2.92 6.52
N ALA A 309 65.38 3.00 6.17
CA ALA A 309 66.34 3.64 7.07
C ALA A 309 66.01 5.11 7.25
N GLN A 310 65.76 5.82 6.15
CA GLN A 310 65.33 7.20 6.24
C GLN A 310 64.03 7.32 7.02
N VAL A 311 63.16 6.30 6.93
CA VAL A 311 61.90 6.32 7.67
C VAL A 311 62.16 6.26 9.17
N ASN A 312 62.97 5.30 9.62
CA ASN A 312 63.06 5.14 11.06
C ASN A 312 64.19 5.98 11.66
N ARG A 313 64.79 6.87 10.86
CA ARG A 313 65.75 7.80 11.44
C ARG A 313 65.16 8.56 12.62
N THR A 314 63.86 8.86 12.58
CA THR A 314 63.21 9.52 13.72
C THR A 314 63.20 8.62 14.95
N PHE A 315 62.92 7.33 14.76
CA PHE A 315 62.98 6.38 15.88
C PHE A 315 64.41 6.27 16.43
N GLU A 316 65.39 6.27 15.53
CA GLU A 316 66.79 6.24 15.95
C GLU A 316 67.13 7.45 16.80
N GLU A 317 66.67 8.64 16.39
CA GLU A 317 66.91 9.84 17.16
C GLU A 317 66.20 9.79 18.51
N LEU A 318 64.97 9.24 18.53
CA LEU A 318 64.18 9.25 19.75
C LEU A 318 64.83 8.43 20.86
N THR A 319 65.42 7.29 20.52
CA THR A 319 65.98 6.40 21.53
C THR A 319 67.37 6.86 21.98
N LEU A 320 67.48 8.11 22.41
CA LEU A 320 68.73 8.67 22.88
C LEU A 320 68.79 8.80 24.40
N LEU A 321 67.64 8.77 25.09
CA LEU A 321 67.62 8.98 26.53
C LEU A 321 68.35 7.89 27.30
N ARG A 322 68.46 6.69 26.74
CA ARG A 322 69.22 5.63 27.42
C ARG A 322 70.70 6.02 27.52
N ASP A 323 71.24 6.67 26.49
CA ASP A 323 72.64 7.08 26.52
C ASP A 323 72.92 8.07 27.65
N VAL A 324 72.09 9.11 27.75
CA VAL A 324 72.29 10.07 28.82
C VAL A 324 72.00 9.44 30.18
N ARG A 325 71.03 8.51 30.24
CA ARG A 325 70.76 7.81 31.48
C ARG A 325 71.99 7.06 31.97
N GLU A 326 72.62 6.27 31.09
CA GLU A 326 73.81 5.52 31.50
C GLU A 326 74.99 6.44 31.77
N VAL A 327 75.10 7.55 31.03
CA VAL A 327 76.17 8.52 31.30
C VAL A 327 76.03 9.08 32.71
N TRP A 328 74.81 9.46 33.09
CA TRP A 328 74.59 9.94 34.45
C TRP A 328 74.84 8.84 35.48
N GLU A 329 74.39 7.61 35.18
CA GLU A 329 74.58 6.51 36.12
C GLU A 329 76.05 6.19 36.34
N MET A 330 76.90 6.44 35.34
CA MET A 330 78.32 6.20 35.53
C MET A 330 79.02 7.40 36.15
N LEU A 331 78.56 8.63 35.84
CA LEU A 331 79.24 9.82 36.34
C LEU A 331 78.90 10.11 37.80
N GLY A 332 77.67 9.83 38.21
CA GLY A 332 77.19 10.17 39.54
C GLY A 332 77.99 9.59 40.68
N PRO A 333 78.29 8.29 40.64
CA PRO A 333 79.12 7.71 41.71
C PRO A 333 80.48 8.37 41.85
N ARG A 334 81.13 8.76 40.75
CA ARG A 334 82.45 9.35 40.84
C ARG A 334 82.41 10.71 41.55
N ILE A 335 81.51 11.60 41.11
CA ILE A 335 81.39 12.90 41.76
C ILE A 335 80.90 12.75 43.19
N PHE A 336 80.04 11.77 43.44
CA PHE A 336 79.58 11.51 44.81
C PHE A 336 80.73 11.09 45.72
N THR A 337 81.60 10.20 45.24
CA THR A 337 82.77 9.81 46.01
C THR A 337 83.69 11.01 46.23
N PHE A 338 83.83 11.86 45.20
CA PHE A 338 84.56 13.11 45.36
C PHE A 338 83.84 14.10 46.26
N MET A 339 82.58 13.83 46.61
CA MET A 339 81.77 14.77 47.38
C MET A 339 81.92 14.56 48.90
N ASN A 340 81.54 13.38 49.39
CA ASN A 340 81.82 13.05 50.78
C ASN A 340 83.17 12.35 50.94
N ASP A 341 83.77 12.53 52.12
CA ASP A 341 85.05 11.98 52.54
C ASP A 341 86.20 12.65 51.81
N SER A 342 85.89 13.41 50.77
CA SER A 342 86.77 14.47 50.27
C SER A 342 86.32 15.82 50.81
N SER A 343 86.12 15.89 52.13
CA SER A 343 85.56 17.09 52.74
C SER A 343 86.64 18.06 53.19
N ASN A 344 87.78 17.54 53.68
CA ASN A 344 88.85 18.42 54.12
C ASN A 344 89.37 19.28 52.97
N VAL A 345 89.59 18.66 51.80
CA VAL A 345 90.11 19.40 50.66
C VAL A 345 89.12 20.45 50.19
N ALA A 346 87.84 20.08 50.10
CA ALA A 346 86.81 21.01 49.65
C ALA A 346 86.67 22.18 50.62
N MET A 347 86.68 21.89 51.91
CA MET A 347 86.70 22.96 52.90
C MET A 347 87.93 23.83 52.72
N LEU A 348 89.06 23.24 52.34
CA LEU A 348 90.26 24.02 52.10
C LEU A 348 90.08 25.03 50.97
N GLN A 349 89.61 24.57 49.79
CA GLN A 349 89.44 25.56 48.71
C GLN A 349 88.35 26.57 49.05
N ARG A 350 87.24 26.12 49.64
CA ARG A 350 86.17 27.06 49.93
C ARG A 350 86.64 28.12 50.93
N LEU A 351 87.40 27.71 51.95
CA LEU A 351 88.01 28.69 52.84
C LEU A 351 88.99 29.59 52.12
N LEU A 352 89.69 29.06 51.12
CA LEU A 352 90.58 29.90 50.34
C LEU A 352 89.82 31.00 49.61
N GLN A 353 88.62 30.70 49.12
CA GLN A 353 87.95 31.63 48.19
C GLN A 353 87.05 32.66 48.88
N MET A 354 86.91 32.67 50.21
CA MET A 354 86.26 33.83 50.83
C MET A 354 87.21 35.02 50.91
N GLN A 355 88.42 34.82 51.45
CA GLN A 355 89.34 35.94 51.55
C GLN A 355 89.80 36.45 50.20
N ASP A 356 89.55 35.72 49.12
CA ASP A 356 89.88 36.22 47.78
C ASP A 356 89.08 37.48 47.46
N GLU A 357 87.79 37.48 47.79
CA GLU A 357 86.93 38.63 47.52
C GLU A 357 86.85 39.59 48.70
N GLY A 358 87.04 39.11 49.93
CA GLY A 358 86.87 39.97 51.09
C GLY A 358 87.88 41.10 51.17
N ARG A 359 89.15 40.81 50.92
CA ARG A 359 90.20 41.81 51.02
C ARG A 359 90.41 42.58 49.72
N ARG A 360 89.67 42.26 48.66
CA ARG A 360 89.80 42.98 47.40
C ARG A 360 88.69 44.04 47.26
N GLY A 366 82.46 41.02 48.95
CA GLY A 366 81.47 41.72 49.73
C GLY A 366 80.24 40.88 50.02
N ARG A 367 79.10 41.55 50.19
CA ARG A 367 77.85 40.83 50.45
C ARG A 367 77.42 40.00 49.25
N ASP A 368 77.83 40.40 48.04
CA ASP A 368 77.51 39.60 46.87
C ASP A 368 78.25 38.27 46.88
N HIS A 369 79.46 38.25 47.42
CA HIS A 369 80.24 37.02 47.46
C HIS A 369 79.61 35.98 48.38
N MET A 370 79.25 36.39 49.60
CA MET A 370 78.67 35.43 50.53
C MET A 370 77.29 34.98 50.07
N GLU A 371 76.55 35.85 49.40
CA GLU A 371 75.30 35.42 48.77
C GLU A 371 75.56 34.34 47.72
N ALA A 372 76.63 34.50 46.94
CA ALA A 372 77.07 33.43 46.06
C ALA A 372 77.50 32.21 46.85
N LEU A 373 78.20 32.43 47.98
CA LEU A 373 78.59 31.32 48.85
C LEU A 373 77.36 30.61 49.39
N ARG A 374 76.34 31.37 49.81
CA ARG A 374 75.09 30.74 50.24
C ARG A 374 74.41 30.02 49.09
N SER A 375 74.55 30.54 47.87
CA SER A 375 74.02 29.83 46.71
C SER A 375 74.69 28.48 46.53
N PHE A 376 76.02 28.43 46.71
CA PHE A 376 76.72 27.16 46.67
C PHE A 376 76.34 26.26 47.84
N LEU A 377 75.95 26.86 48.96
CA LEU A 377 75.62 26.14 50.19
C LEU A 377 76.81 25.28 50.65
N ASP A 378 78.00 25.86 50.64
CA ASP A 378 79.16 25.16 51.18
C ASP A 378 78.99 24.81 52.65
N PRO A 379 78.54 25.74 53.55
CA PRO A 379 78.10 25.33 54.89
C PRO A 379 76.62 25.01 54.94
N GLY A 380 76.18 24.11 54.07
CA GLY A 380 74.76 23.87 53.88
C GLY A 380 74.15 22.86 54.82
N SER A 381 73.51 23.35 55.88
CA SER A 381 72.74 22.51 56.79
C SER A 381 71.26 22.88 56.78
N GLY A 382 70.94 24.15 57.01
CA GLY A 382 69.56 24.59 56.90
C GLY A 382 69.05 24.56 55.47
N GLY A 383 69.88 24.95 54.51
CA GLY A 383 69.52 24.94 53.12
C GLY A 383 69.56 23.56 52.52
N TYR A 384 69.21 23.50 51.23
CA TYR A 384 69.17 22.22 50.51
C TYR A 384 69.54 22.47 49.05
N SER A 385 70.80 22.20 48.71
CA SER A 385 71.22 22.19 47.31
C SER A 385 71.79 20.84 46.88
N TRP A 386 72.79 20.33 47.59
CA TRP A 386 73.61 19.24 47.03
C TRP A 386 72.89 17.90 47.12
N GLN A 387 72.55 17.46 48.33
CA GLN A 387 71.94 16.15 48.50
C GLN A 387 70.62 16.06 47.74
N ASP A 388 69.77 17.08 47.90
CA ASP A 388 68.49 17.08 47.23
C ASP A 388 68.65 17.18 45.72
N ALA A 389 69.62 17.96 45.24
CA ALA A 389 69.84 18.05 43.80
C ALA A 389 70.25 16.71 43.22
N HIS A 390 71.17 16.01 43.90
CA HIS A 390 71.59 14.69 43.44
C HIS A 390 70.43 13.71 43.44
N ALA A 391 69.65 13.70 44.53
CA ALA A 391 68.52 12.77 44.63
C ALA A 391 67.48 13.06 43.56
N ASP A 392 67.17 14.34 43.32
CA ASP A 392 66.15 14.68 42.34
C ASP A 392 66.62 14.39 40.92
N VAL A 393 67.90 14.65 40.63
CA VAL A 393 68.43 14.31 39.30
C VAL A 393 68.35 12.81 39.08
N GLY A 394 68.76 12.02 40.08
CA GLY A 394 68.66 10.58 39.95
C GLY A 394 67.23 10.10 39.77
N HIS A 395 66.30 10.69 40.53
CA HIS A 395 64.89 10.30 40.41
C HIS A 395 64.33 10.64 39.04
N LEU A 396 64.65 11.82 38.51
CA LEU A 396 64.17 12.20 37.20
C LEU A 396 64.75 11.30 36.11
N VAL A 397 66.04 10.98 36.20
CA VAL A 397 66.65 10.09 35.24
C VAL A 397 66.02 8.71 35.31
N GLY A 398 65.75 8.22 36.52
CA GLY A 398 65.09 6.94 36.68
C GLY A 398 63.69 6.93 36.10
N THR A 399 62.95 8.03 36.30
CA THR A 399 61.61 8.14 35.73
C THR A 399 61.66 8.12 34.21
N LEU A 400 62.60 8.86 33.62
CA LEU A 400 62.74 8.84 32.16
C LEU A 400 63.11 7.46 31.65
N GLY A 401 64.02 6.77 32.36
CA GLY A 401 64.38 5.42 31.97
C GLY A 401 63.21 4.45 32.08
N ARG A 402 62.41 4.57 33.14
CA ARG A 402 61.23 3.73 33.27
C ARG A 402 60.24 4.00 32.15
N VAL A 403 60.08 5.26 31.77
CA VAL A 403 59.20 5.60 30.65
C VAL A 403 59.70 4.96 29.37
N THR A 404 61.01 5.05 29.12
CA THR A 404 61.59 4.53 27.89
C THR A 404 61.83 3.03 27.90
N GLU A 405 61.61 2.37 29.04
CA GLU A 405 61.85 0.93 29.12
C GLU A 405 61.04 0.15 28.09
N CYS A 406 59.78 0.53 27.89
CA CYS A 406 58.89 -0.20 26.98
C CYS A 406 58.80 0.46 25.61
N LEU A 407 59.88 1.06 25.14
CA LEU A 407 59.93 1.52 23.76
C LEU A 407 59.98 0.32 22.82
N SER A 408 59.32 0.46 21.67
CA SER A 408 59.29 -0.64 20.70
C SER A 408 60.68 -0.96 20.18
N LEU A 409 61.59 0.01 20.21
CA LEU A 409 62.98 -0.18 19.80
C LEU A 409 63.09 -0.57 18.33
N ASP A 410 62.63 -1.77 17.98
CA ASP A 410 62.68 -2.28 16.62
C ASP A 410 61.27 -2.73 16.21
N LYS A 411 60.50 -1.79 15.67
CA LYS A 411 59.15 -2.08 15.19
C LYS A 411 59.07 -2.13 13.67
N LEU A 412 60.22 -2.23 12.99
CA LEU A 412 60.28 -2.30 11.55
C LEU A 412 60.79 -3.67 11.13
N GLU A 413 60.02 -4.36 10.29
CA GLU A 413 60.39 -5.67 9.79
C GLU A 413 60.25 -5.68 8.27
N ALA A 414 60.46 -6.85 7.67
CA ALA A 414 60.37 -7.00 6.23
C ALA A 414 59.71 -8.32 5.89
N ALA A 415 59.06 -8.36 4.73
CA ALA A 415 58.45 -9.57 4.19
C ALA A 415 58.80 -9.70 2.72
N PRO A 416 58.95 -10.93 2.23
CA PRO A 416 59.38 -11.11 0.82
C PRO A 416 58.26 -10.94 -0.20
N SER A 417 57.05 -11.36 0.15
CA SER A 417 55.95 -11.41 -0.81
C SER A 417 54.70 -10.76 -0.22
N GLU A 418 53.84 -10.29 -1.13
CA GLU A 418 52.61 -9.62 -0.71
C GLU A 418 51.67 -10.58 0.02
N ALA A 419 51.51 -11.81 -0.50
CA ALA A 419 50.69 -12.80 0.18
C ALA A 419 51.29 -13.17 1.52
N ALA A 420 52.61 -13.38 1.56
CA ALA A 420 53.28 -13.60 2.84
C ALA A 420 53.13 -12.39 3.74
N LEU A 421 53.15 -11.19 3.17
CA LEU A 421 52.93 -9.98 3.95
C LEU A 421 51.57 -9.99 4.61
N VAL A 422 50.53 -10.35 3.86
CA VAL A 422 49.17 -10.41 4.41
C VAL A 422 49.07 -11.47 5.49
N SER A 423 49.66 -12.64 5.25
CA SER A 423 49.61 -13.71 6.24
C SER A 423 50.30 -13.30 7.54
N ARG A 424 51.49 -12.71 7.42
CA ARG A 424 52.22 -12.26 8.61
C ARG A 424 51.45 -11.15 9.33
N ALA A 425 50.82 -10.25 8.57
CA ALA A 425 50.03 -9.19 9.18
C ALA A 425 48.86 -9.75 9.97
N LEU A 426 48.17 -10.75 9.41
CA LEU A 426 47.07 -11.38 10.13
C LEU A 426 47.58 -12.08 11.38
N GLN A 427 48.71 -12.79 11.27
CA GLN A 427 49.28 -13.45 12.43
C GLN A 427 49.62 -12.45 13.53
N LEU A 428 50.18 -11.29 13.16
CA LEU A 428 50.45 -10.24 14.14
C LEU A 428 49.14 -9.70 14.73
N LEU A 429 48.12 -9.53 13.89
CA LEU A 429 46.82 -9.09 14.37
C LEU A 429 46.24 -10.07 15.40
N ALA A 430 46.64 -11.34 15.34
CA ALA A 430 46.16 -12.30 16.31
C ALA A 430 46.53 -11.91 17.74
N GLU A 431 47.66 -11.21 17.93
CA GLU A 431 48.09 -10.79 19.26
C GLU A 431 48.03 -9.28 19.44
N HIS A 432 47.29 -8.56 18.59
CA HIS A 432 47.18 -7.10 18.67
C HIS A 432 48.55 -6.43 18.58
N ARG A 433 49.32 -6.81 17.55
CA ARG A 433 50.65 -6.26 17.33
C ARG A 433 50.78 -5.49 16.02
N PHE A 434 49.90 -5.72 15.05
CA PHE A 434 50.03 -5.08 13.74
C PHE A 434 49.61 -3.61 13.81
N TRP A 435 50.33 -2.77 13.09
CA TRP A 435 50.02 -1.35 12.99
C TRP A 435 49.62 -0.95 11.58
N ALA A 436 50.48 -1.20 10.59
CA ALA A 436 50.20 -0.85 9.20
C ALA A 436 51.25 -1.49 8.32
N GLY A 437 50.84 -1.89 7.12
CA GLY A 437 51.72 -2.47 6.13
C GLY A 437 51.88 -1.52 4.95
N VAL A 438 53.08 -1.47 4.40
CA VAL A 438 53.40 -0.59 3.28
C VAL A 438 53.84 -1.43 2.09
N VAL A 439 53.40 -1.05 0.90
CA VAL A 439 53.77 -1.72 -0.33
C VAL A 439 54.38 -0.68 -1.26
N PHE A 440 55.64 -0.91 -1.65
CA PHE A 440 56.35 -0.02 -2.57
C PHE A 440 56.19 -0.51 -4.01
N LEU A 441 54.93 -0.56 -4.45
CA LEU A 441 54.63 -1.00 -5.81
C LEU A 441 55.36 -0.11 -6.81
N GLY A 442 56.18 -0.72 -7.66
CA GLY A 442 56.96 0.00 -8.62
C GLY A 442 56.26 0.18 -9.94
N PRO A 443 56.57 1.28 -10.64
CA PRO A 443 55.97 1.48 -11.98
C PRO A 443 56.31 0.38 -12.97
N GLU A 444 57.51 -0.20 -12.86
CA GLU A 444 57.89 -1.27 -13.76
C GLU A 444 57.16 -2.59 -13.47
N ASP A 445 56.57 -2.71 -12.27
CA ASP A 445 55.90 -3.96 -11.92
C ASP A 445 54.60 -4.15 -12.72
N SER A 446 53.91 -3.05 -13.04
CA SER A 446 52.69 -3.08 -13.85
C SER A 446 51.59 -3.92 -13.20
N SER A 447 51.59 -4.01 -11.88
CA SER A 447 50.56 -4.74 -11.14
C SER A 447 49.52 -3.75 -10.59
N ASP A 448 48.65 -3.31 -11.49
CA ASP A 448 47.66 -2.27 -11.18
C ASP A 448 46.27 -2.73 -11.59
N PRO A 449 45.42 -3.12 -10.65
CA PRO A 449 44.04 -3.48 -11.00
C PRO A 449 43.23 -2.23 -11.33
N THR A 450 42.66 -2.22 -12.54
CA THR A 450 41.84 -1.10 -13.03
C THR A 450 42.61 0.22 -12.96
N GLU A 451 43.89 0.18 -13.34
CA GLU A 451 44.72 1.37 -13.34
C GLU A 451 45.83 1.19 -14.38
N HIS A 452 46.36 2.31 -14.84
CA HIS A 452 47.42 2.28 -15.85
C HIS A 452 48.68 1.66 -15.25
N PRO A 453 49.35 0.75 -15.96
CA PRO A 453 50.56 0.12 -15.39
C PRO A 453 51.64 1.11 -14.99
N THR A 454 51.83 2.17 -15.78
CA THR A 454 52.85 3.17 -15.50
C THR A 454 52.46 4.47 -16.19
N PRO A 455 52.78 5.62 -15.61
CA PRO A 455 52.45 6.88 -16.29
C PRO A 455 53.26 7.11 -17.54
N ASP A 456 54.57 6.88 -17.49
CA ASP A 456 55.42 7.06 -18.66
C ASP A 456 56.70 6.24 -18.45
N LEU A 457 57.36 5.94 -19.57
CA LEU A 457 58.62 5.19 -19.51
C LEU A 457 59.69 6.01 -18.81
N GLY A 458 60.57 5.32 -18.11
CA GLY A 458 61.64 5.97 -17.39
C GLY A 458 61.40 6.00 -15.89
N PRO A 459 62.47 6.13 -15.11
CA PRO A 459 62.36 6.14 -13.65
C PRO A 459 61.84 7.49 -13.16
N GLY A 460 61.75 7.60 -11.84
CA GLY A 460 61.29 8.82 -11.19
C GLY A 460 59.85 8.80 -10.73
N HIS A 461 59.16 7.68 -10.86
CA HIS A 461 57.77 7.55 -10.43
C HIS A 461 57.69 6.51 -9.33
N VAL A 462 57.01 6.86 -8.24
CA VAL A 462 56.86 5.99 -7.08
C VAL A 462 55.38 5.90 -6.72
N ARG A 463 54.92 4.70 -6.41
CA ARG A 463 53.55 4.46 -6.01
C ARG A 463 53.54 3.62 -4.74
N ILE A 464 52.73 4.02 -3.77
CA ILE A 464 52.76 3.44 -2.43
C ILE A 464 51.35 3.01 -2.05
N LYS A 465 51.24 1.81 -1.48
CA LYS A 465 49.99 1.30 -0.91
C LYS A 465 50.13 1.18 0.60
N ILE A 466 49.06 1.54 1.32
CA ILE A 466 49.02 1.40 2.77
C ILE A 466 47.85 0.51 3.13
N ARG A 467 48.13 -0.56 3.87
CA ARG A 467 47.13 -1.53 4.30
C ARG A 467 47.01 -1.48 5.81
N MET A 468 45.76 -1.38 6.29
CA MET A 468 45.48 -1.37 7.72
C MET A 468 44.20 -2.12 7.99
N ASP A 469 43.92 -2.35 9.27
CA ASP A 469 42.69 -3.02 9.66
C ASP A 469 41.49 -2.17 9.29
N ILE A 470 40.42 -2.83 8.84
CA ILE A 470 39.21 -2.12 8.45
C ILE A 470 38.51 -1.48 9.63
N ASP A 471 38.84 -1.89 10.86
CA ASP A 471 38.24 -1.30 12.05
C ASP A 471 38.84 0.04 12.41
N VAL A 472 39.80 0.54 11.63
CA VAL A 472 40.47 1.80 11.94
C VAL A 472 40.28 2.78 10.80
N VAL A 473 40.73 2.40 9.60
CA VAL A 473 40.64 3.29 8.45
C VAL A 473 39.19 3.46 8.02
N THR A 474 38.86 4.65 7.54
CA THR A 474 37.51 4.92 7.03
C THR A 474 37.21 4.03 5.83
N ARG A 475 35.92 3.77 5.62
CA ARG A 475 35.50 2.94 4.50
C ARG A 475 35.90 3.60 3.19
N THR A 476 36.02 2.76 2.15
CA THR A 476 36.58 3.16 0.87
C THR A 476 35.67 2.71 -0.26
N ASN A 477 34.37 2.98 -0.12
CA ASN A 477 33.39 2.66 -1.15
C ASN A 477 32.66 3.89 -1.68
N LYS A 478 32.40 4.89 -0.83
CA LYS A 478 31.76 6.12 -1.25
C LYS A 478 32.52 7.30 -0.66
N ILE A 479 32.42 8.44 -1.33
CA ILE A 479 33.17 9.63 -0.92
C ILE A 479 32.31 10.51 -0.01
N ARG A 480 31.18 10.99 -0.53
CA ARG A 480 30.33 11.88 0.24
C ARG A 480 29.23 11.10 0.94
N ASP A 481 28.74 11.67 2.04
CA ASP A 481 27.63 11.07 2.76
C ASP A 481 26.35 11.14 1.93
N ARG A 482 25.50 10.14 2.08
CA ARG A 482 24.27 10.06 1.29
C ARG A 482 23.15 10.92 1.84
N PHE A 483 23.29 11.46 3.05
CA PHE A 483 22.26 12.32 3.64
C PHE A 483 22.95 13.48 4.33
N TRP A 484 22.78 14.68 3.77
CA TRP A 484 23.43 15.87 4.32
C TRP A 484 22.93 16.16 5.73
N ASP A 485 23.86 16.58 6.58
CA ASP A 485 23.56 16.98 7.94
C ASP A 485 24.13 18.36 8.21
N PRO A 486 23.44 19.19 8.98
CA PRO A 486 23.92 20.56 9.24
C PRO A 486 24.90 20.62 10.40
N GLY A 487 26.03 19.92 10.24
CA GLY A 487 27.03 19.88 11.28
C GLY A 487 28.44 19.93 10.72
N PRO A 488 29.40 20.32 11.57
CA PRO A 488 30.81 20.36 11.13
C PRO A 488 31.48 19.00 11.06
N ALA A 489 30.81 17.95 11.54
CA ALA A 489 31.36 16.59 11.53
C ALA A 489 32.68 16.53 12.30
N ALA A 490 32.60 16.83 13.60
CA ALA A 490 33.75 16.83 14.49
C ALA A 490 33.44 15.93 15.69
N ASP A 491 33.70 14.64 15.54
CA ASP A 491 33.55 13.68 16.62
C ASP A 491 34.68 12.65 16.54
N PRO A 492 35.68 12.74 17.42
CA PRO A 492 36.89 11.92 17.23
C PRO A 492 36.62 10.42 17.20
N LEU A 493 35.64 9.95 17.94
CA LEU A 493 35.34 8.51 17.94
C LEU A 493 34.81 8.05 16.59
N THR A 494 33.92 8.83 15.97
CA THR A 494 33.18 8.36 14.80
C THR A 494 33.84 8.77 13.48
N ASP A 495 33.98 10.07 13.23
CA ASP A 495 34.38 10.55 11.91
C ASP A 495 35.88 10.77 11.77
N LEU A 496 36.51 11.37 12.77
CA LEU A 496 37.96 11.61 12.72
C LEU A 496 38.68 10.29 13.00
N ARG A 497 38.85 9.51 11.95
CA ARG A 497 39.52 8.21 12.05
C ARG A 497 40.97 8.23 11.61
N TYR A 498 41.33 9.14 10.70
CA TYR A 498 42.69 9.20 10.20
C TYR A 498 43.69 9.71 11.22
N VAL A 499 43.23 10.25 12.34
CA VAL A 499 44.13 10.88 13.31
C VAL A 499 44.57 9.90 14.39
N TRP A 500 43.61 9.28 15.09
CA TRP A 500 43.98 8.29 16.10
C TRP A 500 44.31 6.93 15.50
N GLY A 501 44.06 6.74 14.21
CA GLY A 501 44.56 5.56 13.53
C GLY A 501 45.98 5.65 13.04
N GLY A 502 46.54 6.86 13.02
CA GLY A 502 47.93 7.05 12.62
C GLY A 502 48.19 7.01 11.13
N PHE A 503 47.15 6.98 10.30
CA PHE A 503 47.36 6.91 8.85
C PHE A 503 48.14 8.12 8.35
N VAL A 504 47.74 9.33 8.79
CA VAL A 504 48.37 10.54 8.32
C VAL A 504 49.83 10.60 8.76
N TYR A 505 50.13 10.09 9.96
CA TYR A 505 51.51 10.10 10.45
C TYR A 505 52.42 9.27 9.53
N LEU A 506 52.00 8.04 9.24
CA LEU A 506 52.79 7.20 8.34
C LEU A 506 52.87 7.80 6.95
N GLN A 507 51.77 8.38 6.46
CA GLN A 507 51.81 9.00 5.13
C GLN A 507 52.83 10.13 5.09
N ASP A 508 52.83 10.99 6.12
CA ASP A 508 53.78 12.09 6.15
C ASP A 508 55.21 11.59 6.25
N LEU A 509 55.46 10.59 7.09
CA LEU A 509 56.81 10.07 7.25
C LEU A 509 57.32 9.46 5.94
N VAL A 510 56.47 8.66 5.28
CA VAL A 510 56.88 8.02 4.04
C VAL A 510 57.10 9.07 2.95
N GLU A 511 56.24 10.09 2.89
CA GLU A 511 56.43 11.14 1.90
C GLU A 511 57.73 11.90 2.14
N ARG A 512 58.05 12.20 3.40
CA ARG A 512 59.30 12.88 3.70
C ARG A 512 60.50 12.02 3.30
N ALA A 513 60.44 10.72 3.60
CA ALA A 513 61.54 9.83 3.21
C ALA A 513 61.68 9.80 1.69
N ALA A 514 60.56 9.70 0.98
CA ALA A 514 60.61 9.62 -0.48
C ALA A 514 61.15 10.89 -1.10
N VAL A 515 60.71 12.05 -0.61
CA VAL A 515 61.23 13.30 -1.17
C VAL A 515 62.70 13.47 -0.83
N ARG A 516 63.12 13.02 0.36
CA ARG A 516 64.53 13.09 0.71
C ARG A 516 65.37 12.24 -0.23
N VAL A 517 64.94 11.00 -0.48
CA VAL A 517 65.75 10.11 -1.31
C VAL A 517 65.74 10.55 -2.77
N LEU A 518 64.59 11.01 -3.26
CA LEU A 518 64.51 11.38 -4.68
C LEU A 518 65.21 12.70 -4.96
N SER A 519 65.02 13.70 -4.09
CA SER A 519 65.60 15.02 -4.32
C SER A 519 67.10 15.00 -4.13
N GLY A 520 67.58 14.25 -3.14
CA GLY A 520 68.99 14.27 -2.78
C GLY A 520 69.38 15.36 -1.81
N ALA A 521 68.43 16.16 -1.35
CA ALA A 521 68.67 17.22 -0.37
C ALA A 521 67.87 16.91 0.89
N ASN A 522 67.85 17.88 1.82
CA ASN A 522 67.15 17.74 3.10
C ASN A 522 66.22 18.93 3.28
N PRO A 523 65.07 18.92 2.62
CA PRO A 523 64.11 20.02 2.78
C PRO A 523 63.51 20.04 4.18
N ARG A 524 63.10 21.24 4.59
CA ARG A 524 62.44 21.45 5.87
C ARG A 524 61.12 22.16 5.63
N ALA A 525 60.02 21.59 6.12
CA ALA A 525 58.71 22.23 6.00
C ALA A 525 57.81 21.64 7.07
N GLY A 526 57.50 22.43 8.10
CA GLY A 526 56.62 21.97 9.15
C GLY A 526 55.17 22.02 8.75
N LEU A 527 54.54 20.85 8.59
CA LEU A 527 53.16 20.76 8.15
C LEU A 527 52.22 20.79 9.35
N TYR A 528 51.20 21.64 9.30
CA TYR A 528 50.19 21.73 10.34
C TYR A 528 48.82 21.55 9.72
N LEU A 529 47.90 20.99 10.51
CA LEU A 529 46.54 20.71 10.05
C LEU A 529 45.56 21.58 10.81
N GLN A 530 44.67 22.25 10.09
CA GLN A 530 43.69 23.14 10.70
C GLN A 530 42.32 22.88 10.07
N GLN A 531 41.32 22.72 10.92
CA GLN A 531 39.95 22.48 10.48
C GLN A 531 39.19 23.80 10.38
N MET A 532 38.52 24.01 9.25
CA MET A 532 37.82 25.26 9.03
C MET A 532 36.69 25.43 10.05
N PRO A 533 36.43 26.65 10.48
CA PRO A 533 35.35 26.88 11.44
C PRO A 533 33.98 26.74 10.79
N TYR A 534 32.96 26.62 11.64
CA TYR A 534 31.60 26.43 11.18
C TYR A 534 30.67 27.41 11.88
N PRO A 535 29.70 27.97 11.16
CA PRO A 535 28.82 28.97 11.77
C PRO A 535 27.84 28.35 12.76
N CYS A 536 27.30 29.21 13.61
CA CYS A 536 26.23 28.80 14.52
C CYS A 536 25.04 28.27 13.73
N TYR A 537 24.47 27.17 14.20
CA TYR A 537 23.44 26.48 13.44
C TYR A 537 22.40 25.88 14.38
N VAL A 538 21.37 25.31 13.75
CA VAL A 538 20.30 24.61 14.45
C VAL A 538 20.10 23.26 13.78
N ASP A 539 20.12 22.20 14.58
CA ASP A 539 19.95 20.85 14.09
C ASP A 539 18.53 20.37 14.39
N ASP A 540 17.81 19.94 13.35
CA ASP A 540 16.44 19.46 13.50
C ASP A 540 16.20 18.43 12.41
N VAL A 541 16.05 17.16 12.81
CA VAL A 541 15.83 16.09 11.84
C VAL A 541 14.38 15.99 11.40
N PHE A 542 13.46 16.66 12.11
CA PHE A 542 12.04 16.46 11.86
C PHE A 542 11.58 17.09 10.56
N LEU A 543 12.23 18.17 10.11
CA LEU A 543 11.72 18.92 8.96
C LEU A 543 11.80 18.11 7.67
N ARG A 544 12.94 17.45 7.43
CA ARG A 544 13.12 16.71 6.19
C ARG A 544 12.14 15.53 6.11
N VAL A 545 12.02 14.76 7.20
CA VAL A 545 11.09 13.64 7.19
C VAL A 545 9.65 14.13 7.13
N LEU A 546 9.37 15.30 7.70
CA LEU A 546 8.05 15.89 7.57
C LEU A 546 7.73 16.17 6.10
N SER A 547 8.66 16.82 5.40
CA SER A 547 8.48 17.12 3.99
C SER A 547 8.34 15.84 3.16
N ARG A 548 9.01 14.77 3.58
CA ARG A 548 8.95 13.51 2.85
C ARG A 548 7.76 12.64 3.23
N SER A 549 7.06 12.93 4.33
CA SER A 549 6.06 12.01 4.85
C SER A 549 4.66 12.58 5.03
N LEU A 550 4.47 13.90 5.01
CA LEU A 550 3.13 14.46 5.23
C LEU A 550 2.09 13.96 4.23
N PRO A 551 2.34 13.92 2.92
CA PRO A 551 1.31 13.42 2.00
C PRO A 551 0.88 12.00 2.29
N LEU A 552 1.78 11.15 2.78
CA LEU A 552 1.40 9.79 3.15
C LEU A 552 0.33 9.81 4.22
N PHE A 553 0.54 10.59 5.28
CA PHE A 553 -0.43 10.67 6.35
C PHE A 553 -1.76 11.22 5.84
N LEU A 554 -1.71 12.25 4.99
CA LEU A 554 -2.97 12.79 4.47
C LEU A 554 -3.72 11.76 3.62
N THR A 555 -3.00 11.01 2.78
CA THR A 555 -3.67 10.03 1.92
C THR A 555 -4.28 8.90 2.75
N LEU A 556 -3.55 8.37 3.72
CA LEU A 556 -4.15 7.37 4.60
C LEU A 556 -5.27 7.95 5.46
N ALA A 557 -5.29 9.26 5.65
CA ALA A 557 -6.41 9.86 6.38
C ALA A 557 -7.67 9.95 5.53
N TRP A 558 -7.53 10.26 4.24
CA TRP A 558 -8.68 10.51 3.39
C TRP A 558 -9.09 9.33 2.52
N ILE A 559 -8.36 8.22 2.59
CA ILE A 559 -8.74 7.01 1.83
C ILE A 559 -10.14 6.55 2.22
N TYR A 560 -10.49 6.61 3.50
CA TYR A 560 -11.78 6.12 3.96
C TYR A 560 -12.91 6.95 3.37
N SER A 561 -12.76 8.28 3.39
CA SER A 561 -13.80 9.15 2.83
C SER A 561 -13.92 8.94 1.33
N VAL A 562 -12.80 8.77 0.63
CA VAL A 562 -12.87 8.53 -0.81
C VAL A 562 -13.65 7.25 -1.10
N THR A 563 -13.33 6.19 -0.35
CA THR A 563 -14.02 4.91 -0.55
C THR A 563 -15.51 5.04 -0.27
N LEU A 564 -15.87 5.73 0.82
CA LEU A 564 -17.29 5.89 1.15
C LEU A 564 -18.03 6.65 0.06
N THR A 565 -17.44 7.74 -0.44
CA THR A 565 -18.09 8.53 -1.47
C THR A 565 -18.30 7.72 -2.75
N VAL A 566 -17.25 7.02 -3.21
CA VAL A 566 -17.38 6.29 -4.46
C VAL A 566 -18.38 5.13 -4.29
N LYS A 567 -18.38 4.48 -3.13
CA LYS A 567 -19.35 3.41 -2.89
C LYS A 567 -20.77 3.94 -2.91
N ALA A 568 -21.01 5.09 -2.27
CA ALA A 568 -22.36 5.65 -2.26
C ALA A 568 -22.81 6.01 -3.67
N VAL A 569 -21.94 6.63 -4.46
CA VAL A 569 -22.32 7.02 -5.82
C VAL A 569 -22.63 5.80 -6.66
N VAL A 570 -21.78 4.78 -6.58
CA VAL A 570 -22.00 3.57 -7.39
C VAL A 570 -23.27 2.85 -6.95
N ARG A 571 -23.51 2.77 -5.64
CA ARG A 571 -24.72 2.13 -5.14
C ARG A 571 -25.97 2.86 -5.62
N GLU A 572 -25.95 4.19 -5.60
CA GLU A 572 -27.09 4.94 -6.11
C GLU A 572 -27.30 4.69 -7.60
N LYS A 573 -26.22 4.69 -8.38
CA LYS A 573 -26.37 4.50 -9.82
C LYS A 573 -26.70 3.07 -10.21
N GLU A 574 -26.50 2.10 -9.32
CA GLU A 574 -26.74 0.70 -9.69
C GLU A 574 -28.23 0.39 -9.79
N THR A 575 -29.05 0.97 -8.91
CA THR A 575 -30.46 0.62 -8.82
C THR A 575 -31.34 1.46 -9.76
N ARG A 576 -30.74 2.18 -10.69
CA ARG A 576 -31.42 2.94 -11.73
C ARG A 576 -32.28 4.08 -11.19
N LEU A 577 -32.17 4.40 -9.91
CA LEU A 577 -32.93 5.53 -9.36
C LEU A 577 -32.51 6.84 -10.00
N ARG A 578 -31.23 6.98 -10.33
CA ARG A 578 -30.77 8.17 -11.05
C ARG A 578 -31.45 8.29 -12.41
N ASP A 579 -31.64 7.15 -13.10
CA ASP A 579 -32.36 7.17 -14.37
C ASP A 579 -33.78 7.63 -14.19
N THR A 580 -34.46 7.16 -13.14
CA THR A 580 -35.83 7.60 -12.88
C THR A 580 -35.89 9.09 -12.60
N MET A 581 -34.95 9.60 -11.79
CA MET A 581 -34.91 11.02 -11.50
C MET A 581 -34.68 11.84 -12.76
N ARG A 582 -33.75 11.40 -13.61
CA ARG A 582 -33.48 12.13 -14.84
C ARG A 582 -34.68 12.12 -15.79
N ALA A 583 -35.32 10.97 -15.94
CA ALA A 583 -36.45 10.87 -16.87
C ALA A 583 -37.71 11.50 -16.33
N MET A 584 -37.80 11.71 -15.02
CA MET A 584 -39.02 12.21 -14.40
C MET A 584 -39.04 13.73 -14.31
N GLY A 585 -37.95 14.41 -14.69
CA GLY A 585 -37.96 15.85 -14.71
C GLY A 585 -36.65 16.55 -14.36
N LEU A 586 -35.65 15.80 -13.94
CA LEU A 586 -34.39 16.39 -13.52
C LEU A 586 -33.39 16.45 -14.67
N SER A 587 -32.28 17.14 -14.43
CA SER A 587 -31.20 17.29 -15.39
C SER A 587 -29.88 16.84 -14.77
N ARG A 588 -28.92 16.54 -15.65
CA ARG A 588 -27.64 16.01 -15.19
C ARG A 588 -26.89 17.02 -14.33
N ALA A 589 -26.92 18.30 -14.73
CA ALA A 589 -26.16 19.31 -14.00
C ALA A 589 -26.63 19.43 -12.56
N VAL A 590 -27.94 19.38 -12.33
CA VAL A 590 -28.45 19.49 -10.97
C VAL A 590 -27.95 18.33 -10.12
N LEU A 591 -27.99 17.11 -10.67
CA LEU A 591 -27.50 15.95 -9.93
C LEU A 591 -26.02 16.08 -9.61
N TRP A 592 -25.22 16.50 -10.59
CA TRP A 592 -23.78 16.61 -10.37
C TRP A 592 -23.45 17.67 -9.33
N LEU A 593 -24.12 18.82 -9.39
CA LEU A 593 -23.89 19.85 -8.38
C LEU A 593 -24.34 19.40 -7.00
N GLY A 594 -25.47 18.68 -6.93
CA GLY A 594 -25.92 18.15 -5.65
C GLY A 594 -24.91 17.19 -5.05
N TRP A 595 -24.38 16.27 -5.87
CA TRP A 595 -23.35 15.35 -5.39
C TRP A 595 -22.10 16.11 -4.94
N PHE A 596 -21.69 17.11 -5.72
CA PHE A 596 -20.49 17.88 -5.39
C PHE A 596 -20.63 18.57 -4.05
N LEU A 597 -21.73 19.31 -3.86
CA LEU A 597 -21.92 20.05 -2.61
C LEU A 597 -22.27 19.14 -1.45
N SER A 598 -22.75 17.92 -1.72
CA SER A 598 -22.96 16.96 -0.64
C SER A 598 -21.64 16.34 -0.18
N CYS A 599 -20.72 16.08 -1.10
CA CYS A 599 -19.47 15.43 -0.76
C CYS A 599 -18.34 16.41 -0.45
N LEU A 600 -18.57 17.71 -0.59
CA LEU A 600 -17.54 18.69 -0.27
C LEU A 600 -17.58 19.14 1.19
N GLY A 601 -18.48 18.62 2.01
CA GLY A 601 -18.59 19.04 3.39
C GLY A 601 -17.55 18.44 4.31
N PRO A 602 -17.61 17.11 4.48
CA PRO A 602 -16.69 16.45 5.42
C PRO A 602 -15.22 16.68 5.09
N PHE A 603 -14.87 16.77 3.80
CA PHE A 603 -13.49 17.03 3.44
C PHE A 603 -13.02 18.39 3.98
N LEU A 604 -13.85 19.42 3.82
CA LEU A 604 -13.49 20.73 4.35
C LEU A 604 -13.46 20.74 5.88
N LEU A 605 -14.39 20.03 6.52
CA LEU A 605 -14.36 19.95 7.97
C LEU A 605 -13.07 19.29 8.46
N SER A 606 -12.70 18.18 7.83
CA SER A 606 -11.46 17.50 8.18
C SER A 606 -10.25 18.38 7.93
N ALA A 607 -10.25 19.12 6.81
CA ALA A 607 -9.13 20.00 6.51
C ALA A 607 -9.00 21.10 7.56
N ALA A 608 -10.12 21.68 7.98
CA ALA A 608 -10.08 22.71 9.01
C ALA A 608 -9.53 22.15 10.33
N LEU A 609 -10.01 20.96 10.72
CA LEU A 609 -9.52 20.36 11.95
C LEU A 609 -8.03 20.04 11.86
N LEU A 610 -7.58 19.55 10.71
CA LEU A 610 -6.16 19.23 10.53
C LEU A 610 -5.30 20.47 10.58
N VAL A 611 -5.77 21.56 9.96
CA VAL A 611 -5.01 22.83 10.03
C VAL A 611 -4.93 23.31 11.47
N LEU A 612 -6.04 23.22 12.21
CA LEU A 612 -6.03 23.66 13.60
C LEU A 612 -5.05 22.84 14.43
N VAL A 613 -5.07 21.51 14.27
CA VAL A 613 -4.18 20.66 15.06
C VAL A 613 -2.73 20.83 14.64
N LEU A 614 -2.48 21.14 13.35
CA LEU A 614 -1.12 21.39 12.91
C LEU A 614 -0.57 22.67 13.50
N LYS A 615 -1.37 23.75 13.46
CA LYS A 615 -0.91 25.02 14.00
C LYS A 615 -0.74 24.95 15.52
N LEU A 616 -1.70 24.33 16.21
CA LEU A 616 -1.62 24.27 17.67
C LEU A 616 -0.68 23.17 18.16
N GLY A 617 -0.31 22.23 17.30
CA GLY A 617 0.59 21.15 17.66
C GLY A 617 2.05 21.45 17.46
N ASP A 618 2.41 22.69 17.12
CA ASP A 618 3.78 23.13 16.87
C ASP A 618 4.43 22.38 15.72
N ILE A 619 3.67 21.65 14.92
CA ILE A 619 4.24 20.97 13.76
C ILE A 619 4.74 21.98 12.74
N LEU A 620 3.94 23.00 12.45
CA LEU A 620 4.30 24.04 11.48
C LEU A 620 4.14 25.40 12.16
N PRO A 621 5.08 25.77 13.02
CA PRO A 621 4.98 27.08 13.70
C PRO A 621 5.36 28.21 12.77
N TYR A 622 5.04 29.43 13.21
CA TYR A 622 5.38 30.67 12.51
C TYR A 622 4.77 30.73 11.11
N SER A 623 3.63 30.06 10.92
CA SER A 623 2.95 30.04 9.63
C SER A 623 1.50 30.45 9.81
N HIS A 624 1.02 31.30 8.90
CA HIS A 624 -0.35 31.77 8.98
C HIS A 624 -1.31 30.67 8.54
N PRO A 625 -2.31 30.32 9.36
CA PRO A 625 -3.17 29.18 9.02
C PRO A 625 -3.96 29.35 7.73
N GLY A 626 -4.20 30.59 7.29
CA GLY A 626 -5.08 30.79 6.14
C GLY A 626 -4.54 30.16 4.86
N VAL A 627 -3.24 30.31 4.61
CA VAL A 627 -2.65 29.78 3.38
C VAL A 627 -2.71 28.26 3.38
N VAL A 628 -2.38 27.64 4.52
CA VAL A 628 -2.45 26.18 4.62
C VAL A 628 -3.88 25.70 4.44
N PHE A 629 -4.84 26.42 5.01
CA PHE A 629 -6.24 26.03 4.85
C PHE A 629 -6.68 26.12 3.40
N LEU A 630 -6.27 27.18 2.70
CA LEU A 630 -6.60 27.30 1.28
C LEU A 630 -5.97 26.17 0.47
N PHE A 631 -4.72 25.83 0.77
CA PHE A 631 -4.05 24.74 0.07
C PHE A 631 -4.79 23.43 0.29
N LEU A 632 -5.17 23.14 1.53
CA LEU A 632 -5.89 21.90 1.82
C LEU A 632 -7.26 21.88 1.17
N ALA A 633 -7.95 23.03 1.11
CA ALA A 633 -9.23 23.09 0.44
C ALA A 633 -9.10 22.81 -1.05
N ALA A 634 -8.07 23.38 -1.68
CA ALA A 634 -7.83 23.08 -3.10
C ALA A 634 -7.57 21.60 -3.31
N PHE A 635 -6.76 21.00 -2.43
CA PHE A 635 -6.50 19.57 -2.55
C PHE A 635 -7.77 18.75 -2.36
N ALA A 636 -8.63 19.17 -1.44
CA ALA A 636 -9.89 18.46 -1.21
C ALA A 636 -10.80 18.53 -2.44
N VAL A 637 -10.87 19.70 -3.07
CA VAL A 637 -11.66 19.82 -4.29
C VAL A 637 -11.11 18.91 -5.38
N ALA A 638 -9.78 18.90 -5.53
CA ALA A 638 -9.17 18.03 -6.53
C ALA A 638 -9.47 16.57 -6.25
N THR A 639 -9.38 16.15 -4.99
CA THR A 639 -9.58 14.74 -4.69
C THR A 639 -11.05 14.34 -4.81
N VAL A 640 -11.99 15.24 -4.52
CA VAL A 640 -13.40 14.88 -4.66
C VAL A 640 -13.78 14.77 -6.14
N THR A 641 -13.28 15.68 -6.98
CA THR A 641 -13.56 15.52 -8.41
C THR A 641 -12.84 14.31 -8.99
N GLN A 642 -11.67 13.97 -8.45
CA GLN A 642 -11.00 12.74 -8.88
C GLN A 642 -11.79 11.51 -8.48
N SER A 643 -12.39 11.52 -7.30
CA SER A 643 -13.26 10.42 -6.88
C SER A 643 -14.47 10.30 -7.79
N PHE A 644 -15.07 11.43 -8.17
CA PHE A 644 -16.18 11.39 -9.12
C PHE A 644 -15.73 10.81 -10.46
N LEU A 645 -14.53 11.18 -10.92
CA LEU A 645 -14.01 10.59 -12.15
C LEU A 645 -13.81 9.08 -12.02
N LEU A 646 -13.27 8.64 -10.88
CA LEU A 646 -13.02 7.22 -10.68
C LEU A 646 -14.31 6.43 -10.62
N SER A 647 -15.38 7.04 -10.11
CA SER A 647 -16.66 6.33 -9.99
C SER A 647 -17.35 6.09 -11.34
N ALA A 648 -16.74 6.37 -12.49
CA ALA A 648 -17.39 6.20 -13.78
C ALA A 648 -16.96 4.92 -14.50
N PHE A 649 -16.22 4.03 -13.82
CA PHE A 649 -15.76 2.79 -14.43
C PHE A 649 -16.60 1.59 -14.01
N PHE A 650 -16.73 1.37 -12.70
CA PHE A 650 -17.37 0.17 -12.19
C PHE A 650 -18.89 0.26 -12.30
N SER A 651 -19.54 -0.89 -12.13
CA SER A 651 -20.99 -0.98 -12.12
C SER A 651 -21.53 -1.83 -10.97
N ARG A 652 -20.66 -2.30 -10.07
CA ARG A 652 -21.07 -3.10 -8.92
C ARG A 652 -20.73 -2.34 -7.65
N ALA A 653 -21.57 -2.52 -6.62
CA ALA A 653 -21.43 -1.70 -5.41
C ALA A 653 -20.20 -2.09 -4.61
N ASN A 654 -20.14 -3.34 -4.15
CA ASN A 654 -19.02 -3.76 -3.29
C ASN A 654 -17.73 -3.83 -4.08
N LEU A 655 -17.78 -4.20 -5.36
CA LEU A 655 -16.58 -4.21 -6.18
C LEU A 655 -15.99 -2.80 -6.28
N ALA A 656 -16.84 -1.80 -6.53
CA ALA A 656 -16.37 -0.42 -6.58
C ALA A 656 -15.83 0.02 -5.23
N ALA A 657 -16.52 -0.35 -4.14
CA ALA A 657 -16.07 0.05 -2.82
C ALA A 657 -14.68 -0.53 -2.52
N ALA A 658 -14.43 -1.77 -2.92
CA ALA A 658 -13.14 -2.39 -2.67
C ALA A 658 -12.06 -1.82 -3.58
N CYS A 659 -12.39 -1.57 -4.85
CA CYS A 659 -11.37 -1.20 -5.83
C CYS A 659 -11.03 0.29 -5.80
N GLY A 660 -11.95 1.15 -5.35
CA GLY A 660 -11.68 2.58 -5.41
C GLY A 660 -10.53 3.00 -4.52
N GLY A 661 -10.46 2.46 -3.30
CA GLY A 661 -9.36 2.79 -2.42
C GLY A 661 -8.01 2.40 -2.98
N LEU A 662 -7.91 1.18 -3.50
CA LEU A 662 -6.66 0.74 -4.10
C LEU A 662 -6.29 1.59 -5.31
N ALA A 663 -7.29 1.91 -6.15
CA ALA A 663 -7.01 2.72 -7.33
C ALA A 663 -6.52 4.11 -6.95
N TYR A 664 -7.13 4.71 -5.92
CA TYR A 664 -6.72 6.06 -5.53
C TYR A 664 -5.36 6.05 -4.86
N PHE A 665 -5.10 5.07 -3.99
CA PHE A 665 -3.80 4.99 -3.33
C PHE A 665 -2.69 4.65 -4.32
N SER A 666 -3.00 3.95 -5.40
CA SER A 666 -1.98 3.56 -6.37
C SER A 666 -1.39 4.75 -7.12
N LEU A 667 -2.00 5.93 -7.03
CA LEU A 667 -1.51 7.12 -7.72
C LEU A 667 -0.53 7.93 -6.89
N TYR A 668 -0.22 7.49 -5.67
CA TYR A 668 0.73 8.20 -4.82
C TYR A 668 2.17 7.76 -5.05
N LEU A 669 2.37 6.53 -5.54
CA LEU A 669 3.72 6.03 -5.79
C LEU A 669 4.55 6.91 -6.72
N PRO A 670 4.01 7.50 -7.79
CA PRO A 670 4.85 8.37 -8.63
C PRO A 670 5.50 9.51 -7.87
N TYR A 671 4.88 10.01 -6.80
CA TYR A 671 5.54 11.02 -5.98
C TYR A 671 6.80 10.46 -5.35
N VAL A 672 6.74 9.23 -4.83
CA VAL A 672 7.92 8.59 -4.26
C VAL A 672 8.98 8.39 -5.33
N LEU A 673 8.57 7.93 -6.51
CA LEU A 673 9.53 7.73 -7.60
C LEU A 673 10.20 9.04 -7.97
N CYS A 674 9.44 10.13 -8.03
CA CYS A 674 10.01 11.43 -8.38
C CYS A 674 10.95 11.95 -7.30
N VAL A 675 10.56 11.83 -6.03
CA VAL A 675 11.41 12.36 -4.96
C VAL A 675 12.69 11.53 -4.85
N ALA A 676 12.63 10.25 -5.20
CA ALA A 676 13.86 9.46 -5.22
C ALA A 676 14.86 9.99 -6.24
N TRP A 677 14.41 10.15 -7.49
CA TRP A 677 15.23 10.73 -8.55
C TRP A 677 14.94 12.22 -8.73
N ARG A 678 15.07 13.00 -7.65
CA ARG A 678 14.69 14.41 -7.73
C ARG A 678 15.64 15.20 -8.63
N ASP A 679 16.95 14.98 -8.49
CA ASP A 679 17.92 15.74 -9.27
C ASP A 679 17.89 15.35 -10.75
N ARG A 680 17.64 14.07 -11.04
CA ARG A 680 17.74 13.59 -12.42
C ARG A 680 16.70 14.24 -13.33
N LEU A 681 15.46 14.35 -12.85
CA LEU A 681 14.37 14.78 -13.72
C LEU A 681 14.55 16.24 -14.13
N PRO A 682 14.29 16.56 -15.39
CA PRO A 682 14.34 17.96 -15.83
C PRO A 682 13.10 18.73 -15.39
N ALA A 683 13.20 20.05 -15.49
CA ALA A 683 12.08 20.91 -15.11
C ALA A 683 10.88 20.77 -16.04
N GLY A 684 11.11 20.30 -17.28
CA GLY A 684 9.99 20.14 -18.20
C GLY A 684 8.99 19.09 -17.77
N GLY A 685 9.49 17.97 -17.23
CA GLY A 685 8.62 16.90 -16.81
C GLY A 685 7.92 17.10 -15.48
N ARG A 686 8.34 18.11 -14.71
CA ARG A 686 7.73 18.35 -13.40
C ARG A 686 6.26 18.72 -13.55
N VAL A 687 5.95 19.67 -14.44
CA VAL A 687 4.57 20.07 -14.63
C VAL A 687 3.73 18.94 -15.20
N ALA A 688 4.33 18.14 -16.10
CA ALA A 688 3.61 16.99 -16.65
C ALA A 688 3.27 15.98 -15.57
N ALA A 689 4.21 15.70 -14.67
CA ALA A 689 3.96 14.75 -13.59
C ALA A 689 3.02 15.33 -12.54
N SER A 690 2.95 16.66 -12.43
CA SER A 690 2.08 17.29 -11.45
C SER A 690 0.60 17.24 -11.83
N LEU A 691 0.26 16.59 -12.94
CA LEU A 691 -1.15 16.46 -13.32
C LEU A 691 -1.92 15.65 -12.28
N LEU A 692 -1.33 14.58 -11.78
CA LEU A 692 -1.95 13.83 -10.70
C LEU A 692 -1.97 14.66 -9.43
N SER A 693 -3.10 14.61 -8.73
CA SER A 693 -3.28 15.46 -7.54
C SER A 693 -2.28 15.16 -6.43
N PRO A 694 -2.04 13.91 -6.02
CA PRO A 694 -1.07 13.68 -4.92
C PRO A 694 0.33 14.18 -5.24
N VAL A 695 0.77 14.09 -6.49
CA VAL A 695 2.10 14.59 -6.84
C VAL A 695 2.18 16.10 -6.66
N ALA A 696 1.14 16.81 -7.12
CA ALA A 696 1.10 18.25 -6.95
C ALA A 696 1.07 18.62 -5.48
N PHE A 697 0.30 17.88 -4.68
CA PHE A 697 0.25 18.15 -3.24
C PHE A 697 1.61 17.92 -2.59
N GLY A 698 2.31 16.87 -3.00
CA GLY A 698 3.63 16.61 -2.45
C GLY A 698 4.63 17.71 -2.80
N PHE A 699 4.59 18.18 -4.04
CA PHE A 699 5.47 19.28 -4.44
C PHE A 699 5.15 20.55 -3.66
N GLY A 700 3.86 20.85 -3.49
CA GLY A 700 3.49 21.98 -2.66
C GLY A 700 3.95 21.82 -1.22
N CYS A 701 3.88 20.59 -0.70
CA CYS A 701 4.31 20.35 0.67
C CYS A 701 5.81 20.54 0.83
N GLU A 702 6.61 20.06 -0.13
CA GLU A 702 8.05 20.25 -0.02
C GLU A 702 8.41 21.72 -0.17
N SER A 703 7.72 22.45 -1.04
CA SER A 703 7.94 23.89 -1.14
C SER A 703 7.59 24.57 0.17
N LEU A 704 6.48 24.17 0.80
CA LEU A 704 6.08 24.76 2.08
C LEU A 704 7.12 24.48 3.16
N ALA A 705 7.62 23.25 3.23
CA ALA A 705 8.63 22.92 4.23
C ALA A 705 9.92 23.69 4.01
N LEU A 706 10.35 23.79 2.75
CA LEU A 706 11.58 24.53 2.45
C LEU A 706 11.43 26.01 2.81
N LEU A 707 10.27 26.59 2.52
CA LEU A 707 10.03 27.98 2.91
C LEU A 707 9.92 28.11 4.43
N GLU A 708 9.44 27.07 5.10
CA GLU A 708 9.34 27.10 6.56
C GLU A 708 10.71 27.09 7.22
N GLU A 709 11.66 26.35 6.65
CA GLU A 709 12.98 26.24 7.27
C GLU A 709 13.73 27.56 7.30
N GLN A 710 13.29 28.56 6.54
CA GLN A 710 13.98 29.85 6.46
C GLN A 710 13.51 30.82 7.55
N GLY A 711 12.95 30.32 8.64
CA GLY A 711 12.58 31.17 9.75
C GLY A 711 11.23 31.86 9.64
N GLU A 712 10.50 31.64 8.55
CA GLU A 712 9.19 32.25 8.37
C GLU A 712 8.31 31.29 7.59
N GLY A 713 7.20 30.88 8.19
CA GLY A 713 6.27 29.97 7.54
C GLY A 713 5.49 30.65 6.43
N ALA A 714 4.42 29.98 6.02
CA ALA A 714 3.58 30.49 4.94
C ALA A 714 2.84 31.73 5.40
N GLN A 715 2.96 32.81 4.64
CA GLN A 715 2.32 34.08 4.95
C GLN A 715 2.12 34.86 3.67
N TRP A 716 1.30 35.92 3.76
CA TRP A 716 0.97 36.72 2.60
C TRP A 716 2.19 37.45 2.03
N HIS A 717 3.29 37.52 2.78
CA HIS A 717 4.47 38.24 2.31
C HIS A 717 5.07 37.59 1.07
N ASN A 718 5.13 36.26 1.05
CA ASN A 718 5.86 35.53 0.02
C ASN A 718 5.01 34.42 -0.60
N VAL A 719 3.75 34.73 -0.90
CA VAL A 719 2.88 33.74 -1.53
C VAL A 719 3.32 33.46 -2.96
N GLY A 720 3.73 34.49 -3.68
CA GLY A 720 4.11 34.37 -5.07
C GLY A 720 5.60 34.40 -5.36
N THR A 721 6.44 34.24 -4.34
CA THR A 721 7.90 34.29 -4.50
C THR A 721 8.47 32.89 -4.35
N ARG A 722 9.28 32.48 -5.32
CA ARG A 722 9.90 31.16 -5.27
C ARG A 722 11.05 31.16 -4.27
N PRO A 723 11.01 30.31 -3.24
CA PRO A 723 12.13 30.27 -2.30
C PRO A 723 13.45 29.85 -2.94
N THR A 724 13.40 29.03 -3.98
CA THR A 724 14.60 28.51 -4.62
C THR A 724 14.38 28.55 -6.13
N ALA A 725 15.49 28.54 -6.88
CA ALA A 725 15.42 28.71 -8.33
C ALA A 725 14.68 27.58 -9.04
N ASP A 726 14.49 26.43 -8.39
CA ASP A 726 13.88 25.29 -9.05
C ASP A 726 12.80 24.67 -8.17
N VAL A 727 11.93 25.51 -7.61
CA VAL A 727 10.77 25.06 -6.85
C VAL A 727 9.56 25.88 -7.28
N PHE A 728 8.40 25.50 -6.77
CA PHE A 728 7.12 26.10 -7.13
C PHE A 728 6.58 26.93 -5.97
N SER A 729 6.13 28.15 -6.28
CA SER A 729 5.37 28.92 -5.31
C SER A 729 3.97 28.31 -5.15
N LEU A 730 3.36 28.57 -3.98
CA LEU A 730 2.10 27.94 -3.65
C LEU A 730 0.99 28.33 -4.62
N ALA A 731 1.05 29.54 -5.19
CA ALA A 731 0.04 29.97 -6.14
C ALA A 731 0.02 29.08 -7.37
N GLN A 732 1.20 28.73 -7.89
CA GLN A 732 1.27 27.83 -9.03
C GLN A 732 0.70 26.45 -8.69
N VAL A 733 0.98 25.97 -7.48
CA VAL A 733 0.47 24.66 -7.07
C VAL A 733 -1.06 24.69 -7.00
N SER A 734 -1.62 25.76 -6.42
CA SER A 734 -3.08 25.87 -6.35
C SER A 734 -3.70 25.97 -7.74
N GLY A 735 -3.08 26.74 -8.63
CA GLY A 735 -3.58 26.82 -9.99
C GLY A 735 -3.54 25.48 -10.70
N LEU A 736 -2.45 24.72 -10.51
CA LEU A 736 -2.35 23.40 -11.11
C LEU A 736 -3.41 22.46 -10.54
N LEU A 737 -3.67 22.55 -9.23
CA LEU A 737 -4.70 21.70 -8.62
C LEU A 737 -6.08 22.01 -9.20
N LEU A 738 -6.40 23.30 -9.33
CA LEU A 738 -7.71 23.65 -9.88
C LEU A 738 -7.82 23.27 -11.36
N LEU A 739 -6.72 23.41 -12.12
CA LEU A 739 -6.73 22.98 -13.51
C LEU A 739 -6.95 21.48 -13.61
N ASP A 740 -6.30 20.70 -12.73
CA ASP A 740 -6.52 19.26 -12.71
C ASP A 740 -7.96 18.92 -12.36
N ALA A 741 -8.55 19.66 -11.41
CA ALA A 741 -9.94 19.42 -11.04
C ALA A 741 -10.86 19.67 -12.23
N ALA A 742 -10.64 20.78 -12.94
CA ALA A 742 -11.48 21.09 -14.11
C ALA A 742 -11.31 20.04 -15.20
N LEU A 743 -10.07 19.60 -15.43
CA LEU A 743 -9.83 18.57 -16.44
C LEU A 743 -10.54 17.27 -16.08
N TYR A 744 -10.46 16.88 -14.80
CA TYR A 744 -11.14 15.65 -14.36
C TYR A 744 -12.65 15.78 -14.52
N GLY A 745 -13.21 16.94 -14.17
CA GLY A 745 -14.64 17.13 -14.34
C GLY A 745 -15.07 17.04 -15.79
N LEU A 746 -14.32 17.68 -16.68
CA LEU A 746 -14.67 17.62 -18.10
C LEU A 746 -14.52 16.20 -18.65
N ALA A 747 -13.48 15.48 -18.22
CA ALA A 747 -13.32 14.09 -18.65
C ALA A 747 -14.48 13.23 -18.17
N THR A 748 -14.93 13.42 -16.94
CA THR A 748 -16.08 12.68 -16.43
C THR A 748 -17.33 13.01 -17.24
N TRP A 749 -17.53 14.30 -17.54
CA TRP A 749 -18.71 14.70 -18.30
C TRP A 749 -18.71 14.05 -19.68
N TYR A 750 -17.55 14.01 -20.34
CA TYR A 750 -17.49 13.37 -21.65
C TYR A 750 -17.68 11.86 -21.55
N LEU A 751 -17.04 11.23 -20.57
CA LEU A 751 -17.09 9.77 -20.46
C LEU A 751 -18.45 9.27 -19.98
N GLU A 752 -19.28 10.15 -19.41
CA GLU A 752 -20.64 9.73 -19.05
C GLU A 752 -21.43 9.23 -20.25
N ALA A 753 -21.05 9.63 -21.46
CA ALA A 753 -21.74 9.22 -22.68
C ALA A 753 -21.14 7.97 -23.30
N VAL A 754 -20.34 7.21 -22.54
CA VAL A 754 -19.78 5.98 -23.05
C VAL A 754 -20.85 4.92 -23.27
N CYS A 755 -22.00 5.07 -22.61
CA CYS A 755 -23.12 4.13 -22.75
C CYS A 755 -24.32 4.86 -23.35
N PRO A 756 -24.51 4.82 -24.66
CA PRO A 756 -25.66 5.49 -25.28
C PRO A 756 -26.93 4.69 -25.09
N GLY A 757 -27.79 5.15 -24.21
CA GLY A 757 -29.06 4.47 -23.94
C GLY A 757 -28.99 3.20 -23.14
N GLN A 758 -28.07 2.30 -23.49
CA GLN A 758 -27.98 1.02 -22.79
C GLN A 758 -27.53 1.22 -21.34
N TYR A 759 -28.06 0.38 -20.46
CA TYR A 759 -27.75 0.46 -19.03
C TYR A 759 -26.63 -0.51 -18.70
N GLY A 760 -25.40 -0.05 -18.95
CA GLY A 760 -24.22 -0.84 -18.67
C GLY A 760 -22.94 -0.02 -18.65
N LYS A 793 -54.28 -8.18 -40.61
CA LYS A 793 -53.98 -7.70 -39.27
C LYS A 793 -54.77 -6.42 -38.96
N VAL A 794 -55.76 -6.14 -39.80
CA VAL A 794 -56.61 -4.96 -39.63
C VAL A 794 -57.97 -5.34 -39.05
N LEU A 795 -58.11 -6.54 -38.49
CA LEU A 795 -59.36 -6.99 -37.90
C LEU A 795 -59.49 -6.41 -36.50
N VAL A 796 -59.66 -5.09 -36.45
CA VAL A 796 -59.75 -4.35 -35.20
C VAL A 796 -60.97 -3.43 -35.26
N GLU A 797 -61.42 -3.00 -34.09
CA GLU A 797 -62.56 -2.09 -33.96
C GLU A 797 -62.13 -0.87 -33.17
N GLU A 798 -62.46 0.31 -33.67
CA GLU A 798 -62.21 1.58 -32.98
C GLU A 798 -63.53 2.36 -32.99
N ALA A 799 -64.39 2.05 -32.01
CA ALA A 799 -65.66 2.73 -31.87
C ALA A 799 -66.24 2.54 -30.47
N PRO A 800 -65.59 3.08 -29.43
CA PRO A 800 -66.15 2.96 -28.08
C PRO A 800 -67.33 3.90 -27.91
N PRO A 801 -68.20 3.63 -26.94
CA PRO A 801 -69.31 4.56 -26.69
C PRO A 801 -68.85 5.97 -26.35
N GLY A 802 -67.73 6.10 -25.64
CA GLY A 802 -67.17 7.40 -25.34
C GLY A 802 -65.93 7.70 -26.16
N LEU A 803 -66.05 8.58 -27.14
CA LEU A 803 -64.93 8.93 -28.01
C LEU A 803 -64.13 10.04 -27.34
N SER A 804 -63.10 9.65 -26.59
CA SER A 804 -62.23 10.57 -25.86
C SER A 804 -60.78 10.23 -26.19
N PRO A 805 -60.27 10.70 -27.33
CA PRO A 805 -58.90 10.36 -27.71
C PRO A 805 -57.85 11.07 -26.87
N GLY A 806 -57.82 10.77 -25.57
CA GLY A 806 -56.81 11.37 -24.71
C GLY A 806 -55.40 10.92 -25.04
N VAL A 807 -55.24 9.63 -25.32
CA VAL A 807 -53.96 9.04 -25.66
C VAL A 807 -54.03 8.53 -27.09
N SER A 808 -53.09 8.93 -27.92
CA SER A 808 -53.09 8.54 -29.32
C SER A 808 -51.66 8.46 -29.83
N VAL A 809 -51.38 7.43 -30.62
CA VAL A 809 -50.10 7.28 -31.32
C VAL A 809 -50.40 6.89 -32.76
N ARG A 810 -49.71 7.54 -33.70
CA ARG A 810 -49.95 7.35 -35.12
C ARG A 810 -48.66 6.85 -35.78
N SER A 811 -48.55 5.53 -35.93
CA SER A 811 -47.46 4.90 -36.68
C SER A 811 -46.10 5.27 -36.09
N LEU A 812 -45.86 4.82 -34.87
CA LEU A 812 -44.58 5.08 -34.21
C LEU A 812 -43.49 4.20 -34.81
N GLU A 813 -42.28 4.77 -34.92
CA GLU A 813 -41.13 4.01 -35.39
C GLU A 813 -39.92 4.30 -34.51
N LYS A 814 -39.11 3.27 -34.29
CA LYS A 814 -37.80 3.42 -33.67
C LYS A 814 -36.93 2.24 -34.06
N ARG A 815 -35.63 2.48 -34.18
CA ARG A 815 -34.67 1.44 -34.56
C ARG A 815 -33.47 1.54 -33.63
N PHE A 816 -33.30 0.53 -32.78
CA PHE A 816 -32.13 0.48 -31.92
C PHE A 816 -30.87 0.23 -32.75
N PRO A 817 -29.73 0.82 -32.35
CA PRO A 817 -28.50 0.57 -33.11
C PRO A 817 -28.07 -0.89 -33.11
N GLY A 818 -28.32 -1.62 -32.03
CA GLY A 818 -27.92 -3.02 -31.97
C GLY A 818 -28.67 -3.90 -32.93
N SER A 819 -30.00 -3.72 -33.02
CA SER A 819 -30.83 -4.58 -33.83
C SER A 819 -31.13 -3.90 -35.16
N PRO A 820 -30.69 -4.47 -36.30
CA PRO A 820 -31.05 -3.86 -37.59
C PRO A 820 -32.55 -3.78 -37.81
N GLN A 821 -33.30 -4.79 -37.38
CA GLN A 821 -34.75 -4.72 -37.47
C GLN A 821 -35.29 -3.76 -36.42
N PRO A 822 -36.28 -2.93 -36.78
CA PRO A 822 -36.86 -2.01 -35.80
C PRO A 822 -37.50 -2.75 -34.64
N ALA A 823 -37.34 -2.20 -33.43
CA ALA A 823 -37.92 -2.82 -32.25
C ALA A 823 -39.45 -2.83 -32.32
N LEU A 824 -40.04 -1.73 -32.78
CA LEU A 824 -41.49 -1.62 -32.90
C LEU A 824 -41.84 -0.99 -34.23
N ARG A 825 -42.84 -1.55 -34.90
CA ARG A 825 -43.32 -1.01 -36.16
C ARG A 825 -44.39 0.05 -35.88
N GLY A 826 -45.03 0.55 -36.93
CA GLY A 826 -46.05 1.57 -36.79
C GLY A 826 -47.25 1.11 -35.98
N LEU A 827 -47.66 1.94 -35.01
CA LEU A 827 -48.82 1.67 -34.16
C LEU A 827 -49.76 2.86 -34.28
N SER A 828 -50.83 2.70 -35.06
CA SER A 828 -51.80 3.75 -35.29
C SER A 828 -52.98 3.69 -34.32
N LEU A 829 -52.98 2.74 -33.39
CA LEU A 829 -54.07 2.63 -32.44
C LEU A 829 -54.09 3.80 -31.48
N ASP A 830 -55.28 4.16 -31.01
CA ASP A 830 -55.47 5.26 -30.09
C ASP A 830 -56.26 4.78 -28.88
N PHE A 831 -55.92 5.32 -27.72
CA PHE A 831 -56.56 4.96 -26.46
C PHE A 831 -57.64 5.99 -26.10
N TYR A 832 -58.46 5.63 -25.13
CA TYR A 832 -59.62 6.44 -24.77
C TYR A 832 -59.72 6.62 -23.26
N GLN A 833 -60.09 7.83 -22.84
CA GLN A 833 -60.21 8.15 -21.44
C GLN A 833 -61.43 7.48 -20.82
N GLY A 834 -61.32 7.15 -19.53
CA GLY A 834 -62.42 6.59 -18.77
C GLY A 834 -62.52 5.09 -18.78
N HIS A 835 -61.66 4.40 -19.51
CA HIS A 835 -61.69 2.94 -19.59
C HIS A 835 -60.34 2.38 -19.17
N ILE A 836 -60.36 1.27 -18.44
CA ILE A 836 -59.12 0.65 -17.94
C ILE A 836 -58.64 -0.29 -19.04
N THR A 837 -57.91 0.27 -19.99
CA THR A 837 -57.40 -0.49 -21.11
C THR A 837 -56.28 -1.42 -20.66
N ALA A 838 -56.21 -2.60 -21.27
CA ALA A 838 -55.19 -3.58 -20.98
C ALA A 838 -54.36 -3.84 -22.24
N PHE A 839 -53.07 -4.08 -22.04
CA PHE A 839 -52.12 -4.29 -23.12
C PHE A 839 -51.45 -5.65 -22.94
N LEU A 840 -51.43 -6.44 -24.00
CA LEU A 840 -50.84 -7.77 -23.97
C LEU A 840 -49.79 -7.89 -25.07
N GLY A 841 -48.73 -8.63 -24.77
CA GLY A 841 -47.67 -8.82 -25.74
C GLY A 841 -46.58 -9.71 -25.16
N HIS A 842 -45.60 -9.99 -26.00
CA HIS A 842 -44.47 -10.82 -25.62
C HIS A 842 -43.32 -9.96 -25.12
N ASN A 843 -42.39 -10.58 -24.40
CA ASN A 843 -41.21 -9.88 -23.93
C ASN A 843 -40.34 -9.49 -25.12
N GLY A 844 -39.92 -8.22 -25.16
CA GLY A 844 -39.16 -7.74 -26.28
C GLY A 844 -39.95 -7.52 -27.55
N ALA A 845 -41.29 -7.56 -27.48
CA ALA A 845 -42.14 -7.38 -28.64
C ALA A 845 -42.59 -5.93 -28.82
N GLY A 846 -41.80 -4.97 -28.35
CA GLY A 846 -42.10 -3.57 -28.53
C GLY A 846 -42.87 -2.91 -27.40
N LYS A 847 -43.35 -3.68 -26.42
CA LYS A 847 -44.07 -3.09 -25.30
C LYS A 847 -43.16 -2.16 -24.50
N THR A 848 -41.97 -2.65 -24.13
CA THR A 848 -41.04 -1.82 -23.37
C THR A 848 -40.59 -0.61 -24.17
N THR A 849 -40.34 -0.80 -25.48
CA THR A 849 -39.96 0.32 -26.33
C THR A 849 -41.08 1.34 -26.42
N THR A 850 -42.33 0.87 -26.53
CA THR A 850 -43.47 1.80 -26.58
C THR A 850 -43.59 2.59 -25.28
N LEU A 851 -43.42 1.92 -24.14
CA LEU A 851 -43.47 2.62 -22.86
C LEU A 851 -42.35 3.64 -22.75
N SER A 852 -41.14 3.27 -23.19
CA SER A 852 -40.02 4.20 -23.12
C SER A 852 -40.25 5.41 -24.00
N ILE A 853 -40.77 5.21 -25.22
CA ILE A 853 -40.98 6.32 -26.13
C ILE A 853 -42.11 7.22 -25.64
N LEU A 854 -43.17 6.63 -25.09
CA LEU A 854 -44.29 7.43 -24.59
C LEU A 854 -43.83 8.34 -23.46
N SER A 855 -42.93 7.85 -22.60
CA SER A 855 -42.37 8.67 -21.53
C SER A 855 -41.24 9.53 -22.08
N GLY A 856 -40.53 10.21 -21.20
CA GLY A 856 -39.41 11.05 -21.55
C GLY A 856 -38.07 10.35 -21.59
N LEU A 857 -38.04 9.02 -21.48
CA LEU A 857 -36.78 8.29 -21.51
C LEU A 857 -36.06 8.48 -22.83
N PHE A 858 -36.78 8.41 -23.94
CA PHE A 858 -36.20 8.61 -25.26
C PHE A 858 -37.13 9.47 -26.10
N PRO A 859 -36.58 10.33 -26.97
CA PRO A 859 -37.44 11.14 -27.82
C PRO A 859 -38.14 10.28 -28.86
N PRO A 860 -39.29 10.73 -29.37
CA PRO A 860 -39.98 9.96 -30.41
C PRO A 860 -39.19 9.93 -31.72
N SER A 861 -38.67 8.75 -32.07
CA SER A 861 -37.85 8.64 -33.27
C SER A 861 -38.69 8.76 -34.54
N GLY A 862 -39.92 8.24 -34.52
CA GLY A 862 -40.77 8.30 -35.69
C GLY A 862 -42.23 8.37 -35.29
N GLY A 863 -43.05 8.83 -36.25
CA GLY A 863 -44.47 8.92 -36.01
C GLY A 863 -44.83 10.07 -35.07
N SER A 864 -46.06 10.01 -34.57
CA SER A 864 -46.60 11.02 -33.66
C SER A 864 -47.05 10.36 -32.37
N ALA A 865 -46.74 11.01 -31.25
CA ALA A 865 -47.11 10.55 -29.92
C ALA A 865 -47.86 11.64 -29.18
N PHE A 866 -48.83 12.25 -29.85
CA PHE A 866 -49.59 13.35 -29.26
C PHE A 866 -50.44 12.85 -28.10
N ILE A 867 -50.20 13.39 -26.91
CA ILE A 867 -50.95 13.04 -25.71
C ILE A 867 -51.70 14.28 -25.25
N LEU A 868 -53.03 14.15 -25.12
CA LEU A 868 -53.89 15.26 -24.70
C LEU A 868 -53.75 16.46 -25.62
N GLY A 869 -53.54 16.19 -26.91
CA GLY A 869 -53.45 17.24 -27.90
C GLY A 869 -52.09 17.89 -28.06
N HIS A 870 -51.11 17.50 -27.27
CA HIS A 870 -49.76 18.07 -27.38
C HIS A 870 -48.74 16.95 -27.31
N ASP A 871 -47.74 17.00 -28.19
CA ASP A 871 -46.71 15.98 -28.23
C ASP A 871 -45.85 16.04 -26.97
N VAL A 872 -45.39 14.87 -26.52
CA VAL A 872 -44.55 14.81 -25.33
C VAL A 872 -43.23 15.55 -25.58
N ARG A 873 -42.61 15.33 -26.74
CA ARG A 873 -41.36 16.01 -27.06
C ARG A 873 -41.58 17.51 -27.21
N SER A 874 -42.72 17.92 -27.77
CA SER A 874 -43.00 19.35 -27.92
C SER A 874 -43.28 20.00 -26.57
N SER A 875 -44.05 19.33 -25.71
CA SER A 875 -44.42 19.91 -24.42
C SER A 875 -43.26 19.89 -23.44
N MET A 876 -42.34 18.93 -23.57
CA MET A 876 -41.20 18.79 -22.68
C MET A 876 -41.70 18.65 -21.24
N ALA A 877 -41.44 19.66 -20.40
CA ALA A 877 -41.85 19.59 -19.00
C ALA A 877 -43.29 20.05 -18.77
N ALA A 878 -43.94 20.65 -19.76
CA ALA A 878 -45.30 21.12 -19.56
C ALA A 878 -46.30 19.98 -19.53
N ILE A 879 -45.96 18.81 -20.09
CA ILE A 879 -46.81 17.64 -19.99
C ILE A 879 -46.57 16.84 -18.72
N ARG A 880 -45.47 17.11 -18.01
CA ARG A 880 -45.19 16.42 -16.76
C ARG A 880 -46.27 16.59 -15.69
N PRO A 881 -46.87 17.77 -15.47
CA PRO A 881 -47.85 17.90 -14.38
C PRO A 881 -49.05 16.97 -14.50
N HIS A 882 -49.30 16.39 -15.68
CA HIS A 882 -50.43 15.50 -15.89
C HIS A 882 -49.98 14.22 -16.59
N LEU A 883 -48.89 13.63 -16.10
CA LEU A 883 -48.40 12.35 -16.59
C LEU A 883 -48.08 11.44 -15.42
N GLY A 884 -48.30 10.14 -15.63
CA GLY A 884 -48.02 9.16 -14.60
C GLY A 884 -47.29 7.94 -15.12
N VAL A 885 -46.09 7.68 -14.58
CA VAL A 885 -45.25 6.57 -15.00
C VAL A 885 -44.90 5.75 -13.77
N CYS A 886 -45.07 4.43 -13.87
CA CYS A 886 -44.72 3.50 -12.80
C CYS A 886 -43.94 2.34 -13.39
N PRO A 887 -42.62 2.33 -13.25
CA PRO A 887 -41.81 1.26 -13.85
C PRO A 887 -41.89 -0.02 -13.03
N GLN A 888 -41.31 -1.08 -13.61
CA GLN A 888 -41.28 -2.37 -12.94
C GLN A 888 -40.32 -2.36 -11.74
N TYR A 889 -39.25 -1.59 -11.83
CA TYR A 889 -38.31 -1.49 -10.72
C TYR A 889 -38.77 -0.46 -9.70
N ASN A 890 -38.67 -0.81 -8.43
CA ASN A 890 -39.15 0.05 -7.37
C ASN A 890 -38.30 1.31 -7.26
N VAL A 891 -38.94 2.40 -6.83
CA VAL A 891 -38.26 3.67 -6.60
C VAL A 891 -38.46 4.01 -5.13
N LEU A 892 -37.49 3.61 -4.30
CA LEU A 892 -37.58 3.79 -2.86
C LEU A 892 -36.21 4.10 -2.30
N PHE A 893 -36.20 4.72 -1.13
CA PHE A 893 -34.98 5.02 -0.39
C PHE A 893 -35.01 4.28 0.94
N ASP A 894 -33.94 3.55 1.24
CA ASP A 894 -33.92 2.71 2.44
C ASP A 894 -33.97 3.55 3.70
N MET A 895 -33.21 4.65 3.75
CA MET A 895 -33.09 5.42 4.98
C MET A 895 -34.31 6.28 5.26
N LEU A 896 -34.94 6.83 4.23
CA LEU A 896 -36.15 7.61 4.44
C LEU A 896 -37.32 6.71 4.82
N THR A 897 -38.43 7.34 5.18
CA THR A 897 -39.66 6.66 5.50
C THR A 897 -40.77 7.18 4.58
N VAL A 898 -41.99 6.70 4.81
CA VAL A 898 -43.08 6.96 3.87
C VAL A 898 -43.49 8.44 3.90
N ASP A 899 -43.51 9.05 5.09
CA ASP A 899 -44.01 10.42 5.21
C ASP A 899 -43.12 11.38 4.44
N GLU A 900 -41.81 11.35 4.70
CA GLU A 900 -40.92 12.21 3.93
C GLU A 900 -40.80 11.77 2.49
N HIS A 901 -41.06 10.49 2.19
CA HIS A 901 -41.07 10.05 0.79
C HIS A 901 -42.15 10.76 0.00
N VAL A 902 -43.39 10.72 0.50
CA VAL A 902 -44.48 11.37 -0.21
C VAL A 902 -44.30 12.89 -0.18
N TRP A 903 -43.79 13.42 0.93
CA TRP A 903 -43.52 14.86 1.01
C TRP A 903 -42.54 15.27 -0.09
N PHE A 904 -41.42 14.56 -0.20
CA PHE A 904 -40.40 14.90 -1.19
C PHE A 904 -40.93 14.76 -2.62
N TYR A 905 -41.66 13.67 -2.90
CA TYR A 905 -42.15 13.48 -4.26
C TYR A 905 -43.17 14.55 -4.63
N GLY A 906 -44.09 14.88 -3.72
CA GLY A 906 -45.05 15.92 -3.99
C GLY A 906 -44.40 17.28 -4.18
N ARG A 907 -43.38 17.58 -3.37
CA ARG A 907 -42.65 18.84 -3.54
C ARG A 907 -41.94 18.89 -4.88
N LEU A 908 -41.29 17.80 -5.28
CA LEU A 908 -40.51 17.82 -6.52
C LEU A 908 -41.41 17.88 -7.74
N LYS A 909 -42.59 17.24 -7.69
CA LYS A 909 -43.47 17.27 -8.84
C LYS A 909 -44.03 18.66 -9.13
N GLY A 910 -43.90 19.60 -8.19
CA GLY A 910 -44.36 20.97 -8.41
C GLY A 910 -45.53 21.39 -7.56
N LEU A 911 -46.11 20.48 -6.77
CA LEU A 911 -47.22 20.85 -5.90
C LEU A 911 -46.75 21.80 -4.81
N SER A 912 -47.60 22.77 -4.48
CA SER A 912 -47.27 23.73 -3.44
C SER A 912 -47.21 23.05 -2.07
N ALA A 913 -46.24 23.47 -1.26
CA ALA A 913 -46.07 22.90 0.08
C ALA A 913 -47.21 23.26 1.02
N ALA A 914 -48.02 24.26 0.69
CA ALA A 914 -49.13 24.63 1.56
C ALA A 914 -50.16 23.51 1.67
N VAL A 915 -50.45 22.84 0.55
CA VAL A 915 -51.47 21.80 0.49
C VAL A 915 -50.88 20.42 0.32
N VAL A 916 -49.57 20.25 0.55
CA VAL A 916 -48.96 18.94 0.44
C VAL A 916 -49.44 18.02 1.56
N GLY A 917 -49.78 18.58 2.71
CA GLY A 917 -50.26 17.82 3.84
C GLY A 917 -51.58 17.11 3.62
N PRO A 918 -52.58 17.82 3.07
CA PRO A 918 -53.83 17.13 2.72
C PRO A 918 -53.63 15.99 1.73
N GLU A 919 -52.85 16.20 0.68
CA GLU A 919 -52.59 15.12 -0.26
C GLU A 919 -51.88 13.96 0.44
N GLN A 920 -50.89 14.27 1.28
CA GLN A 920 -50.14 13.24 1.98
C GLN A 920 -51.05 12.38 2.84
N ASP A 921 -51.84 13.02 3.71
CA ASP A 921 -52.63 12.23 4.64
C ASP A 921 -53.79 11.53 3.93
N ARG A 922 -54.36 12.15 2.89
CA ARG A 922 -55.41 11.49 2.14
C ARG A 922 -54.88 10.24 1.44
N LEU A 923 -53.70 10.33 0.81
CA LEU A 923 -53.13 9.15 0.19
C LEU A 923 -52.78 8.07 1.21
N LEU A 924 -52.20 8.45 2.35
CA LEU A 924 -51.80 7.42 3.30
C LEU A 924 -53.01 6.75 3.95
N GLN A 925 -54.13 7.48 4.11
CA GLN A 925 -55.32 6.82 4.62
C GLN A 925 -56.02 6.00 3.54
N ASP A 926 -55.97 6.44 2.29
CA ASP A 926 -56.58 5.66 1.20
C ASP A 926 -55.84 4.34 1.00
N VAL A 927 -54.52 4.35 1.08
CA VAL A 927 -53.73 3.13 0.90
C VAL A 927 -53.80 2.30 2.18
N GLY A 928 -54.47 2.82 3.20
CA GLY A 928 -54.62 2.10 4.45
C GLY A 928 -53.32 1.86 5.20
N LEU A 929 -52.48 2.89 5.31
CA LEU A 929 -51.21 2.78 6.02
C LEU A 929 -51.13 3.81 7.13
N VAL A 930 -52.25 4.14 7.76
CA VAL A 930 -52.25 5.11 8.85
C VAL A 930 -51.45 4.58 10.03
N SER A 931 -51.64 3.31 10.38
CA SER A 931 -50.91 2.74 11.50
C SER A 931 -49.46 2.43 11.14
N LYS A 932 -49.18 2.16 9.87
CA LYS A 932 -47.83 1.77 9.44
C LYS A 932 -47.00 2.94 8.94
N GLN A 933 -47.50 4.17 9.01
CA GLN A 933 -46.70 5.33 8.63
C GLN A 933 -45.99 5.96 9.81
N SER A 934 -46.57 5.86 11.01
CA SER A 934 -45.95 6.45 12.19
C SER A 934 -44.77 5.64 12.69
N VAL A 935 -44.66 4.37 12.30
CA VAL A 935 -43.52 3.56 12.72
C VAL A 935 -42.23 4.07 12.09
N GLN A 936 -42.33 4.66 10.90
CA GLN A 936 -41.18 5.28 10.21
C GLN A 936 -40.07 4.25 9.96
N THR A 937 -40.41 3.22 9.20
CA THR A 937 -39.45 2.20 8.79
C THR A 937 -39.67 1.86 7.33
N ARG A 938 -38.57 1.72 6.58
CA ARG A 938 -38.63 1.36 5.18
C ARG A 938 -38.03 0.00 4.89
N HIS A 939 -36.77 -0.23 5.26
CA HIS A 939 -36.12 -1.50 5.03
C HIS A 939 -36.51 -2.57 6.05
N LEU A 940 -37.44 -2.27 6.95
CA LEU A 940 -37.92 -3.23 7.92
C LEU A 940 -39.20 -3.91 7.46
N SER A 941 -39.63 -3.68 6.22
CA SER A 941 -40.83 -4.29 5.66
C SER A 941 -40.55 -4.79 4.26
N GLY A 942 -41.31 -5.79 3.84
CA GLY A 942 -41.15 -6.37 2.53
C GLY A 942 -42.49 -6.79 1.95
N GLY A 943 -42.57 -6.76 0.63
CA GLY A 943 -43.82 -7.09 -0.07
C GLY A 943 -44.89 -6.02 -0.01
N MET A 944 -45.14 -5.47 1.19
CA MET A 944 -46.09 -4.39 1.34
C MET A 944 -45.67 -3.17 0.52
N GLN A 945 -44.36 -2.97 0.35
CA GLN A 945 -43.86 -1.75 -0.30
C GLN A 945 -44.36 -1.57 -1.72
N ARG A 946 -44.82 -2.64 -2.38
CA ARG A 946 -45.28 -2.52 -3.76
C ARG A 946 -46.48 -1.60 -3.87
N LYS A 947 -47.43 -1.70 -2.93
CA LYS A 947 -48.60 -0.85 -2.99
C LYS A 947 -48.24 0.62 -2.76
N LEU A 948 -47.29 0.89 -1.86
CA LEU A 948 -46.81 2.25 -1.69
C LEU A 948 -46.14 2.76 -2.96
N SER A 949 -45.32 1.91 -3.60
CA SER A 949 -44.64 2.32 -4.82
C SER A 949 -45.65 2.65 -5.92
N VAL A 950 -46.68 1.83 -6.08
CA VAL A 950 -47.66 2.09 -7.13
C VAL A 950 -48.50 3.32 -6.77
N ALA A 951 -48.77 3.53 -5.48
CA ALA A 951 -49.51 4.71 -5.06
C ALA A 951 -48.73 6.00 -5.26
N ILE A 952 -47.39 5.93 -5.23
CA ILE A 952 -46.58 7.11 -5.50
C ILE A 952 -46.88 7.70 -6.86
N ALA A 953 -47.20 6.84 -7.85
CA ALA A 953 -47.49 7.33 -9.19
C ALA A 953 -48.76 8.18 -9.24
N PHE A 954 -49.62 8.09 -8.24
CA PHE A 954 -50.90 8.78 -8.24
C PHE A 954 -50.91 10.07 -7.43
N VAL A 955 -49.75 10.52 -6.94
CA VAL A 955 -49.72 11.69 -6.07
C VAL A 955 -50.09 12.94 -6.85
N GLY A 956 -49.67 13.04 -8.12
CA GLY A 956 -49.90 14.24 -8.90
C GLY A 956 -51.30 14.38 -9.47
N GLY A 957 -52.14 13.36 -9.34
CA GLY A 957 -53.47 13.42 -9.92
C GLY A 957 -53.47 13.52 -11.43
N SER A 958 -52.53 12.84 -12.08
CA SER A 958 -52.40 12.92 -13.53
C SER A 958 -53.58 12.25 -14.21
N GLN A 959 -54.05 12.86 -15.31
CA GLN A 959 -55.14 12.26 -16.07
C GLN A 959 -54.72 10.95 -16.73
N VAL A 960 -53.48 10.90 -17.25
CA VAL A 960 -52.97 9.71 -17.92
C VAL A 960 -51.89 9.09 -17.05
N VAL A 961 -52.03 7.79 -16.79
CA VAL A 961 -51.12 7.05 -15.93
C VAL A 961 -50.71 5.77 -16.64
N ILE A 962 -49.45 5.38 -16.48
CA ILE A 962 -48.89 4.19 -17.10
C ILE A 962 -48.36 3.27 -16.02
N LEU A 963 -48.73 1.99 -16.10
CA LEU A 963 -48.29 0.97 -15.16
C LEU A 963 -47.68 -0.19 -15.93
N ASP A 964 -46.57 -0.71 -15.40
CA ASP A 964 -45.85 -1.83 -16.02
C ASP A 964 -45.63 -2.87 -14.93
N GLU A 965 -46.39 -3.97 -15.00
CA GLU A 965 -46.31 -5.09 -14.07
C GLU A 965 -46.49 -4.62 -12.63
N PRO A 966 -47.69 -4.19 -12.24
CA PRO A 966 -47.91 -3.77 -10.85
C PRO A 966 -48.08 -4.92 -9.88
N THR A 967 -48.06 -6.16 -10.37
CA THR A 967 -48.28 -7.36 -9.55
C THR A 967 -47.20 -8.40 -9.88
N ALA A 968 -45.95 -7.95 -9.87
CA ALA A 968 -44.85 -8.81 -10.30
C ALA A 968 -44.70 -10.02 -9.39
N GLY A 969 -44.59 -9.80 -8.08
CA GLY A 969 -44.41 -10.90 -7.16
C GLY A 969 -45.09 -10.73 -5.83
N VAL A 970 -46.08 -9.84 -5.75
CA VAL A 970 -46.73 -9.56 -4.48
C VAL A 970 -47.63 -10.74 -4.10
N ASP A 971 -47.89 -10.86 -2.79
CA ASP A 971 -48.72 -11.95 -2.30
C ASP A 971 -50.16 -11.78 -2.77
N PRO A 972 -50.86 -12.89 -3.03
CA PRO A 972 -52.28 -12.79 -3.41
C PRO A 972 -53.15 -12.14 -2.34
N ALA A 973 -52.83 -12.37 -1.06
CA ALA A 973 -53.66 -11.85 0.03
C ALA A 973 -53.73 -10.34 0.04
N SER A 974 -52.80 -9.66 -0.63
CA SER A 974 -52.85 -8.22 -0.78
C SER A 974 -53.12 -7.78 -2.22
N ARG A 975 -53.14 -8.71 -3.17
CA ARG A 975 -53.29 -8.35 -4.57
C ARG A 975 -54.54 -7.51 -4.80
N ARG A 976 -55.70 -8.01 -4.34
CA ARG A 976 -56.94 -7.26 -4.51
C ARG A 976 -56.80 -5.84 -3.98
N GLY A 977 -56.06 -5.69 -2.88
CA GLY A 977 -55.74 -4.38 -2.34
C GLY A 977 -55.32 -3.40 -3.42
N ILE A 978 -54.22 -3.70 -4.12
CA ILE A 978 -53.75 -2.75 -5.12
C ILE A 978 -54.77 -2.65 -6.25
N TRP A 979 -55.43 -3.76 -6.58
CA TRP A 979 -56.49 -3.72 -7.58
C TRP A 979 -57.60 -2.78 -7.14
N GLU A 980 -57.96 -2.83 -5.85
CA GLU A 980 -58.95 -1.91 -5.33
C GLU A 980 -58.55 -0.46 -5.59
N LEU A 981 -57.26 -0.17 -5.51
CA LEU A 981 -56.79 1.18 -5.78
C LEU A 981 -57.13 1.58 -7.22
N LEU A 982 -56.93 0.67 -8.17
CA LEU A 982 -57.32 0.96 -9.55
C LEU A 982 -58.82 1.17 -9.65
N LEU A 983 -59.61 0.49 -8.82
CA LEU A 983 -61.05 0.76 -8.79
C LEU A 983 -61.34 2.15 -8.25
N LYS A 984 -60.49 2.66 -7.35
CA LYS A 984 -60.72 3.99 -6.81
C LYS A 984 -60.36 5.08 -7.82
N TYR A 985 -59.48 4.78 -8.78
CA TYR A 985 -59.03 5.76 -9.75
C TYR A 985 -59.43 5.37 -11.18
N ARG A 986 -60.46 4.53 -11.33
CA ARG A 986 -60.93 4.17 -12.66
C ARG A 986 -61.77 5.26 -13.30
N GLU A 987 -62.10 6.32 -12.57
CA GLU A 987 -62.95 7.39 -13.08
C GLU A 987 -62.15 8.67 -13.22
N GLY A 988 -62.44 9.43 -14.28
CA GLY A 988 -61.79 10.69 -14.51
C GLY A 988 -60.34 10.62 -14.89
N ARG A 989 -59.78 9.42 -15.08
CA ARG A 989 -58.37 9.25 -15.40
C ARG A 989 -58.22 8.20 -16.49
N THR A 990 -57.26 8.42 -17.37
CA THR A 990 -56.87 7.41 -18.35
C THR A 990 -55.77 6.55 -17.75
N LEU A 991 -55.93 5.23 -17.82
CA LEU A 991 -54.98 4.30 -17.22
C LEU A 991 -54.58 3.29 -18.27
N ILE A 992 -53.27 3.07 -18.42
CA ILE A 992 -52.74 2.09 -19.35
C ILE A 992 -51.81 1.17 -18.58
N LEU A 993 -52.19 -0.10 -18.47
CA LEU A 993 -51.40 -1.09 -17.77
C LEU A 993 -50.89 -2.14 -18.74
N SER A 994 -49.64 -2.56 -18.56
CA SER A 994 -49.00 -3.56 -19.42
C SER A 994 -48.46 -4.67 -18.51
N THR A 995 -49.26 -5.72 -18.34
CA THR A 995 -48.89 -6.86 -17.50
C THR A 995 -48.94 -8.13 -18.33
N HIS A 996 -47.93 -8.98 -18.14
CA HIS A 996 -47.79 -10.15 -19.01
C HIS A 996 -48.88 -11.19 -18.75
N HIS A 997 -49.28 -11.37 -17.49
CA HIS A 997 -50.27 -12.38 -17.17
C HIS A 997 -51.65 -11.98 -17.69
N LEU A 998 -52.55 -12.96 -17.76
CA LEU A 998 -53.86 -12.80 -18.39
C LEU A 998 -55.03 -12.85 -17.42
N ASP A 999 -54.95 -13.68 -16.38
CA ASP A 999 -56.10 -13.87 -15.50
C ASP A 999 -56.50 -12.59 -14.78
N GLU A 1000 -55.54 -11.69 -14.54
CA GLU A 1000 -55.86 -10.40 -13.94
C GLU A 1000 -56.41 -9.41 -14.95
N ALA A 1001 -56.07 -9.58 -16.23
CA ALA A 1001 -56.48 -8.61 -17.25
C ALA A 1001 -57.99 -8.62 -17.47
N GLU A 1002 -58.61 -9.81 -17.42
CA GLU A 1002 -60.04 -9.91 -17.71
C GLU A 1002 -60.87 -9.16 -16.67
N LEU A 1003 -60.42 -9.15 -15.41
CA LEU A 1003 -61.19 -8.50 -14.35
C LEU A 1003 -61.27 -7.00 -14.57
N LEU A 1004 -60.17 -6.38 -15.02
CA LEU A 1004 -60.10 -4.93 -15.20
C LEU A 1004 -60.06 -4.53 -16.66
N GLY A 1005 -60.48 -5.42 -17.57
CA GLY A 1005 -60.38 -5.12 -18.98
C GLY A 1005 -61.63 -4.53 -19.59
N ASP A 1006 -61.67 -3.19 -19.72
CA ASP A 1006 -62.71 -2.55 -20.50
C ASP A 1006 -62.44 -2.69 -21.99
N ARG A 1007 -61.16 -2.61 -22.38
CA ARG A 1007 -60.72 -2.87 -23.74
C ARG A 1007 -59.35 -3.52 -23.67
N VAL A 1008 -59.01 -4.31 -24.68
CA VAL A 1008 -57.78 -5.10 -24.69
C VAL A 1008 -57.10 -4.91 -26.03
N ALA A 1009 -55.79 -4.64 -25.99
CA ALA A 1009 -54.97 -4.53 -27.19
C ALA A 1009 -53.88 -5.58 -27.15
N VAL A 1010 -53.48 -6.06 -28.32
CA VAL A 1010 -52.55 -7.18 -28.45
C VAL A 1010 -51.44 -6.79 -29.42
N VAL A 1011 -50.19 -7.04 -29.03
CA VAL A 1011 -49.04 -6.78 -29.89
C VAL A 1011 -48.22 -8.06 -29.98
N ALA A 1012 -47.53 -8.23 -31.10
CA ALA A 1012 -46.68 -9.40 -31.31
C ALA A 1012 -45.63 -9.06 -32.36
N GLY A 1013 -44.37 -9.25 -32.02
CA GLY A 1013 -43.29 -8.92 -32.95
C GLY A 1013 -43.22 -7.46 -33.31
N GLY A 1014 -43.47 -6.58 -32.35
CA GLY A 1014 -43.45 -5.15 -32.61
C GLY A 1014 -44.49 -4.70 -33.60
N ARG A 1015 -45.69 -5.26 -33.55
CA ARG A 1015 -46.76 -4.91 -34.46
C ARG A 1015 -48.09 -5.29 -33.84
N LEU A 1016 -49.05 -4.37 -33.95
CA LEU A 1016 -50.38 -4.62 -33.41
C LEU A 1016 -51.05 -5.78 -34.16
N CYS A 1017 -51.62 -6.72 -33.41
CA CYS A 1017 -52.32 -7.86 -34.00
C CYS A 1017 -53.82 -7.66 -34.01
N CYS A 1018 -54.43 -7.46 -32.83
CA CYS A 1018 -55.86 -7.22 -32.73
C CYS A 1018 -56.14 -6.44 -31.46
N CYS A 1019 -57.29 -5.77 -31.44
CA CYS A 1019 -57.71 -5.00 -30.27
C CYS A 1019 -59.22 -4.86 -30.31
N GLY A 1020 -59.79 -4.61 -29.13
CA GLY A 1020 -61.24 -4.47 -29.02
C GLY A 1020 -61.73 -4.60 -27.59
N SER A 1021 -62.85 -5.28 -27.41
CA SER A 1021 -63.49 -5.45 -26.11
C SER A 1021 -63.71 -6.94 -25.84
N PRO A 1022 -63.63 -7.37 -24.57
CA PRO A 1022 -63.58 -8.81 -24.28
C PRO A 1022 -64.89 -9.57 -24.50
N LEU A 1023 -65.90 -8.94 -25.09
CA LEU A 1023 -67.12 -9.66 -25.41
C LEU A 1023 -66.91 -10.43 -26.72
N PHE A 1024 -67.99 -10.98 -27.29
CA PHE A 1024 -67.88 -11.79 -28.48
C PHE A 1024 -67.28 -11.04 -29.66
N LEU A 1025 -67.30 -9.71 -29.64
CA LEU A 1025 -66.73 -8.92 -30.72
C LEU A 1025 -65.25 -9.20 -30.92
N ARG A 1026 -64.56 -9.73 -29.90
CA ARG A 1026 -63.16 -10.12 -30.02
C ARG A 1026 -62.95 -11.63 -29.93
N ARG A 1027 -63.63 -12.31 -29.01
CA ARG A 1027 -63.43 -13.75 -28.82
C ARG A 1027 -64.27 -14.52 -29.82
N HIS A 1028 -63.85 -14.47 -31.08
CA HIS A 1028 -64.47 -15.22 -32.16
C HIS A 1028 -63.86 -16.62 -32.18
N LEU A 1029 -64.42 -17.52 -31.37
CA LEU A 1029 -63.96 -18.89 -31.27
C LEU A 1029 -65.11 -19.84 -31.56
N GLY A 1030 -64.81 -20.91 -32.31
CA GLY A 1030 -65.83 -21.88 -32.64
C GLY A 1030 -66.40 -22.59 -31.42
N SER A 1031 -65.54 -22.90 -30.45
CA SER A 1031 -65.97 -23.54 -29.22
C SER A 1031 -66.69 -22.52 -28.35
N GLY A 1032 -68.02 -22.57 -28.34
CA GLY A 1032 -68.80 -21.60 -27.60
C GLY A 1032 -68.78 -21.79 -26.10
N TYR A 1033 -69.27 -22.94 -25.64
CA TYR A 1033 -69.36 -23.24 -24.22
C TYR A 1033 -68.75 -24.61 -23.94
N TYR A 1034 -68.15 -24.75 -22.77
CA TYR A 1034 -67.60 -26.03 -22.33
C TYR A 1034 -68.54 -26.64 -21.30
N LEU A 1035 -69.10 -27.80 -21.63
CA LEU A 1035 -70.01 -28.53 -20.73
C LEU A 1035 -69.23 -29.68 -20.11
N THR A 1036 -68.96 -29.59 -18.81
CA THR A 1036 -68.23 -30.62 -18.10
C THR A 1036 -69.19 -31.49 -17.30
N LEU A 1037 -68.93 -32.79 -17.33
CA LEU A 1037 -69.68 -33.79 -16.58
C LEU A 1037 -68.70 -34.55 -15.69
N VAL A 1038 -69.00 -34.61 -14.40
CA VAL A 1038 -68.15 -35.29 -13.44
C VAL A 1038 -68.83 -36.58 -13.01
N LYS A 1039 -68.05 -37.48 -12.43
CA LYS A 1039 -68.54 -38.77 -11.99
C LYS A 1039 -68.07 -39.06 -10.57
N ALA A 1040 -68.86 -39.86 -9.84
CA ALA A 1040 -68.53 -40.22 -8.47
C ALA A 1040 -67.47 -41.31 -8.44
N VAL A 1073 -75.27 -43.83 -16.44
CA VAL A 1073 -73.86 -44.11 -16.70
C VAL A 1073 -73.68 -44.70 -18.08
N GLY A 1074 -72.79 -44.08 -18.87
CA GLY A 1074 -72.48 -44.57 -20.20
C GLY A 1074 -72.38 -43.46 -21.23
N THR A 1075 -71.25 -43.40 -21.93
CA THR A 1075 -71.06 -42.38 -22.94
C THR A 1075 -72.05 -42.47 -24.11
N PRO A 1076 -72.36 -43.65 -24.68
CA PRO A 1076 -73.30 -43.66 -25.82
C PRO A 1076 -74.67 -43.12 -25.47
N GLN A 1077 -75.19 -43.43 -24.28
CA GLN A 1077 -76.51 -42.94 -23.90
C GLN A 1077 -76.53 -41.42 -23.74
N LEU A 1078 -75.51 -40.87 -23.10
CA LEU A 1078 -75.43 -39.41 -22.96
C LEU A 1078 -75.29 -38.75 -24.32
N LEU A 1079 -74.45 -39.31 -25.20
CA LEU A 1079 -74.29 -38.75 -26.54
C LEU A 1079 -75.59 -38.78 -27.32
N ALA A 1080 -76.33 -39.91 -27.24
CA ALA A 1080 -77.60 -40.01 -27.92
C ALA A 1080 -78.60 -39.00 -27.38
N LEU A 1081 -78.66 -38.84 -26.05
CA LEU A 1081 -79.59 -37.87 -25.47
C LEU A 1081 -79.24 -36.46 -25.91
N VAL A 1082 -77.94 -36.11 -25.91
CA VAL A 1082 -77.53 -34.77 -26.31
C VAL A 1082 -77.89 -34.53 -27.77
N GLN A 1083 -77.61 -35.52 -28.63
CA GLN A 1083 -77.93 -35.37 -30.06
C GLN A 1083 -79.43 -35.24 -30.28
N HIS A 1084 -80.23 -35.99 -29.52
CA HIS A 1084 -81.68 -35.87 -29.63
C HIS A 1084 -82.15 -34.48 -29.22
N TRP A 1085 -81.60 -33.94 -28.13
CA TRP A 1085 -82.02 -32.61 -27.69
C TRP A 1085 -81.46 -31.52 -28.61
N VAL A 1086 -80.21 -31.66 -29.04
CA VAL A 1086 -79.61 -30.71 -29.96
C VAL A 1086 -78.51 -31.38 -30.77
N PRO A 1087 -78.61 -31.38 -32.10
CA PRO A 1087 -77.54 -32.00 -32.91
C PRO A 1087 -76.18 -31.35 -32.72
N GLY A 1088 -76.14 -30.04 -32.46
CA GLY A 1088 -74.88 -29.35 -32.28
C GLY A 1088 -74.18 -29.71 -30.98
N ALA A 1089 -73.09 -30.47 -31.09
CA ALA A 1089 -72.30 -30.90 -29.94
C ALA A 1089 -71.00 -31.50 -30.45
N ARG A 1090 -69.90 -31.24 -29.74
CA ARG A 1090 -68.59 -31.75 -30.11
C ARG A 1090 -68.00 -32.51 -28.93
N LEU A 1091 -67.46 -33.69 -29.18
CA LEU A 1091 -66.84 -34.51 -28.15
C LEU A 1091 -65.33 -34.30 -28.22
N VAL A 1092 -64.77 -33.64 -27.21
CA VAL A 1092 -63.36 -33.27 -27.19
C VAL A 1092 -62.58 -34.05 -26.14
N GLU A 1093 -63.19 -34.36 -25.00
CA GLU A 1093 -62.51 -35.03 -23.90
C GLU A 1093 -63.29 -36.27 -23.48
N GLU A 1094 -62.57 -37.37 -23.26
CA GLU A 1094 -63.17 -38.62 -22.82
C GLU A 1094 -62.30 -39.29 -21.75
N LEU A 1095 -61.57 -38.51 -20.96
CA LEU A 1095 -60.71 -39.05 -19.94
C LEU A 1095 -61.55 -39.68 -18.82
N PRO A 1096 -60.97 -40.62 -18.06
CA PRO A 1096 -61.73 -41.22 -16.96
C PRO A 1096 -62.14 -40.19 -15.93
N HIS A 1097 -63.34 -40.40 -15.37
CA HIS A 1097 -63.95 -39.60 -14.29
C HIS A 1097 -64.39 -38.21 -14.74
N GLU A 1098 -64.37 -37.90 -16.04
CA GLU A 1098 -64.88 -36.63 -16.52
C GLU A 1098 -65.22 -36.75 -18.00
N LEU A 1099 -66.05 -35.81 -18.46
CA LEU A 1099 -66.45 -35.77 -19.87
C LEU A 1099 -66.72 -34.32 -20.25
N VAL A 1100 -65.92 -33.79 -21.16
CA VAL A 1100 -66.03 -32.39 -21.59
C VAL A 1100 -66.57 -32.35 -23.01
N LEU A 1101 -67.62 -31.57 -23.21
CA LEU A 1101 -68.25 -31.38 -24.51
C LEU A 1101 -68.18 -29.91 -24.89
N VAL A 1102 -68.27 -29.65 -26.19
CA VAL A 1102 -68.19 -28.30 -26.74
C VAL A 1102 -69.53 -27.97 -27.38
N LEU A 1103 -70.14 -26.88 -26.95
CA LEU A 1103 -71.38 -26.38 -27.53
C LEU A 1103 -71.06 -25.20 -28.44
N PRO A 1104 -71.33 -25.30 -29.74
CA PRO A 1104 -70.95 -24.22 -30.65
C PRO A 1104 -71.67 -22.92 -30.33
N TYR A 1105 -70.96 -21.81 -30.50
CA TYR A 1105 -71.55 -20.49 -30.26
C TYR A 1105 -72.57 -20.15 -31.34
N THR A 1106 -72.30 -20.53 -32.59
CA THR A 1106 -73.21 -20.23 -33.68
C THR A 1106 -74.53 -20.98 -33.49
N GLY A 1107 -75.63 -20.26 -33.67
CA GLY A 1107 -76.94 -20.85 -33.46
C GLY A 1107 -77.15 -21.28 -32.02
N ALA A 1108 -76.80 -20.40 -31.08
CA ALA A 1108 -76.92 -20.71 -29.66
C ALA A 1108 -78.38 -20.67 -29.23
N HIS A 1109 -79.18 -21.60 -29.75
CA HIS A 1109 -80.59 -21.71 -29.38
C HIS A 1109 -80.69 -22.30 -27.98
N ASP A 1110 -80.92 -21.44 -26.99
CA ASP A 1110 -80.97 -21.88 -25.60
C ASP A 1110 -82.17 -22.77 -25.30
N GLY A 1111 -83.16 -22.84 -26.20
CA GLY A 1111 -84.28 -23.73 -25.96
C GLY A 1111 -83.89 -25.19 -25.97
N SER A 1112 -83.11 -25.60 -26.97
CA SER A 1112 -82.67 -26.99 -27.05
C SER A 1112 -81.74 -27.34 -25.90
N PHE A 1113 -80.82 -26.43 -25.56
CA PHE A 1113 -79.92 -26.67 -24.43
C PHE A 1113 -80.70 -26.75 -23.12
N ALA A 1114 -81.73 -25.91 -22.97
CA ALA A 1114 -82.56 -25.95 -21.78
C ALA A 1114 -83.33 -27.26 -21.68
N THR A 1115 -83.86 -27.75 -22.81
CA THR A 1115 -84.52 -29.05 -22.78
C THR A 1115 -83.54 -30.17 -22.41
N LEU A 1116 -82.32 -30.11 -22.97
CA LEU A 1116 -81.31 -31.11 -22.66
C LEU A 1116 -80.98 -31.10 -21.16
N PHE A 1117 -80.78 -29.91 -20.60
CA PHE A 1117 -80.38 -29.82 -19.20
C PHE A 1117 -81.54 -30.11 -18.25
N ARG A 1118 -82.77 -29.84 -18.67
CA ARG A 1118 -83.92 -30.27 -17.88
C ARG A 1118 -84.04 -31.79 -17.87
N GLU A 1119 -83.81 -32.42 -19.02
CA GLU A 1119 -83.79 -33.88 -19.07
C GLU A 1119 -82.67 -34.43 -18.18
N LEU A 1120 -81.51 -33.78 -18.19
CA LEU A 1120 -80.43 -34.18 -17.30
C LEU A 1120 -80.84 -34.03 -15.84
N ASP A 1121 -81.51 -32.93 -15.50
CA ASP A 1121 -82.01 -32.74 -14.14
C ASP A 1121 -82.97 -33.85 -13.74
N THR A 1122 -83.77 -34.32 -14.70
CA THR A 1122 -84.63 -35.47 -14.46
C THR A 1122 -83.90 -36.80 -14.64
N ARG A 1123 -82.62 -36.78 -14.98
CA ARG A 1123 -81.83 -37.99 -15.20
C ARG A 1123 -80.53 -38.03 -14.41
N LEU A 1124 -79.97 -36.88 -14.01
CA LEU A 1124 -78.70 -36.88 -13.28
C LEU A 1124 -78.80 -37.63 -11.96
N ALA A 1125 -80.00 -37.75 -11.40
CA ALA A 1125 -80.17 -38.50 -10.16
C ALA A 1125 -79.82 -39.98 -10.36
N GLU A 1126 -80.25 -40.56 -11.48
CA GLU A 1126 -79.96 -41.95 -11.78
C GLU A 1126 -78.72 -42.13 -12.64
N LEU A 1127 -78.07 -41.03 -13.07
CA LEU A 1127 -76.85 -41.13 -13.85
C LEU A 1127 -75.60 -41.30 -12.98
N ARG A 1128 -75.74 -41.19 -11.66
CA ARG A 1128 -74.64 -41.36 -10.72
C ARG A 1128 -73.57 -40.28 -10.88
N LEU A 1129 -73.78 -39.35 -11.81
CA LEU A 1129 -72.81 -38.27 -12.01
C LEU A 1129 -72.84 -37.28 -10.86
N THR A 1130 -74.04 -36.85 -10.45
CA THR A 1130 -74.22 -35.96 -9.30
C THR A 1130 -73.38 -34.69 -9.42
N GLY A 1131 -73.34 -34.12 -10.63
CA GLY A 1131 -72.61 -32.88 -10.83
C GLY A 1131 -72.23 -32.60 -12.28
N TYR A 1132 -72.27 -31.33 -12.66
CA TYR A 1132 -71.89 -30.91 -14.01
C TYR A 1132 -71.74 -29.39 -13.99
N GLY A 1133 -71.33 -28.84 -15.13
CA GLY A 1133 -71.18 -27.40 -15.24
C GLY A 1133 -71.07 -26.95 -16.67
N ILE A 1134 -71.32 -25.65 -16.88
CA ILE A 1134 -71.19 -25.02 -18.18
C ILE A 1134 -70.36 -23.76 -17.99
N SER A 1135 -69.16 -23.74 -18.56
CA SER A 1135 -68.27 -22.59 -18.50
C SER A 1135 -68.18 -21.93 -19.88
N ASP A 1136 -67.84 -20.65 -19.87
CA ASP A 1136 -67.70 -19.90 -21.11
C ASP A 1136 -66.30 -20.11 -21.69
N THR A 1137 -66.03 -19.40 -22.78
CA THR A 1137 -64.73 -19.50 -23.43
C THR A 1137 -63.69 -18.72 -22.66
N SER A 1138 -62.68 -19.42 -22.14
CA SER A 1138 -61.57 -18.76 -21.48
C SER A 1138 -60.78 -17.93 -22.48
N LEU A 1139 -60.27 -16.79 -22.01
CA LEU A 1139 -59.61 -15.85 -22.91
C LEU A 1139 -58.22 -16.31 -23.35
N GLU A 1140 -57.64 -17.30 -22.67
CA GLU A 1140 -56.28 -17.72 -23.00
C GLU A 1140 -56.21 -18.39 -24.37
N GLU A 1141 -57.12 -19.33 -24.63
CA GLU A 1141 -57.08 -20.06 -25.89
C GLU A 1141 -57.38 -19.14 -27.08
N ILE A 1142 -58.39 -18.28 -26.95
CA ILE A 1142 -58.70 -17.34 -28.02
C ILE A 1142 -57.56 -16.34 -28.19
N PHE A 1143 -56.91 -15.94 -27.09
CA PHE A 1143 -55.76 -15.06 -27.19
C PHE A 1143 -54.65 -15.69 -28.00
N LEU A 1144 -54.31 -16.95 -27.69
CA LEU A 1144 -53.27 -17.62 -28.46
C LEU A 1144 -53.68 -17.77 -29.92
N LYS A 1145 -54.93 -18.17 -30.17
CA LYS A 1145 -55.37 -18.41 -31.54
C LYS A 1145 -55.30 -17.14 -32.37
N VAL A 1146 -55.71 -16.00 -31.80
CA VAL A 1146 -55.59 -14.74 -32.52
C VAL A 1146 -54.13 -14.28 -32.59
N VAL A 1147 -53.27 -14.73 -31.67
CA VAL A 1147 -51.85 -14.40 -31.76
C VAL A 1147 -51.24 -15.02 -33.00
N GLU A 1148 -51.46 -16.33 -33.20
CA GLU A 1148 -50.93 -16.89 -34.46
C GLU A 1148 -51.85 -16.66 -35.66
N GLU A 1149 -53.03 -16.07 -35.46
CA GLU A 1149 -53.89 -15.79 -36.61
C GLU A 1149 -53.34 -14.64 -37.44
N CYS A 1150 -52.74 -13.65 -36.79
CA CYS A 1150 -52.19 -12.49 -37.50
C CYS A 1150 -50.81 -12.78 -38.05
N TRP A 1214 -16.91 -49.77 -9.52
CA TRP A 1214 -15.75 -48.91 -9.40
C TRP A 1214 -15.64 -48.00 -10.63
N ALA A 1215 -16.25 -48.43 -11.73
CA ALA A 1215 -16.32 -47.58 -12.91
C ALA A 1215 -17.36 -46.47 -12.74
N LEU A 1216 -18.35 -46.68 -11.88
CA LEU A 1216 -19.39 -45.69 -11.67
C LEU A 1216 -18.81 -44.38 -11.15
N THR A 1217 -18.19 -44.43 -9.96
CA THR A 1217 -17.60 -43.23 -9.39
C THR A 1217 -16.48 -42.68 -10.26
N ARG A 1218 -15.77 -43.57 -10.98
CA ARG A 1218 -14.74 -43.11 -11.91
C ARG A 1218 -15.34 -42.21 -12.99
N GLN A 1219 -16.45 -42.64 -13.58
CA GLN A 1219 -17.09 -41.81 -14.60
C GLN A 1219 -17.72 -40.56 -13.99
N GLN A 1220 -18.21 -40.65 -12.75
CA GLN A 1220 -18.74 -39.47 -12.07
C GLN A 1220 -17.66 -38.41 -11.89
N LEU A 1221 -16.48 -38.82 -11.39
CA LEU A 1221 -15.40 -37.87 -11.22
C LEU A 1221 -14.85 -37.39 -12.56
N GLN A 1222 -14.87 -38.24 -13.59
CA GLN A 1222 -14.51 -37.78 -14.93
C GLN A 1222 -15.44 -36.67 -15.40
N ALA A 1223 -16.74 -36.85 -15.18
CA ALA A 1223 -17.71 -35.82 -15.56
C ALA A 1223 -17.46 -34.53 -14.77
N LEU A 1224 -17.19 -34.66 -13.47
CA LEU A 1224 -16.93 -33.47 -12.66
C LEU A 1224 -15.68 -32.74 -13.13
N LEU A 1225 -14.63 -33.49 -13.47
CA LEU A 1225 -13.40 -32.88 -13.98
C LEU A 1225 -13.65 -32.17 -15.30
N LEU A 1226 -14.43 -32.80 -16.20
CA LEU A 1226 -14.76 -32.16 -17.46
C LEU A 1226 -15.54 -30.87 -17.23
N LYS A 1227 -16.50 -30.89 -16.30
CA LYS A 1227 -17.27 -29.70 -15.99
C LYS A 1227 -16.37 -28.58 -15.46
N ARG A 1228 -15.47 -28.91 -14.53
CA ARG A 1228 -14.58 -27.89 -13.99
C ARG A 1228 -13.65 -27.33 -15.05
N PHE A 1229 -13.11 -28.21 -15.90
CA PHE A 1229 -12.20 -27.76 -16.96
C PHE A 1229 -12.93 -26.83 -17.93
N LEU A 1230 -14.16 -27.19 -18.32
CA LEU A 1230 -14.91 -26.34 -19.23
C LEU A 1230 -15.23 -25.00 -18.58
N LEU A 1231 -15.65 -25.01 -17.31
CA LEU A 1231 -15.98 -23.77 -16.62
C LEU A 1231 -14.77 -22.85 -16.54
N ALA A 1232 -13.59 -23.42 -16.25
CA ALA A 1232 -12.39 -22.59 -16.19
C ALA A 1232 -12.00 -22.09 -17.58
N ARG A 1233 -12.14 -22.93 -18.61
CA ARG A 1233 -11.66 -22.56 -19.93
C ARG A 1233 -12.55 -21.52 -20.60
N ARG A 1234 -13.85 -21.49 -20.28
CA ARG A 1234 -14.75 -20.53 -20.91
C ARG A 1234 -14.37 -19.09 -20.62
N SER A 1235 -13.71 -18.82 -19.50
CA SER A 1235 -13.26 -17.48 -19.14
C SER A 1235 -11.80 -17.34 -19.58
N ARG A 1236 -11.59 -17.11 -20.87
CA ARG A 1236 -10.24 -17.14 -21.43
C ARG A 1236 -9.38 -16.00 -20.88
N ARG A 1237 -9.90 -14.77 -20.92
CA ARG A 1237 -9.12 -13.64 -20.42
C ARG A 1237 -8.90 -13.73 -18.93
N GLY A 1238 -9.92 -14.15 -18.18
CA GLY A 1238 -9.79 -14.22 -16.73
C GLY A 1238 -8.72 -15.20 -16.28
N LEU A 1239 -8.71 -16.40 -16.86
CA LEU A 1239 -7.73 -17.40 -16.46
C LEU A 1239 -6.32 -16.94 -16.79
N PHE A 1240 -6.12 -16.35 -17.97
CA PHE A 1240 -4.80 -15.85 -18.32
C PHE A 1240 -4.37 -14.74 -17.36
N ALA A 1241 -5.28 -13.83 -17.03
CA ALA A 1241 -4.94 -12.75 -16.12
C ALA A 1241 -4.56 -13.27 -14.73
N GLN A 1242 -5.29 -14.27 -14.24
CA GLN A 1242 -5.06 -14.76 -12.88
C GLN A 1242 -4.03 -15.88 -12.80
N ILE A 1243 -3.47 -16.33 -13.93
CA ILE A 1243 -2.35 -17.28 -13.93
C ILE A 1243 -1.05 -16.62 -14.38
N VAL A 1244 -1.01 -16.07 -15.59
CA VAL A 1244 0.25 -15.62 -16.18
C VAL A 1244 0.82 -14.43 -15.42
N LEU A 1245 -0.02 -13.46 -15.06
CA LEU A 1245 0.48 -12.22 -14.47
C LEU A 1245 1.23 -12.41 -13.16
N PRO A 1246 0.71 -13.15 -12.16
CA PRO A 1246 1.45 -13.24 -10.89
C PRO A 1246 2.83 -13.84 -11.03
N ALA A 1247 3.01 -14.84 -11.89
CA ALA A 1247 4.33 -15.45 -12.05
C ALA A 1247 5.29 -14.50 -12.77
N LEU A 1248 4.85 -13.92 -13.88
CA LEU A 1248 5.73 -13.04 -14.65
C LEU A 1248 6.05 -11.77 -13.89
N PHE A 1249 5.21 -11.37 -12.93
CA PHE A 1249 5.53 -10.21 -12.10
C PHE A 1249 6.88 -10.40 -11.40
N VAL A 1250 6.98 -11.44 -10.57
CA VAL A 1250 8.25 -11.73 -9.90
C VAL A 1250 9.32 -12.12 -10.91
N GLY A 1251 8.92 -12.78 -12.00
CA GLY A 1251 9.90 -13.17 -13.01
C GLY A 1251 10.67 -11.99 -13.56
N LEU A 1252 9.94 -10.92 -13.92
CA LEU A 1252 10.59 -9.71 -14.40
C LEU A 1252 11.13 -8.84 -13.27
N ALA A 1253 10.64 -9.03 -12.04
CA ALA A 1253 11.19 -8.30 -10.91
C ALA A 1253 12.51 -8.86 -10.43
N LEU A 1254 12.84 -10.11 -10.81
CA LEU A 1254 14.10 -10.71 -10.37
C LEU A 1254 15.30 -9.94 -10.92
N VAL A 1255 15.27 -9.61 -12.21
CA VAL A 1255 16.40 -8.94 -12.83
C VAL A 1255 16.57 -7.52 -12.29
N PHE A 1256 15.46 -6.85 -11.98
CA PHE A 1256 15.48 -5.46 -11.56
C PHE A 1256 15.61 -5.29 -10.04
N SER A 1257 15.74 -6.39 -9.29
CA SER A 1257 15.86 -6.33 -7.85
C SER A 1257 17.30 -6.29 -7.37
N LEU A 1258 18.28 -6.38 -8.27
CA LEU A 1258 19.69 -6.37 -7.92
C LEU A 1258 20.31 -4.98 -8.03
N ILE A 1259 19.52 -3.94 -7.79
CA ILE A 1259 20.06 -2.57 -7.83
C ILE A 1259 21.11 -2.37 -6.75
N VAL A 1260 20.84 -2.86 -5.54
CA VAL A 1260 21.78 -2.76 -4.43
C VAL A 1260 22.99 -3.63 -4.72
N PRO A 1261 24.21 -3.09 -4.72
CA PRO A 1261 25.39 -3.88 -5.03
C PRO A 1261 25.66 -4.91 -3.95
N PRO A 1262 26.15 -6.09 -4.31
CA PRO A 1262 26.54 -7.07 -3.29
C PRO A 1262 27.77 -6.63 -2.52
N PHE A 1263 27.85 -7.07 -1.27
CA PHE A 1263 28.99 -6.74 -0.44
C PHE A 1263 30.25 -7.43 -0.96
N GLY A 1264 31.38 -6.75 -0.80
CA GLY A 1264 32.64 -7.29 -1.24
C GLY A 1264 33.80 -6.51 -0.66
N HIS A 1265 34.99 -6.80 -1.18
CA HIS A 1265 36.19 -6.10 -0.74
C HIS A 1265 36.11 -4.63 -1.12
N TYR A 1266 36.62 -3.77 -0.25
CA TYR A 1266 36.64 -2.34 -0.55
C TYR A 1266 37.71 -2.06 -1.61
N PRO A 1267 37.36 -1.35 -2.68
CA PRO A 1267 38.32 -1.16 -3.78
C PRO A 1267 39.47 -0.25 -3.38
N ALA A 1268 40.60 -0.44 -4.07
CA ALA A 1268 41.75 0.43 -3.87
C ALA A 1268 41.46 1.80 -4.47
N LEU A 1269 41.73 2.85 -3.68
CA LEU A 1269 41.40 4.21 -4.06
C LEU A 1269 42.66 5.04 -4.22
N ARG A 1270 42.71 5.85 -5.28
CA ARG A 1270 43.77 6.80 -5.48
C ARG A 1270 43.40 8.12 -4.81
N LEU A 1271 44.38 8.72 -4.13
CA LEU A 1271 44.15 9.93 -3.36
C LEU A 1271 44.73 11.12 -4.12
N SER A 1272 43.88 12.10 -4.41
CA SER A 1272 44.27 13.31 -5.13
C SER A 1272 43.16 14.34 -5.04
N PRO A 1273 43.49 15.63 -4.95
CA PRO A 1273 42.43 16.65 -4.91
C PRO A 1273 41.58 16.69 -6.17
N THR A 1274 42.12 16.29 -7.32
CA THR A 1274 41.39 16.37 -8.56
C THR A 1274 40.23 15.39 -8.65
N MET A 1275 40.14 14.42 -7.73
CA MET A 1275 39.07 13.44 -7.78
C MET A 1275 37.71 14.01 -7.42
N TYR A 1276 37.65 15.24 -6.92
CA TYR A 1276 36.36 15.85 -6.57
C TYR A 1276 35.77 16.66 -7.70
N GLY A 1277 36.60 17.30 -8.52
CA GLY A 1277 36.10 18.11 -9.61
C GLY A 1277 36.42 19.59 -9.47
N ALA A 1278 35.65 20.45 -10.13
CA ALA A 1278 35.85 21.88 -10.01
C ALA A 1278 35.57 22.34 -8.58
N GLN A 1279 36.39 23.27 -8.09
CA GLN A 1279 36.35 23.65 -6.69
C GLN A 1279 37.09 24.97 -6.52
N VAL A 1280 37.26 25.39 -5.26
CA VAL A 1280 37.93 26.64 -4.91
C VAL A 1280 38.96 26.34 -3.83
N SER A 1281 40.17 26.85 -4.01
CA SER A 1281 41.29 26.59 -3.11
C SER A 1281 41.98 27.88 -2.74
N PHE A 1282 42.90 27.79 -1.77
CA PHE A 1282 43.63 28.94 -1.25
C PHE A 1282 45.12 28.77 -1.50
N PHE A 1283 45.83 29.88 -1.63
CA PHE A 1283 47.29 29.86 -1.58
C PHE A 1283 47.81 31.06 -0.79
N SER A 1284 47.18 31.34 0.35
CA SER A 1284 47.53 32.51 1.13
C SER A 1284 48.96 32.42 1.63
N GLU A 1285 49.65 33.56 1.67
CA GLU A 1285 51.06 33.57 2.02
C GLU A 1285 51.36 34.72 2.98
N ASP A 1286 52.37 34.50 3.82
CA ASP A 1286 52.84 35.51 4.77
C ASP A 1286 54.36 35.57 4.70
N ALA A 1287 54.90 36.77 4.93
CA ALA A 1287 56.34 37.02 4.94
C ALA A 1287 57.01 36.50 3.68
N PRO A 1288 56.81 37.18 2.53
CA PRO A 1288 57.32 36.64 1.26
C PRO A 1288 58.77 37.02 0.99
N GLY A 1289 59.48 37.49 2.00
CA GLY A 1289 60.86 37.92 1.81
C GLY A 1289 61.87 36.79 1.77
N ASP A 1290 61.69 35.86 0.84
CA ASP A 1290 62.63 34.75 0.69
C ASP A 1290 62.43 34.08 -0.67
N PRO A 1291 63.52 33.85 -1.42
CA PRO A 1291 63.37 33.19 -2.74
C PRO A 1291 62.79 31.79 -2.64
N GLY A 1292 63.12 31.05 -1.58
CA GLY A 1292 62.61 29.70 -1.45
C GLY A 1292 61.10 29.65 -1.30
N ARG A 1293 60.54 30.60 -0.55
CA ARG A 1293 59.09 30.68 -0.41
C ARG A 1293 58.43 30.99 -1.75
N ALA A 1294 59.05 31.89 -2.54
CA ALA A 1294 58.52 32.17 -3.87
C ALA A 1294 58.57 30.94 -4.76
N ARG A 1295 59.66 30.18 -4.70
CA ARG A 1295 59.76 28.95 -5.48
C ARG A 1295 58.69 27.96 -5.06
N LEU A 1296 58.46 27.80 -3.75
CA LEU A 1296 57.44 26.89 -3.27
C LEU A 1296 56.05 27.33 -3.72
N LEU A 1297 55.78 28.64 -3.67
CA LEU A 1297 54.49 29.14 -4.13
C LEU A 1297 54.30 28.90 -5.62
N GLU A 1298 55.34 29.10 -6.41
CA GLU A 1298 55.25 28.83 -7.84
C GLU A 1298 55.02 27.35 -8.10
N ALA A 1299 55.66 26.48 -7.31
CA ALA A 1299 55.43 25.05 -7.44
C ALA A 1299 53.99 24.70 -7.12
N LEU A 1300 53.43 25.29 -6.05
CA LEU A 1300 52.03 25.08 -5.72
C LEU A 1300 51.12 25.52 -6.85
N LEU A 1301 51.39 26.70 -7.42
CA LEU A 1301 50.58 27.20 -8.53
C LEU A 1301 50.64 26.27 -9.73
N GLN A 1302 51.84 25.80 -10.07
CA GLN A 1302 51.98 24.89 -11.20
C GLN A 1302 51.27 23.57 -10.95
N GLU A 1303 51.37 23.05 -9.72
CA GLU A 1303 50.70 21.80 -9.40
C GLU A 1303 49.19 21.96 -9.41
N ALA A 1304 48.68 23.14 -9.07
CA ALA A 1304 47.24 23.36 -9.10
C ALA A 1304 46.67 23.29 -10.51
N GLY A 1305 47.51 23.38 -11.53
CA GLY A 1305 47.05 23.28 -12.91
C GLY A 1305 47.10 24.61 -13.65
N LEU A 1306 48.03 25.47 -13.25
CA LEU A 1306 48.16 26.80 -13.83
C LEU A 1306 49.41 26.86 -14.71
N GLU A 1307 49.30 27.55 -15.83
CA GLU A 1307 50.39 27.65 -16.79
C GLU A 1307 51.11 28.99 -16.63
N GLU A 1308 52.44 28.94 -16.63
CA GLU A 1308 53.23 30.16 -16.48
C GLU A 1308 53.16 30.99 -17.75
N PRO A 1309 52.66 32.22 -17.69
CA PRO A 1309 52.53 33.04 -18.90
C PRO A 1309 53.75 33.94 -19.07
N PRO A 1310 53.88 34.61 -20.21
CA PRO A 1310 54.93 35.63 -20.35
C PRO A 1310 54.71 36.78 -19.36
N VAL A 1311 55.80 37.47 -19.05
CA VAL A 1311 55.79 38.45 -17.97
C VAL A 1311 54.79 39.56 -18.24
N GLN A 1312 54.65 39.97 -19.51
CA GLN A 1312 53.70 41.03 -19.83
C GLN A 1312 52.28 40.63 -19.49
N HIS A 1313 51.88 39.40 -19.83
CA HIS A 1313 50.58 38.89 -19.41
C HIS A 1313 50.59 38.45 -17.95
N SER A 1314 51.73 37.98 -17.45
CA SER A 1314 51.82 37.57 -16.05
C SER A 1314 51.61 38.73 -15.08
N SER A 1315 51.82 39.97 -15.54
CA SER A 1315 51.60 41.12 -14.67
C SER A 1315 50.15 41.18 -14.20
N HIS A 1316 49.21 40.88 -15.10
CA HIS A 1316 47.78 40.86 -14.78
C HIS A 1316 47.24 39.44 -14.79
N ARG A 1317 48.02 38.49 -14.26
CA ARG A 1317 47.61 37.09 -14.25
C ARG A 1317 46.37 36.87 -13.37
N PHE A 1318 46.11 37.75 -12.42
CA PHE A 1318 44.93 37.65 -11.56
C PHE A 1318 44.06 38.88 -11.76
N SER A 1319 42.75 38.68 -11.63
CA SER A 1319 41.78 39.75 -11.80
C SER A 1319 40.83 39.78 -10.62
N ALA A 1320 40.53 40.99 -10.15
CA ALA A 1320 39.62 41.18 -9.01
C ALA A 1320 38.20 41.39 -9.51
N PRO A 1321 37.23 40.60 -9.06
CA PRO A 1321 35.85 40.79 -9.50
C PRO A 1321 35.30 42.13 -9.05
N GLU A 1322 34.41 42.69 -9.85
CA GLU A 1322 33.82 43.98 -9.56
C GLU A 1322 32.91 43.90 -8.34
N VAL A 1323 32.90 44.96 -7.55
CA VAL A 1323 32.09 45.03 -6.33
C VAL A 1323 30.81 45.79 -6.64
N PRO A 1324 29.65 45.33 -6.18
CA PRO A 1324 28.42 46.11 -6.37
C PRO A 1324 28.50 47.44 -5.64
N ALA A 1325 27.79 48.43 -6.20
CA ALA A 1325 27.89 49.80 -5.69
C ALA A 1325 27.41 49.90 -4.24
N GLU A 1326 26.29 49.24 -3.91
CA GLU A 1326 25.76 49.35 -2.57
C GLU A 1326 26.67 48.71 -1.53
N VAL A 1327 27.33 47.61 -1.90
CA VAL A 1327 28.28 46.98 -0.98
C VAL A 1327 29.46 47.92 -0.73
N ALA A 1328 29.96 48.56 -1.79
CA ALA A 1328 31.05 49.52 -1.63
C ALA A 1328 30.62 50.69 -0.75
N LYS A 1329 29.39 51.19 -0.93
CA LYS A 1329 28.90 52.27 -0.10
C LYS A 1329 28.80 51.85 1.36
N VAL A 1330 28.33 50.63 1.61
CA VAL A 1330 28.23 50.14 2.98
C VAL A 1330 29.61 50.02 3.61
N LEU A 1331 30.57 49.49 2.86
CA LEU A 1331 31.93 49.35 3.38
C LEU A 1331 32.56 50.71 3.67
N ALA A 1332 32.36 51.67 2.76
CA ALA A 1332 32.90 53.00 2.97
C ALA A 1332 32.25 53.69 4.17
N SER A 1333 30.94 53.51 4.35
CA SER A 1333 30.26 54.15 5.47
C SER A 1333 30.80 53.66 6.80
N GLY A 1334 31.06 52.36 6.91
CA GLY A 1334 31.70 51.82 8.08
C GLY A 1334 33.21 52.01 8.04
N ASN A 1335 33.85 51.67 9.16
CA ASN A 1335 35.29 51.77 9.30
C ASN A 1335 35.86 50.35 9.16
N TRP A 1336 36.11 49.94 7.92
CA TRP A 1336 36.56 48.60 7.61
C TRP A 1336 37.92 48.64 6.94
N THR A 1337 38.85 47.86 7.49
CA THR A 1337 40.18 47.65 6.94
C THR A 1337 40.28 46.21 6.43
N PRO A 1338 41.32 45.90 5.63
CA PRO A 1338 41.48 44.51 5.17
C PRO A 1338 41.62 43.51 6.32
N GLU A 1339 42.00 43.95 7.51
CA GLU A 1339 42.04 43.08 8.68
C GLU A 1339 40.82 43.25 9.58
N SER A 1340 40.18 44.41 9.58
CA SER A 1340 39.11 44.70 10.52
C SER A 1340 37.94 43.75 10.31
N PRO A 1341 37.14 43.51 11.35
CA PRO A 1341 36.04 42.55 11.24
C PRO A 1341 35.00 42.97 10.20
N SER A 1342 34.32 41.97 9.64
CA SER A 1342 33.26 42.21 8.69
C SER A 1342 32.09 42.93 9.37
N PRO A 1343 31.24 43.62 8.58
CA PRO A 1343 30.18 44.47 9.17
C PRO A 1343 29.38 43.81 10.28
N ALA A 1344 28.71 42.69 9.97
CA ALA A 1344 27.88 41.98 10.93
C ALA A 1344 27.32 40.74 10.26
N CYS A 1345 26.68 39.89 11.07
CA CYS A 1345 25.92 38.75 10.57
C CYS A 1345 24.99 38.28 11.66
N GLN A 1346 23.69 38.29 11.38
CA GLN A 1346 22.70 37.98 12.41
C GLN A 1346 22.69 36.49 12.72
N CYS A 1347 22.06 36.16 13.86
CA CYS A 1347 22.03 34.79 14.34
C CYS A 1347 20.61 34.35 14.70
N SER A 1348 20.47 33.18 15.31
CA SER A 1348 19.15 32.65 15.63
C SER A 1348 18.52 33.43 16.78
N ARG A 1349 17.43 34.12 16.50
CA ARG A 1349 16.72 34.86 17.53
C ARG A 1349 16.02 33.90 18.48
N PRO A 1350 15.70 34.35 19.69
CA PRO A 1350 14.91 33.51 20.61
C PRO A 1350 13.56 33.17 20.01
N GLY A 1351 13.36 31.88 19.75
CA GLY A 1351 12.13 31.43 19.11
C GLY A 1351 12.25 31.32 17.60
N ALA A 1352 12.54 32.43 16.94
CA ALA A 1352 12.63 32.49 15.48
C ALA A 1352 13.93 31.82 15.04
N ARG A 1353 13.93 30.49 15.06
CA ARG A 1353 15.11 29.72 14.70
C ARG A 1353 15.32 29.70 13.19
N ARG A 1354 16.57 29.58 12.79
CA ARG A 1354 16.96 29.44 11.39
C ARG A 1354 17.95 28.30 11.25
N LEU A 1355 17.94 27.67 10.08
CA LEU A 1355 18.88 26.58 9.81
C LEU A 1355 20.31 27.11 9.75
N LEU A 1356 20.55 28.15 8.97
CA LEU A 1356 21.85 28.78 8.84
C LEU A 1356 21.69 30.28 8.90
N PRO A 1357 22.66 31.01 9.44
CA PRO A 1357 22.58 32.47 9.45
C PRO A 1357 22.57 33.02 8.03
N ASP A 1358 21.79 34.08 7.83
CA ASP A 1358 21.70 34.77 6.55
C ASP A 1358 21.85 36.27 6.81
N CYS A 1359 22.89 36.85 6.25
CA CYS A 1359 23.23 38.26 6.44
C CYS A 1359 23.67 38.85 5.11
N PRO A 1360 23.59 40.19 4.96
CA PRO A 1360 23.79 40.80 3.64
C PRO A 1360 25.16 40.53 3.06
N ALA A 1361 25.26 40.76 1.75
CA ALA A 1361 26.48 40.47 0.99
C ALA A 1361 27.64 41.38 1.35
N ALA A 1362 27.39 42.46 2.11
CA ALA A 1362 28.49 43.32 2.54
C ALA A 1362 29.42 42.63 3.52
N ALA A 1363 28.96 41.57 4.17
CA ALA A 1363 29.80 40.81 5.07
C ALA A 1363 30.83 40.00 4.29
N GLY A 1364 32.04 39.90 4.84
CA GLY A 1364 33.12 39.19 4.19
C GLY A 1364 33.98 40.03 3.27
N GLY A 1365 33.60 41.28 3.02
CA GLY A 1365 34.39 42.16 2.19
C GLY A 1365 34.18 41.92 0.71
N PRO A 1366 34.94 42.63 -0.11
CA PRO A 1366 34.82 42.47 -1.57
C PRO A 1366 35.31 41.10 -2.01
N PRO A 1367 34.85 40.61 -3.16
CA PRO A 1367 35.33 39.32 -3.66
C PRO A 1367 36.82 39.36 -3.96
N PRO A 1368 37.58 38.41 -3.43
CA PRO A 1368 39.03 38.42 -3.64
C PRO A 1368 39.39 38.11 -5.08
N PRO A 1369 40.56 38.54 -5.55
CA PRO A 1369 40.97 38.20 -6.92
C PRO A 1369 41.09 36.71 -7.11
N GLN A 1370 40.78 36.24 -8.31
CA GLN A 1370 40.75 34.82 -8.58
C GLN A 1370 41.13 34.55 -10.03
N ALA A 1371 41.52 33.31 -10.29
CA ALA A 1371 41.84 32.85 -11.64
C ALA A 1371 41.33 31.43 -11.81
N VAL A 1372 41.12 31.05 -13.07
CA VAL A 1372 40.58 29.74 -13.42
C VAL A 1372 41.64 28.97 -14.20
N THR A 1373 41.91 27.74 -13.76
CA THR A 1373 42.90 26.89 -14.40
C THR A 1373 42.29 26.13 -15.58
N GLY A 1374 43.12 25.31 -16.22
CA GLY A 1374 42.64 24.52 -17.34
C GLY A 1374 41.77 23.35 -16.94
N SER A 1375 41.81 22.96 -15.67
CA SER A 1375 41.00 21.85 -15.16
C SER A 1375 39.73 22.32 -14.47
N GLY A 1376 39.41 23.61 -14.55
CA GLY A 1376 38.22 24.14 -13.93
C GLY A 1376 38.37 24.53 -12.48
N GLU A 1377 39.55 24.39 -11.89
CA GLU A 1377 39.76 24.80 -10.52
C GLU A 1377 39.83 26.32 -10.41
N VAL A 1378 39.51 26.82 -9.21
CA VAL A 1378 39.54 28.25 -8.92
C VAL A 1378 40.51 28.49 -7.77
N VAL A 1379 41.42 29.43 -7.95
CA VAL A 1379 42.40 29.80 -6.93
C VAL A 1379 42.16 31.24 -6.52
N GLN A 1380 42.26 31.50 -5.21
CA GLN A 1380 41.90 32.79 -4.64
C GLN A 1380 42.99 33.27 -3.70
N ASN A 1381 43.37 34.54 -3.86
CA ASN A 1381 44.54 35.15 -3.23
C ASN A 1381 44.05 36.00 -2.07
N LEU A 1382 44.21 35.48 -0.85
CA LEU A 1382 43.47 35.93 0.33
C LEU A 1382 44.34 36.51 1.44
N THR A 1383 45.52 37.02 1.12
CA THR A 1383 46.38 37.59 2.15
C THR A 1383 45.77 38.88 2.73
N GLY A 1384 46.20 39.21 3.94
CA GLY A 1384 45.80 40.46 4.57
C GLY A 1384 44.48 40.45 5.30
N ARG A 1385 43.88 39.28 5.52
CA ARG A 1385 42.58 39.17 6.17
C ARG A 1385 42.72 38.35 7.45
N ASN A 1386 41.61 38.23 8.21
CA ASN A 1386 41.52 37.08 9.10
C ASN A 1386 41.71 35.77 8.34
N LEU A 1387 41.00 35.61 7.21
CA LEU A 1387 40.92 34.35 6.47
C LEU A 1387 40.11 33.35 7.29
N SER A 1388 39.58 33.78 8.43
CA SER A 1388 38.71 32.97 9.27
C SER A 1388 37.30 33.54 9.33
N ASP A 1389 37.17 34.81 9.72
CA ASP A 1389 35.86 35.46 9.68
C ASP A 1389 35.31 35.50 8.26
N PHE A 1390 36.19 35.68 7.27
CA PHE A 1390 35.77 35.62 5.88
C PHE A 1390 35.11 34.28 5.56
N LEU A 1391 35.75 33.18 5.98
CA LEU A 1391 35.19 31.85 5.75
C LEU A 1391 33.85 31.69 6.46
N VAL A 1392 33.79 32.12 7.72
CA VAL A 1392 32.56 31.97 8.50
C VAL A 1392 31.42 32.73 7.82
N LYS A 1393 31.70 33.93 7.31
CA LYS A 1393 30.65 34.73 6.69
C LYS A 1393 30.24 34.16 5.34
N THR A 1394 31.20 33.74 4.51
CA THR A 1394 30.90 33.35 3.14
C THR A 1394 30.56 31.88 2.98
N TYR A 1395 30.59 31.08 4.05
CA TYR A 1395 30.26 29.67 3.92
C TYR A 1395 28.85 29.41 3.41
N PRO A 1396 27.78 29.94 4.01
CA PRO A 1396 26.43 29.50 3.62
C PRO A 1396 26.06 29.81 2.18
N ARG A 1397 26.69 30.83 1.57
CA ARG A 1397 26.33 31.20 0.21
C ARG A 1397 26.65 30.08 -0.78
N LEU A 1398 27.78 29.41 -0.60
CA LEU A 1398 28.15 28.32 -1.49
C LEU A 1398 27.22 27.13 -1.33
N VAL A 1399 26.81 26.83 -0.09
CA VAL A 1399 26.05 25.62 0.18
C VAL A 1399 24.57 25.82 -0.15
N ARG A 1400 24.08 27.07 -0.12
CA ARG A 1400 22.64 27.31 -0.31
C ARG A 1400 22.13 26.74 -1.62
N GLN A 1401 22.97 26.66 -2.65
CA GLN A 1401 22.53 26.16 -3.94
C GLN A 1401 22.07 24.71 -3.85
N GLY A 1402 22.82 23.87 -3.15
CA GLY A 1402 22.51 22.46 -3.03
C GLY A 1402 21.56 22.08 -1.91
N LEU A 1403 20.98 23.06 -1.22
CA LEU A 1403 20.11 22.77 -0.09
C LEU A 1403 18.71 22.33 -0.51
N LYS A 1404 18.37 22.40 -1.79
CA LYS A 1404 17.01 22.09 -2.22
C LYS A 1404 16.68 20.62 -2.00
N THR A 1405 17.61 19.72 -2.31
CA THR A 1405 17.35 18.29 -2.20
C THR A 1405 17.97 17.65 -0.96
N LYS A 1406 19.12 18.15 -0.50
CA LYS A 1406 19.78 17.64 0.70
C LYS A 1406 20.05 16.13 0.60
N LYS A 1407 20.49 15.67 -0.57
CA LYS A 1407 20.83 14.27 -0.77
C LYS A 1407 22.31 14.06 -0.99
N TRP A 1408 22.88 14.70 -2.02
CA TRP A 1408 24.32 14.63 -2.30
C TRP A 1408 24.79 16.06 -2.52
N VAL A 1409 25.12 16.75 -1.43
CA VAL A 1409 25.49 18.15 -1.50
C VAL A 1409 26.93 18.28 -1.95
N ASN A 1410 27.18 19.14 -2.93
CA ASN A 1410 28.50 19.34 -3.52
C ASN A 1410 29.01 20.72 -3.08
N GLU A 1411 29.75 20.74 -1.97
CA GLU A 1411 30.39 21.98 -1.54
C GLU A 1411 31.52 22.34 -2.50
N VAL A 1412 31.91 23.61 -2.49
CA VAL A 1412 32.98 24.07 -3.36
C VAL A 1412 34.31 24.14 -2.62
N ARG A 1413 34.31 24.75 -1.43
CA ARG A 1413 35.54 24.89 -0.67
C ARG A 1413 35.84 23.61 0.10
N TYR A 1414 37.01 23.03 -0.16
CA TYR A 1414 37.44 21.79 0.49
C TYR A 1414 38.75 21.97 1.25
N GLY A 1415 39.65 22.80 0.73
CA GLY A 1415 40.95 22.93 1.39
C GLY A 1415 41.70 24.13 0.87
N GLY A 1416 42.74 24.48 1.62
CA GLY A 1416 43.56 25.62 1.28
C GLY A 1416 44.91 25.55 1.96
N PHE A 1417 45.83 26.39 1.47
CA PHE A 1417 47.20 26.44 1.97
C PHE A 1417 47.51 27.84 2.48
N SER A 1418 48.24 27.91 3.58
CA SER A 1418 48.80 29.16 4.07
C SER A 1418 50.28 28.96 4.34
N LEU A 1419 51.10 29.85 3.79
CA LEU A 1419 52.55 29.72 3.84
C LEU A 1419 53.11 30.54 5.00
N GLY A 1420 52.76 30.13 6.21
CA GLY A 1420 53.32 30.74 7.40
C GLY A 1420 54.82 30.52 7.47
N GLY A 1421 55.59 31.60 7.54
CA GLY A 1421 57.04 31.54 7.52
C GLY A 1421 57.63 31.86 8.87
N ARG A 1422 58.64 31.09 9.25
CA ARG A 1422 59.40 31.29 10.50
C ARG A 1422 58.42 31.21 11.68
N ASP A 1423 58.76 31.84 12.80
CA ASP A 1423 57.92 31.86 13.99
C ASP A 1423 58.36 33.02 14.87
N PRO A 1424 57.46 33.95 15.21
CA PRO A 1424 57.87 35.08 16.06
C PRO A 1424 58.32 34.63 17.44
N GLY A 1425 59.61 34.82 17.71
CA GLY A 1425 60.19 34.40 18.98
C GLY A 1425 61.68 34.61 18.95
N LEU A 1426 62.30 34.29 20.09
CA LEU A 1426 63.75 34.44 20.26
C LEU A 1426 64.33 33.15 20.81
N PRO A 1427 64.45 32.12 19.98
CA PRO A 1427 65.13 30.89 20.43
C PRO A 1427 66.65 31.05 20.42
N SER A 1428 67.17 31.72 19.39
CA SER A 1428 68.60 31.98 19.23
C SER A 1428 69.40 30.69 19.39
N GLY A 1429 69.04 29.69 18.58
CA GLY A 1429 69.69 28.39 18.67
C GLY A 1429 71.10 28.35 18.11
N GLN A 1430 71.52 29.38 17.38
CA GLN A 1430 72.88 29.40 16.84
C GLN A 1430 73.90 29.53 17.95
N GLU A 1431 73.70 30.48 18.87
CA GLU A 1431 74.61 30.62 20.00
C GLU A 1431 74.54 29.41 20.92
N LEU A 1432 73.39 28.74 21.00
CA LEU A 1432 73.30 27.49 21.73
C LEU A 1432 74.22 26.44 21.12
N GLY A 1433 74.20 26.32 19.78
CA GLY A 1433 75.10 25.40 19.12
C GLY A 1433 76.55 25.78 19.33
N ARG A 1434 76.86 27.09 19.31
CA ARG A 1434 78.23 27.53 19.57
C ARG A 1434 78.67 27.12 20.96
N SER A 1435 77.80 27.31 21.96
CA SER A 1435 78.15 26.92 23.32
C SER A 1435 78.36 25.43 23.44
N VAL A 1436 77.48 24.64 22.82
CA VAL A 1436 77.59 23.18 22.93
C VAL A 1436 78.87 22.69 22.26
N GLU A 1437 79.19 23.23 21.08
CA GLU A 1437 80.41 22.80 20.41
C GLU A 1437 81.66 23.27 21.14
N GLU A 1438 81.59 24.45 21.78
CA GLU A 1438 82.72 24.89 22.61
C GLU A 1438 82.93 23.97 23.79
N LEU A 1439 81.83 23.54 24.43
CA LEU A 1439 81.94 22.60 25.54
C LEU A 1439 82.49 21.25 25.07
N TRP A 1440 82.02 20.78 23.92
CA TRP A 1440 82.46 19.48 23.42
C TRP A 1440 83.94 19.49 23.05
N ALA A 1441 84.36 20.47 22.25
CA ALA A 1441 85.73 20.49 21.75
C ALA A 1441 86.74 20.68 22.87
N LEU A 1442 86.43 21.56 23.83
CA LEU A 1442 87.40 21.92 24.86
C LEU A 1442 87.31 21.01 26.07
N LEU A 1443 86.13 20.91 26.68
CA LEU A 1443 85.97 20.18 27.93
C LEU A 1443 85.66 18.71 27.67
N SER A 1444 86.51 17.82 28.21
CA SER A 1444 86.34 16.38 28.18
C SER A 1444 86.09 15.84 26.78
N PRO A 1445 87.08 15.88 25.87
CA PRO A 1445 86.91 15.26 24.55
C PRO A 1445 87.10 13.75 24.66
N LEU A 1446 86.00 13.01 24.52
CA LEU A 1446 86.03 11.56 24.64
C LEU A 1446 86.19 10.93 23.26
N PRO A 1447 87.31 10.27 22.97
CA PRO A 1447 87.45 9.64 21.63
C PRO A 1447 86.40 8.58 21.35
N GLY A 1448 85.92 7.88 22.37
CA GLY A 1448 84.94 6.83 22.15
C GLY A 1448 83.59 7.33 21.68
N GLY A 1449 83.30 8.61 21.87
CA GLY A 1449 82.05 9.18 21.42
C GLY A 1449 80.89 9.02 22.37
N ALA A 1450 81.13 8.52 23.59
CA ALA A 1450 80.04 8.35 24.54
C ALA A 1450 79.32 9.67 24.82
N LEU A 1451 80.10 10.73 25.02
CA LEU A 1451 79.54 12.08 25.14
C LEU A 1451 79.63 12.86 23.84
N ASP A 1452 80.59 12.53 22.97
CA ASP A 1452 80.80 13.31 21.76
C ASP A 1452 79.61 13.20 20.81
N ARG A 1453 79.05 12.00 20.64
CA ARG A 1453 77.89 11.85 19.76
C ARG A 1453 76.67 12.57 20.32
N VAL A 1454 76.50 12.53 21.65
CA VAL A 1454 75.39 13.24 22.27
C VAL A 1454 75.54 14.74 22.02
N LEU A 1455 76.75 15.28 22.26
CA LEU A 1455 76.97 16.70 22.03
C LEU A 1455 76.82 17.05 20.54
N LYS A 1456 77.18 16.11 19.65
CA LYS A 1456 76.99 16.34 18.22
C LYS A 1456 75.52 16.49 17.87
N ASN A 1457 74.67 15.60 18.41
CA ASN A 1457 73.26 15.69 18.10
C ASN A 1457 72.59 16.87 18.80
N LEU A 1458 73.11 17.30 19.96
CA LEU A 1458 72.67 18.57 20.54
C LEU A 1458 73.03 19.76 19.65
N THR A 1459 74.25 19.78 19.09
CA THR A 1459 74.60 20.85 18.15
C THR A 1459 73.71 20.81 16.92
N ALA A 1460 73.44 19.61 16.40
CA ALA A 1460 72.58 19.50 15.23
C ALA A 1460 71.17 19.99 15.54
N TRP A 1461 70.64 19.66 16.72
CA TRP A 1461 69.31 20.14 17.09
C TRP A 1461 69.29 21.66 17.27
N ALA A 1462 70.33 22.22 17.89
CA ALA A 1462 70.38 23.66 18.09
C ALA A 1462 70.48 24.40 16.77
N HIS A 1463 71.28 23.89 15.84
CA HIS A 1463 71.42 24.54 14.54
C HIS A 1463 70.19 24.31 13.65
N SER A 1464 69.48 23.21 13.87
CA SER A 1464 68.25 22.90 13.15
C SER A 1464 67.02 23.53 13.80
N LEU A 1465 67.19 24.26 14.90
CA LEU A 1465 66.07 24.92 15.56
C LEU A 1465 65.57 26.14 14.81
N ASP A 1466 66.20 26.49 13.69
CA ASP A 1466 65.78 27.67 12.93
C ASP A 1466 64.34 27.52 12.44
N ALA A 1467 63.98 26.34 11.93
CA ALA A 1467 62.64 26.08 11.40
C ALA A 1467 62.30 27.13 10.33
N GLN A 1468 63.04 27.04 9.22
CA GLN A 1468 63.07 28.12 8.23
C GLN A 1468 61.68 28.52 7.76
N ASP A 1469 60.77 27.56 7.63
CA ASP A 1469 59.42 27.86 7.19
C ASP A 1469 58.45 26.80 7.70
N SER A 1470 57.16 27.13 7.62
CA SER A 1470 56.09 26.22 7.98
C SER A 1470 55.05 26.24 6.86
N LEU A 1471 53.98 25.47 7.04
CA LEU A 1471 52.91 25.39 6.05
C LEU A 1471 51.68 24.84 6.74
N LYS A 1472 50.59 25.59 6.70
CA LYS A 1472 49.33 25.21 7.34
C LYS A 1472 48.33 24.81 6.27
N ILE A 1473 47.67 23.67 6.48
CA ILE A 1473 46.69 23.15 5.54
C ILE A 1473 45.32 23.23 6.19
N TRP A 1474 44.43 24.03 5.62
CA TRP A 1474 43.05 24.10 6.04
C TRP A 1474 42.26 23.02 5.30
N PHE A 1475 41.55 22.18 6.06
CA PHE A 1475 40.82 21.07 5.47
C PHE A 1475 39.35 21.13 5.89
N ASN A 1476 38.49 20.64 5.02
CA ASN A 1476 37.06 20.52 5.27
C ASN A 1476 36.74 19.04 5.45
N ASN A 1477 36.15 18.69 6.60
CA ASN A 1477 36.00 17.30 6.97
C ASN A 1477 34.81 16.62 6.29
N LYS A 1478 33.89 17.38 5.69
CA LYS A 1478 32.76 16.75 5.02
C LYS A 1478 33.23 15.88 3.86
N GLY A 1479 34.18 16.38 3.07
CA GLY A 1479 34.88 15.53 2.14
C GLY A 1479 35.69 14.49 2.90
N TRP A 1480 35.41 13.21 2.67
CA TRP A 1480 35.98 12.18 3.52
C TRP A 1480 37.50 12.08 3.36
N HIS A 1481 38.01 12.22 2.15
CA HIS A 1481 39.43 12.04 1.86
C HIS A 1481 40.11 13.33 1.42
N SER A 1482 39.71 14.46 2.01
CA SER A 1482 40.36 15.72 1.67
C SER A 1482 41.74 15.83 2.34
N MET A 1483 41.84 15.35 3.59
CA MET A 1483 43.08 15.51 4.36
C MET A 1483 44.26 14.87 3.63
N VAL A 1484 44.13 13.59 3.29
CA VAL A 1484 45.24 12.86 2.68
C VAL A 1484 45.52 13.40 1.28
N ALA A 1485 44.49 13.78 0.54
CA ALA A 1485 44.68 14.32 -0.80
C ALA A 1485 45.49 15.61 -0.76
N PHE A 1486 45.15 16.51 0.16
CA PHE A 1486 45.88 17.77 0.25
C PHE A 1486 47.28 17.56 0.81
N VAL A 1487 47.47 16.59 1.71
CA VAL A 1487 48.81 16.28 2.18
C VAL A 1487 49.67 15.78 1.02
N ASN A 1488 49.12 14.90 0.18
CA ASN A 1488 49.83 14.42 -0.99
C ASN A 1488 50.17 15.55 -1.95
N ARG A 1489 49.22 16.45 -2.17
CA ARG A 1489 49.47 17.59 -3.04
C ARG A 1489 50.59 18.46 -2.49
N ALA A 1490 50.59 18.70 -1.18
CA ALA A 1490 51.64 19.51 -0.57
C ALA A 1490 53.01 18.85 -0.71
N SER A 1491 53.07 17.53 -0.49
CA SER A 1491 54.35 16.83 -0.62
C SER A 1491 54.85 16.87 -2.06
N ASN A 1492 53.95 16.65 -3.03
CA ASN A 1492 54.34 16.71 -4.43
C ASN A 1492 54.83 18.10 -4.79
N ALA A 1493 54.16 19.14 -4.30
CA ALA A 1493 54.58 20.51 -4.57
C ALA A 1493 55.95 20.78 -3.95
N ILE A 1494 56.21 20.27 -2.75
CA ILE A 1494 57.51 20.45 -2.12
C ILE A 1494 58.61 19.82 -2.97
N LEU A 1495 58.38 18.58 -3.42
CA LEU A 1495 59.40 17.92 -4.24
C LEU A 1495 59.61 18.66 -5.56
N ARG A 1496 58.52 19.13 -6.17
CA ARG A 1496 58.65 19.92 -7.39
C ARG A 1496 59.47 21.18 -7.14
N ALA A 1497 59.23 21.85 -6.01
CA ALA A 1497 59.97 23.08 -5.70
C ALA A 1497 61.44 22.80 -5.52
N HIS A 1498 61.79 21.74 -4.79
CA HIS A 1498 63.20 21.46 -4.53
C HIS A 1498 63.91 20.84 -5.73
N LEU A 1499 63.18 20.28 -6.68
CA LEU A 1499 63.82 19.69 -7.85
C LEU A 1499 64.35 20.79 -8.78
N PRO A 1500 65.49 20.57 -9.44
CA PRO A 1500 65.97 21.55 -10.39
C PRO A 1500 65.07 21.60 -11.61
N PRO A 1501 65.01 22.74 -12.31
CA PRO A 1501 64.16 22.83 -13.51
C PRO A 1501 64.65 21.91 -14.61
N GLY A 1502 63.70 21.40 -15.38
CA GLY A 1502 64.01 20.53 -16.49
C GLY A 1502 62.89 19.55 -16.79
N PRO A 1503 63.13 18.65 -17.75
CA PRO A 1503 62.09 17.65 -18.08
C PRO A 1503 61.74 16.73 -16.93
N ALA A 1504 62.70 16.40 -16.07
CA ALA A 1504 62.44 15.48 -14.96
C ALA A 1504 61.36 16.01 -14.04
N ARG A 1505 61.23 17.35 -13.94
CA ARG A 1505 60.15 17.95 -13.15
C ARG A 1505 58.80 17.42 -13.58
N HIS A 1506 58.60 17.24 -14.89
CA HIS A 1506 57.35 16.69 -15.39
C HIS A 1506 57.27 15.18 -15.19
N ALA A 1507 58.42 14.50 -15.15
CA ALA A 1507 58.46 13.04 -15.12
C ALA A 1507 58.62 12.48 -13.72
N HIS A 1508 58.61 13.31 -12.69
CA HIS A 1508 58.78 12.86 -11.31
C HIS A 1508 57.54 13.22 -10.50
N SER A 1509 56.97 12.23 -9.82
CA SER A 1509 55.76 12.45 -9.04
C SER A 1509 55.63 11.32 -8.03
N ILE A 1510 54.72 11.52 -7.07
CA ILE A 1510 54.42 10.54 -6.04
C ILE A 1510 52.92 10.30 -6.04
N THR A 1511 52.53 9.02 -5.98
CA THR A 1511 51.13 8.63 -5.90
C THR A 1511 50.92 7.80 -4.66
N THR A 1512 49.91 8.16 -3.87
CA THR A 1512 49.58 7.46 -2.64
C THR A 1512 48.18 6.90 -2.76
N LEU A 1513 48.01 5.63 -2.39
CA LEU A 1513 46.74 4.94 -2.51
C LEU A 1513 46.26 4.52 -1.12
N ASN A 1514 45.16 3.77 -1.10
CA ASN A 1514 44.59 3.25 0.14
C ASN A 1514 43.91 1.92 -0.17
N HIS A 1515 44.27 0.88 0.57
CA HIS A 1515 43.77 -0.47 0.31
C HIS A 1515 43.76 -1.23 1.62
N PRO A 1516 42.62 -1.34 2.28
CA PRO A 1516 42.56 -2.08 3.55
C PRO A 1516 42.80 -3.56 3.36
N LEU A 1517 43.19 -4.22 4.45
CA LEU A 1517 43.32 -5.67 4.45
C LEU A 1517 41.97 -6.30 4.13
N ASN A 1518 42.02 -7.43 3.43
CA ASN A 1518 40.83 -7.97 2.77
C ASN A 1518 39.71 -8.26 3.77
N LEU A 1519 39.85 -9.24 4.66
CA LEU A 1519 38.77 -9.54 5.59
C LEU A 1519 39.30 -10.32 6.80
N THR A 1520 38.48 -10.34 7.85
CA THR A 1520 38.57 -11.27 8.97
C THR A 1520 37.24 -12.00 9.11
N LYS A 1521 37.12 -12.81 10.16
CA LYS A 1521 35.94 -13.67 10.30
C LYS A 1521 34.70 -12.88 10.70
N GLU A 1522 34.84 -11.96 11.66
CA GLU A 1522 33.68 -11.19 12.10
C GLU A 1522 33.18 -10.25 11.01
N GLN A 1523 34.10 -9.68 10.23
CA GLN A 1523 33.68 -8.89 9.07
C GLN A 1523 32.99 -9.76 8.04
N LEU A 1524 33.39 -11.03 7.92
CA LEU A 1524 32.64 -11.95 7.08
C LEU A 1524 31.22 -12.13 7.60
N SER A 1525 31.07 -12.37 8.91
CA SER A 1525 29.75 -12.55 9.48
C SER A 1525 28.87 -11.32 9.23
N GLU A 1526 29.46 -10.13 9.36
CA GLU A 1526 28.71 -8.91 9.05
C GLU A 1526 28.33 -8.85 7.58
N GLY A 1527 29.32 -8.77 6.69
CA GLY A 1527 29.07 -8.41 5.31
C GLY A 1527 28.61 -9.55 4.43
N ALA A 1528 28.42 -10.74 5.00
CA ALA A 1528 27.87 -11.82 4.19
C ALA A 1528 26.35 -11.84 4.23
N LEU A 1529 25.75 -11.67 5.42
CA LEU A 1529 24.31 -11.78 5.53
C LEU A 1529 23.61 -10.66 6.29
N MET A 1530 24.29 -9.86 7.12
CA MET A 1530 23.53 -8.85 7.84
C MET A 1530 23.04 -7.72 6.95
N ALA A 1531 23.41 -7.70 5.66
CA ALA A 1531 22.78 -6.77 4.74
C ALA A 1531 21.63 -7.42 3.97
N SER A 1532 21.95 -8.42 3.14
CA SER A 1532 20.98 -9.29 2.46
C SER A 1532 19.76 -8.56 1.90
N SER A 1533 19.94 -7.33 1.41
CA SER A 1533 18.80 -6.53 0.98
C SER A 1533 18.11 -7.14 -0.24
N VAL A 1534 18.89 -7.48 -1.27
CA VAL A 1534 18.31 -8.04 -2.48
C VAL A 1534 17.65 -9.37 -2.19
N ASP A 1535 18.31 -10.21 -1.38
CA ASP A 1535 17.74 -11.52 -1.05
C ASP A 1535 16.43 -11.38 -0.29
N VAL A 1536 16.38 -10.45 0.67
CA VAL A 1536 15.15 -10.22 1.42
C VAL A 1536 14.04 -9.74 0.49
N LEU A 1537 14.37 -8.82 -0.43
CA LEU A 1537 13.37 -8.31 -1.35
C LEU A 1537 12.83 -9.41 -2.25
N VAL A 1538 13.71 -10.26 -2.77
CA VAL A 1538 13.27 -11.38 -3.62
C VAL A 1538 12.37 -12.32 -2.82
N SER A 1539 12.76 -12.64 -1.58
CA SER A 1539 11.98 -13.57 -0.78
C SER A 1539 10.59 -13.01 -0.49
N ILE A 1540 10.51 -11.75 -0.06
CA ILE A 1540 9.21 -11.19 0.26
C ILE A 1540 8.35 -11.03 -0.99
N CYS A 1541 8.98 -10.69 -2.13
CA CYS A 1541 8.22 -10.53 -3.35
C CYS A 1541 7.60 -11.86 -3.80
N VAL A 1542 8.38 -12.94 -3.73
CA VAL A 1542 7.82 -14.24 -4.12
C VAL A 1542 6.81 -14.69 -3.06
N VAL A 1543 6.93 -14.18 -1.83
CA VAL A 1543 5.89 -14.42 -0.84
C VAL A 1543 4.57 -13.76 -1.24
N PHE A 1544 4.62 -12.48 -1.63
CA PHE A 1544 3.37 -11.80 -1.99
C PHE A 1544 2.76 -12.35 -3.26
N ALA A 1545 3.59 -12.53 -4.31
CA ALA A 1545 3.03 -12.87 -5.61
C ALA A 1545 2.37 -14.24 -5.59
N MET A 1546 2.97 -15.21 -4.91
CA MET A 1546 2.40 -16.55 -4.86
C MET A 1546 1.18 -16.63 -3.96
N SER A 1547 0.91 -15.61 -3.16
CA SER A 1547 -0.21 -15.64 -2.23
C SER A 1547 -1.54 -15.30 -2.90
N PHE A 1548 -1.50 -14.71 -4.10
CA PHE A 1548 -2.73 -14.32 -4.78
C PHE A 1548 -3.48 -15.52 -5.34
N VAL A 1549 -2.75 -16.52 -5.82
CA VAL A 1549 -3.39 -17.69 -6.45
C VAL A 1549 -4.31 -18.44 -5.51
N PRO A 1550 -3.90 -18.79 -4.27
CA PRO A 1550 -4.79 -19.62 -3.43
C PRO A 1550 -6.13 -18.97 -3.13
N ALA A 1551 -6.18 -17.64 -3.01
CA ALA A 1551 -7.44 -16.97 -2.73
C ALA A 1551 -8.32 -16.83 -3.96
N SER A 1552 -7.78 -17.04 -5.16
CA SER A 1552 -8.55 -16.92 -6.39
C SER A 1552 -9.49 -18.09 -6.61
N PHE A 1553 -9.26 -19.23 -5.96
CA PHE A 1553 -10.08 -20.41 -6.22
C PHE A 1553 -11.41 -20.35 -5.50
N THR A 1554 -11.47 -19.66 -4.36
CA THR A 1554 -12.71 -19.57 -3.59
C THR A 1554 -13.79 -18.77 -4.29
N LEU A 1555 -13.46 -18.02 -5.35
CA LEU A 1555 -14.46 -17.23 -6.05
C LEU A 1555 -15.56 -18.12 -6.60
N VAL A 1556 -15.17 -19.19 -7.28
CA VAL A 1556 -16.15 -20.10 -7.90
C VAL A 1556 -17.00 -20.77 -6.82
N LEU A 1557 -16.35 -21.26 -5.76
CA LEU A 1557 -17.09 -21.93 -4.69
C LEU A 1557 -18.09 -20.99 -4.04
N ILE A 1558 -17.68 -19.74 -3.79
CA ILE A 1558 -18.59 -18.78 -3.16
C ILE A 1558 -19.75 -18.45 -4.08
N GLU A 1559 -19.48 -18.26 -5.37
CA GLU A 1559 -20.57 -17.90 -6.28
C GLU A 1559 -21.53 -19.06 -6.50
N GLU A 1560 -21.04 -20.30 -6.39
CA GLU A 1560 -21.96 -21.43 -6.42
C GLU A 1560 -22.71 -21.58 -5.10
N ARG A 1561 -22.10 -21.14 -4.00
CA ARG A 1561 -22.76 -21.30 -2.70
C ARG A 1561 -23.87 -20.29 -2.51
N VAL A 1562 -23.66 -19.03 -2.92
CA VAL A 1562 -24.70 -18.02 -2.78
C VAL A 1562 -25.90 -18.39 -3.64
N THR A 1563 -25.65 -18.87 -4.85
CA THR A 1563 -26.69 -19.47 -5.67
C THR A 1563 -27.04 -20.84 -5.11
N ARG A 1564 -28.23 -21.34 -5.47
CA ARG A 1564 -28.63 -22.68 -5.09
C ARG A 1564 -28.11 -23.75 -6.05
N ALA A 1565 -27.05 -23.44 -6.81
CA ALA A 1565 -26.50 -24.41 -7.75
C ALA A 1565 -25.90 -25.60 -7.02
N LYS A 1566 -25.17 -25.36 -5.93
CA LYS A 1566 -24.59 -26.45 -5.16
C LYS A 1566 -25.68 -27.36 -4.61
N HIS A 1567 -26.76 -26.77 -4.10
CA HIS A 1567 -27.87 -27.55 -3.57
C HIS A 1567 -28.52 -28.41 -4.66
N LEU A 1568 -28.74 -27.81 -5.83
CA LEU A 1568 -29.31 -28.54 -6.96
C LEU A 1568 -28.41 -29.70 -7.38
N GLN A 1569 -27.09 -29.47 -7.37
CA GLN A 1569 -26.16 -30.54 -7.67
C GLN A 1569 -26.25 -31.66 -6.63
N LEU A 1570 -26.34 -31.28 -5.35
CA LEU A 1570 -26.41 -32.27 -4.28
C LEU A 1570 -27.68 -33.10 -4.32
N MET A 1571 -28.79 -32.54 -4.80
CA MET A 1571 -30.00 -33.34 -4.99
C MET A 1571 -29.88 -34.33 -6.15
N GLY A 1572 -28.75 -34.37 -6.84
CA GLY A 1572 -28.44 -35.48 -7.73
C GLY A 1572 -27.91 -36.66 -6.96
N GLY A 1573 -27.04 -37.44 -7.61
CA GLY A 1573 -26.32 -38.50 -6.95
C GLY A 1573 -24.97 -38.09 -6.41
N LEU A 1574 -24.73 -36.78 -6.27
CA LEU A 1574 -23.40 -36.26 -5.96
C LEU A 1574 -23.14 -36.36 -4.46
N SER A 1575 -22.12 -37.12 -4.08
CA SER A 1575 -21.68 -37.14 -2.70
C SER A 1575 -20.71 -35.98 -2.44
N PRO A 1576 -20.74 -35.41 -1.23
CA PRO A 1576 -19.81 -34.31 -0.93
C PRO A 1576 -18.35 -34.69 -1.05
N THR A 1577 -18.01 -35.95 -0.76
CA THR A 1577 -16.62 -36.39 -0.84
C THR A 1577 -16.09 -36.26 -2.26
N LEU A 1578 -16.84 -36.78 -3.24
CA LEU A 1578 -16.40 -36.70 -4.63
C LEU A 1578 -16.31 -35.25 -5.09
N TYR A 1579 -17.27 -34.43 -4.70
CA TYR A 1579 -17.27 -33.01 -5.08
C TYR A 1579 -16.01 -32.32 -4.55
N TRP A 1580 -15.73 -32.48 -3.26
CA TRP A 1580 -14.56 -31.82 -2.67
C TRP A 1580 -13.27 -32.34 -3.28
N LEU A 1581 -13.20 -33.66 -3.52
CA LEU A 1581 -12.00 -34.24 -4.12
C LEU A 1581 -11.78 -33.70 -5.53
N GLY A 1582 -12.84 -33.58 -6.32
CA GLY A 1582 -12.71 -33.04 -7.65
C GLY A 1582 -12.28 -31.58 -7.64
N ASN A 1583 -12.84 -30.79 -6.72
CA ASN A 1583 -12.39 -29.41 -6.60
C ASN A 1583 -10.92 -29.33 -6.24
N PHE A 1584 -10.47 -30.18 -5.30
CA PHE A 1584 -9.08 -30.19 -4.90
C PHE A 1584 -8.17 -30.57 -6.08
N LEU A 1585 -8.56 -31.59 -6.85
CA LEU A 1585 -7.74 -32.01 -7.99
C LEU A 1585 -7.68 -30.93 -9.06
N TRP A 1586 -8.81 -30.27 -9.33
CA TRP A 1586 -8.79 -29.21 -10.33
C TRP A 1586 -7.96 -28.03 -9.85
N ASP A 1587 -7.97 -27.76 -8.54
CA ASP A 1587 -7.10 -26.72 -8.00
C ASP A 1587 -5.63 -27.09 -8.14
N MET A 1588 -5.29 -28.37 -7.92
CA MET A 1588 -3.95 -28.85 -8.24
C MET A 1588 -3.57 -28.56 -9.68
N CYS A 1589 -4.45 -28.92 -10.61
CA CYS A 1589 -4.13 -28.75 -12.03
C CYS A 1589 -3.96 -27.28 -12.37
N ASN A 1590 -4.82 -26.42 -11.82
CA ASN A 1590 -4.69 -24.97 -12.06
C ASN A 1590 -3.41 -24.42 -11.47
N TYR A 1591 -3.05 -24.85 -10.25
CA TYR A 1591 -1.86 -24.33 -9.58
C TYR A 1591 -0.57 -24.83 -10.20
N LEU A 1592 -0.58 -25.97 -10.89
CA LEU A 1592 0.65 -26.55 -11.39
C LEU A 1592 1.37 -25.66 -12.40
N VAL A 1593 0.68 -24.76 -13.09
CA VAL A 1593 1.28 -23.98 -14.17
C VAL A 1593 2.18 -22.86 -13.64
N PRO A 1594 1.71 -21.99 -12.74
CA PRO A 1594 2.59 -20.90 -12.28
C PRO A 1594 3.88 -21.40 -11.64
N ALA A 1595 3.84 -22.54 -10.95
CA ALA A 1595 5.07 -23.09 -10.39
C ALA A 1595 6.06 -23.44 -11.49
N CYS A 1596 5.59 -24.08 -12.56
CA CYS A 1596 6.46 -24.38 -13.69
C CYS A 1596 7.01 -23.11 -14.31
N ILE A 1597 6.17 -22.08 -14.44
CA ILE A 1597 6.61 -20.83 -15.03
C ILE A 1597 7.72 -20.20 -14.20
N VAL A 1598 7.53 -20.15 -12.87
CA VAL A 1598 8.53 -19.49 -12.04
C VAL A 1598 9.83 -20.30 -11.99
N VAL A 1599 9.73 -21.64 -11.97
CA VAL A 1599 10.94 -22.45 -11.98
C VAL A 1599 11.70 -22.27 -13.29
N LEU A 1600 10.98 -22.19 -14.41
CA LEU A 1600 11.63 -21.91 -15.68
C LEU A 1600 12.26 -20.53 -15.68
N ILE A 1601 11.64 -19.57 -14.99
CA ILE A 1601 12.22 -18.23 -14.88
C ILE A 1601 13.54 -18.28 -14.11
N PHE A 1602 13.56 -19.01 -12.99
CA PHE A 1602 14.81 -19.16 -12.25
C PHE A 1602 15.88 -19.83 -13.11
N LEU A 1603 15.50 -20.85 -13.88
CA LEU A 1603 16.46 -21.47 -14.79
C LEU A 1603 16.93 -20.49 -15.86
N ALA A 1604 16.06 -19.57 -16.27
CA ALA A 1604 16.42 -18.62 -17.31
C ALA A 1604 17.40 -17.57 -16.80
N PHE A 1605 17.20 -17.09 -15.58
CA PHE A 1605 18.08 -16.06 -15.03
C PHE A 1605 19.34 -16.63 -14.39
N GLN A 1606 19.47 -17.96 -14.30
CA GLN A 1606 20.67 -18.61 -13.77
C GLN A 1606 21.05 -18.10 -12.39
N GLN A 1607 20.05 -17.96 -11.51
CA GLN A 1607 20.34 -17.58 -10.14
C GLN A 1607 21.17 -18.66 -9.46
N ARG A 1608 22.27 -18.25 -8.83
CA ARG A 1608 23.22 -19.22 -8.31
C ARG A 1608 22.62 -20.08 -7.21
N ALA A 1609 21.82 -19.48 -6.33
CA ALA A 1609 21.25 -20.20 -5.20
C ALA A 1609 20.22 -21.25 -5.62
N TYR A 1610 19.74 -21.21 -6.86
CA TYR A 1610 18.67 -22.08 -7.32
C TYR A 1610 19.04 -22.80 -8.61
N VAL A 1611 20.34 -22.98 -8.86
CA VAL A 1611 20.80 -23.66 -10.07
C VAL A 1611 21.64 -24.88 -9.80
N ALA A 1612 22.24 -25.02 -8.61
CA ALA A 1612 23.08 -26.17 -8.31
C ALA A 1612 22.25 -27.45 -8.26
N PRO A 1613 22.86 -28.60 -8.51
CA PRO A 1613 22.12 -29.87 -8.41
C PRO A 1613 21.65 -30.20 -7.00
N ALA A 1614 22.18 -29.54 -5.98
CA ALA A 1614 21.84 -29.86 -4.60
C ALA A 1614 20.67 -29.04 -4.06
N ASN A 1615 20.42 -27.86 -4.63
CA ASN A 1615 19.38 -26.98 -4.09
C ASN A 1615 18.10 -26.94 -4.92
N LEU A 1616 18.17 -27.37 -6.18
CA LEU A 1616 16.97 -27.37 -7.03
C LEU A 1616 15.84 -28.23 -6.47
N PRO A 1617 16.07 -29.49 -6.05
CA PRO A 1617 14.95 -30.27 -5.49
C PRO A 1617 14.31 -29.61 -4.29
N ALA A 1618 15.10 -28.93 -3.46
CA ALA A 1618 14.52 -28.23 -2.31
C ALA A 1618 13.48 -27.21 -2.77
N LEU A 1619 13.83 -26.38 -3.75
CA LEU A 1619 12.89 -25.39 -4.26
C LEU A 1619 11.68 -26.05 -4.90
N LEU A 1620 11.91 -27.11 -5.68
CA LEU A 1620 10.80 -27.76 -6.37
C LEU A 1620 9.78 -28.33 -5.38
N LEU A 1621 10.26 -29.13 -4.42
CA LEU A 1621 9.35 -29.69 -3.42
C LEU A 1621 8.72 -28.59 -2.57
N LEU A 1622 9.49 -27.55 -2.21
CA LEU A 1622 8.94 -26.47 -1.43
C LEU A 1622 7.75 -25.83 -2.13
N LEU A 1623 7.91 -25.46 -3.41
CA LEU A 1623 6.82 -24.81 -4.14
C LEU A 1623 5.63 -25.75 -4.30
N LEU A 1624 5.87 -26.98 -4.75
CA LEU A 1624 4.77 -27.90 -5.02
C LEU A 1624 3.98 -28.20 -3.75
N LEU A 1625 4.67 -28.57 -2.67
CA LEU A 1625 4.00 -28.88 -1.42
C LEU A 1625 3.41 -27.64 -0.77
N TYR A 1626 3.99 -26.46 -1.01
CA TYR A 1626 3.37 -25.20 -0.62
C TYR A 1626 1.98 -25.07 -1.21
N GLY A 1627 1.86 -25.23 -2.53
CA GLY A 1627 0.55 -25.17 -3.15
C GLY A 1627 -0.38 -26.25 -2.61
N TRP A 1628 0.13 -27.47 -2.50
CA TRP A 1628 -0.67 -28.60 -2.02
C TRP A 1628 -1.27 -28.31 -0.65
N SER A 1629 -0.47 -27.76 0.27
CA SER A 1629 -0.94 -27.52 1.63
C SER A 1629 -1.60 -26.16 1.81
N ILE A 1630 -1.50 -25.26 0.83
CA ILE A 1630 -2.12 -23.96 0.99
C ILE A 1630 -3.53 -23.94 0.38
N THR A 1631 -3.79 -24.78 -0.63
CA THR A 1631 -5.12 -24.74 -1.25
C THR A 1631 -6.26 -25.06 -0.27
N PRO A 1632 -6.16 -26.02 0.66
CA PRO A 1632 -7.35 -26.36 1.45
C PRO A 1632 -7.68 -25.35 2.54
N LEU A 1633 -6.73 -24.47 2.90
CA LEU A 1633 -6.98 -23.49 3.95
C LEU A 1633 -8.01 -22.45 3.55
N MET A 1634 -8.11 -22.14 2.26
CA MET A 1634 -9.06 -21.17 1.76
C MET A 1634 -10.48 -21.72 1.65
N TYR A 1635 -10.65 -23.05 1.62
CA TYR A 1635 -11.98 -23.63 1.49
C TYR A 1635 -12.95 -23.23 2.61
N PRO A 1636 -12.58 -23.30 3.90
CA PRO A 1636 -13.59 -23.02 4.93
C PRO A 1636 -14.12 -21.60 4.90
N ALA A 1637 -13.40 -20.67 4.28
CA ALA A 1637 -13.87 -19.28 4.21
C ALA A 1637 -15.05 -19.10 3.26
N SER A 1638 -15.39 -20.11 2.45
CA SER A 1638 -16.46 -19.96 1.48
C SER A 1638 -17.82 -19.85 2.15
N PHE A 1639 -18.04 -20.57 3.26
CA PHE A 1639 -19.36 -20.61 3.87
C PHE A 1639 -19.78 -19.26 4.43
N PHE A 1640 -18.88 -18.60 5.16
CA PHE A 1640 -19.26 -17.42 5.91
C PHE A 1640 -19.54 -16.23 5.00
N PHE A 1641 -18.65 -15.98 4.04
CA PHE A 1641 -18.79 -14.79 3.20
C PHE A 1641 -19.97 -14.93 2.24
N SER A 1642 -20.55 -13.78 1.90
CA SER A 1642 -21.68 -13.71 0.98
C SER A 1642 -21.40 -12.96 -0.30
N VAL A 1643 -20.24 -12.32 -0.43
CA VAL A 1643 -19.88 -11.58 -1.63
C VAL A 1643 -18.48 -12.01 -2.08
N PRO A 1644 -18.31 -12.34 -3.37
CA PRO A 1644 -17.04 -12.93 -3.81
C PRO A 1644 -15.84 -11.99 -3.77
N SER A 1645 -15.98 -10.79 -4.35
CA SER A 1645 -14.84 -9.89 -4.50
C SER A 1645 -14.30 -9.44 -3.15
N THR A 1646 -15.18 -9.08 -2.21
CA THR A 1646 -14.73 -8.66 -0.90
C THR A 1646 -14.05 -9.81 -0.16
N ALA A 1647 -14.58 -11.02 -0.30
CA ALA A 1647 -13.93 -12.19 0.32
C ALA A 1647 -12.54 -12.41 -0.25
N TYR A 1648 -12.40 -12.28 -1.58
CA TYR A 1648 -11.08 -12.42 -2.20
C TYR A 1648 -10.11 -11.38 -1.68
N VAL A 1649 -10.57 -10.12 -1.60
CA VAL A 1649 -9.69 -9.05 -1.12
C VAL A 1649 -9.27 -9.30 0.32
N VAL A 1650 -10.23 -9.70 1.16
CA VAL A 1650 -9.93 -9.94 2.58
C VAL A 1650 -8.95 -11.09 2.72
N LEU A 1651 -9.16 -12.18 1.98
CA LEU A 1651 -8.26 -13.33 2.07
C LEU A 1651 -6.85 -12.96 1.61
N THR A 1652 -6.74 -12.22 0.50
CA THR A 1652 -5.42 -11.82 0.02
C THR A 1652 -4.72 -10.93 1.03
N CYS A 1653 -5.46 -9.97 1.60
CA CYS A 1653 -4.87 -9.07 2.59
C CYS A 1653 -4.40 -9.83 3.82
N ILE A 1654 -5.23 -10.76 4.31
CA ILE A 1654 -4.86 -11.53 5.50
C ILE A 1654 -3.64 -12.40 5.22
N ASN A 1655 -3.60 -13.04 4.04
CA ASN A 1655 -2.46 -13.88 3.68
C ASN A 1655 -1.17 -13.06 3.64
N LEU A 1656 -1.21 -11.93 2.93
CA LEU A 1656 -0.01 -11.09 2.85
C LEU A 1656 0.39 -10.61 4.24
N PHE A 1657 -0.57 -10.17 5.05
CA PHE A 1657 -0.29 -9.71 6.39
C PHE A 1657 0.42 -10.78 7.21
N ILE A 1658 -0.17 -11.97 7.30
CA ILE A 1658 0.40 -13.00 8.17
C ILE A 1658 1.79 -13.39 7.68
N GLY A 1659 1.93 -13.61 6.37
CA GLY A 1659 3.21 -14.01 5.84
C GLY A 1659 4.32 -13.00 6.09
N ILE A 1660 4.09 -11.76 5.64
CA ILE A 1660 5.12 -10.74 5.77
C ILE A 1660 5.41 -10.44 7.24
N ASN A 1661 4.36 -10.38 8.07
CA ASN A 1661 4.55 -10.06 9.48
C ASN A 1661 5.41 -11.12 10.16
N GLY A 1662 5.02 -12.40 10.03
CA GLY A 1662 5.79 -13.44 10.67
C GLY A 1662 7.22 -13.50 10.17
N SER A 1663 7.39 -13.48 8.85
CA SER A 1663 8.73 -13.62 8.28
C SER A 1663 9.63 -12.47 8.70
N MET A 1664 9.16 -11.23 8.53
CA MET A 1664 10.00 -10.07 8.83
C MET A 1664 10.25 -9.94 10.33
N ALA A 1665 9.26 -10.27 11.15
CA ALA A 1665 9.46 -10.22 12.60
C ALA A 1665 10.55 -11.20 13.03
N THR A 1666 10.46 -12.46 12.57
CA THR A 1666 11.48 -13.43 12.94
C THR A 1666 12.84 -13.03 12.39
N PHE A 1667 12.88 -12.48 11.17
CA PHE A 1667 14.14 -12.06 10.56
C PHE A 1667 14.80 -10.95 11.38
N VAL A 1668 14.04 -9.88 11.66
CA VAL A 1668 14.59 -8.74 12.38
C VAL A 1668 14.95 -9.13 13.81
N LEU A 1669 14.27 -10.14 14.35
CA LEU A 1669 14.64 -10.64 15.66
C LEU A 1669 15.96 -11.40 15.61
N GLU A 1670 16.17 -12.21 14.57
CA GLU A 1670 17.39 -13.03 14.54
C GLU A 1670 18.62 -12.18 14.25
N LEU A 1671 18.57 -11.26 13.30
CA LEU A 1671 19.73 -10.39 13.12
C LEU A 1671 19.76 -9.25 14.13
N PHE A 1672 20.92 -8.63 14.26
CA PHE A 1672 21.15 -7.54 15.23
C PHE A 1672 20.85 -8.01 16.65
N SER A 1673 21.23 -9.25 16.96
CA SER A 1673 21.03 -9.80 18.29
C SER A 1673 21.96 -9.14 19.29
N ASP A 1674 21.40 -8.73 20.43
CA ASP A 1674 22.15 -8.08 21.49
C ASP A 1674 22.12 -8.85 22.81
N GLN A 1675 20.94 -9.32 23.23
CA GLN A 1675 20.78 -10.00 24.50
C GLN A 1675 20.20 -11.39 24.28
N LYS A 1676 20.35 -12.24 25.31
CA LYS A 1676 19.87 -13.62 25.23
C LYS A 1676 18.34 -13.71 25.12
N LEU A 1677 17.62 -12.67 25.55
CA LEU A 1677 16.16 -12.70 25.46
C LEU A 1677 15.70 -12.78 24.01
N GLN A 1678 16.37 -12.06 23.11
CA GLN A 1678 16.04 -12.14 21.69
C GLN A 1678 16.35 -13.53 21.14
N GLU A 1679 17.34 -14.21 21.72
CA GLU A 1679 17.74 -15.53 21.21
C GLU A 1679 16.65 -16.57 21.44
N VAL A 1680 16.11 -16.62 22.66
CA VAL A 1680 15.12 -17.64 22.98
C VAL A 1680 13.84 -17.42 22.18
N SER A 1681 13.34 -16.18 22.16
CA SER A 1681 12.05 -15.90 21.55
C SER A 1681 12.02 -16.33 20.09
N ARG A 1682 13.01 -15.91 19.30
CA ARG A 1682 13.04 -16.31 17.90
C ARG A 1682 13.04 -17.83 17.76
N ILE A 1683 13.70 -18.53 18.67
CA ILE A 1683 13.69 -19.99 18.64
C ILE A 1683 12.25 -20.50 18.72
N LEU A 1684 11.49 -19.98 19.69
CA LEU A 1684 10.07 -20.33 19.76
C LEU A 1684 9.34 -19.86 18.51
N LYS A 1685 9.71 -18.69 18.00
CA LYS A 1685 9.08 -18.19 16.77
C LYS A 1685 9.50 -19.03 15.57
N GLN A 1686 10.54 -19.84 15.70
CA GLN A 1686 10.88 -20.78 14.64
C GLN A 1686 10.43 -22.20 14.97
N VAL A 1687 9.74 -22.38 16.10
CA VAL A 1687 9.26 -23.71 16.48
C VAL A 1687 7.75 -23.83 16.31
N PHE A 1688 7.03 -22.71 16.46
CA PHE A 1688 5.57 -22.76 16.43
C PHE A 1688 5.05 -23.19 15.07
N LEU A 1689 5.76 -22.83 13.99
CA LEU A 1689 5.46 -23.31 12.65
C LEU A 1689 4.04 -22.97 12.21
N ILE A 1690 3.23 -24.00 11.95
CA ILE A 1690 1.81 -23.90 11.63
C ILE A 1690 1.58 -23.26 10.27
N PHE A 1691 1.93 -21.99 10.13
CA PHE A 1691 1.56 -21.24 8.93
C PHE A 1691 2.42 -21.67 7.74
N PRO A 1692 1.83 -22.18 6.66
CA PRO A 1692 2.64 -22.51 5.47
C PRO A 1692 3.31 -21.30 4.85
N HIS A 1693 2.69 -20.13 4.94
CA HIS A 1693 3.32 -18.92 4.43
C HIS A 1693 4.64 -18.65 5.14
N PHE A 1694 4.60 -18.66 6.48
CA PHE A 1694 5.80 -18.45 7.28
C PHE A 1694 6.79 -19.59 7.07
N CYS A 1695 6.29 -20.81 6.87
CA CYS A 1695 7.17 -21.94 6.59
C CYS A 1695 7.92 -21.74 5.28
N LEU A 1696 7.20 -21.34 4.23
CA LEU A 1696 7.85 -21.10 2.94
C LEU A 1696 8.86 -19.97 3.04
N GLY A 1697 8.49 -18.90 3.76
CA GLY A 1697 9.41 -17.79 3.92
C GLY A 1697 10.69 -18.21 4.62
N ARG A 1698 10.56 -18.94 5.74
CA ARG A 1698 11.75 -19.42 6.44
C ARG A 1698 12.58 -20.34 5.54
N GLY A 1699 11.92 -21.25 4.82
CA GLY A 1699 12.67 -22.17 3.97
C GLY A 1699 13.48 -21.45 2.92
N LEU A 1700 12.85 -20.51 2.20
CA LEU A 1700 13.56 -19.82 1.13
C LEU A 1700 14.67 -18.93 1.69
N ILE A 1701 14.40 -18.24 2.80
CA ILE A 1701 15.41 -17.34 3.34
C ILE A 1701 16.58 -18.13 3.91
N ASP A 1702 16.31 -19.30 4.50
CA ASP A 1702 17.40 -20.16 4.95
C ASP A 1702 18.21 -20.68 3.77
N MET A 1703 17.53 -21.07 2.68
CA MET A 1703 18.24 -21.49 1.49
C MET A 1703 19.20 -20.40 1.01
N VAL A 1704 18.71 -19.17 0.91
CA VAL A 1704 19.55 -18.10 0.36
C VAL A 1704 20.67 -17.74 1.33
N ARG A 1705 20.40 -17.77 2.64
CA ARG A 1705 21.45 -17.47 3.61
C ARG A 1705 22.56 -18.52 3.58
N ASN A 1706 22.18 -19.79 3.54
CA ASN A 1706 23.19 -20.86 3.49
C ASN A 1706 23.97 -20.81 2.19
N GLN A 1707 23.30 -20.51 1.08
CA GLN A 1707 24.04 -20.37 -0.18
C GLN A 1707 25.02 -19.21 -0.12
N ALA A 1708 24.59 -18.08 0.46
CA ALA A 1708 25.48 -16.93 0.57
C ALA A 1708 26.68 -17.24 1.45
N MET A 1709 26.47 -17.92 2.58
CA MET A 1709 27.59 -18.23 3.46
C MET A 1709 28.51 -19.27 2.82
N ALA A 1710 27.95 -20.19 2.03
CA ALA A 1710 28.79 -21.12 1.29
C ALA A 1710 29.64 -20.40 0.25
N ASP A 1711 29.04 -19.45 -0.47
CA ASP A 1711 29.80 -18.68 -1.45
C ASP A 1711 30.91 -17.87 -0.80
N ALA A 1712 30.60 -17.24 0.34
CA ALA A 1712 31.63 -16.49 1.05
C ALA A 1712 32.73 -17.40 1.57
N PHE A 1713 32.36 -18.57 2.10
CA PHE A 1713 33.33 -19.49 2.69
C PHE A 1713 34.09 -20.30 1.65
N GLU A 1714 33.51 -20.55 0.47
CA GLU A 1714 34.23 -21.32 -0.55
C GLU A 1714 35.37 -20.52 -1.16
N ARG A 1715 35.30 -19.19 -1.09
CA ARG A 1715 36.45 -18.38 -1.48
C ARG A 1715 37.65 -18.68 -0.59
N LEU A 1716 37.41 -18.80 0.72
CA LEU A 1716 38.41 -19.25 1.67
C LEU A 1716 38.29 -20.77 1.81
N GLY A 1717 38.92 -21.33 2.85
CA GLY A 1717 38.74 -22.75 3.16
C GLY A 1717 37.35 -22.93 3.78
N ASP A 1718 36.46 -23.62 3.07
CA ASP A 1718 35.10 -23.82 3.55
C ASP A 1718 34.96 -25.10 4.37
N ARG A 1719 35.25 -26.24 3.75
CA ARG A 1719 35.22 -27.55 4.41
C ARG A 1719 33.87 -27.81 5.06
N GLN A 1720 32.81 -27.42 4.37
CA GLN A 1720 31.44 -27.60 4.85
C GLN A 1720 30.53 -27.86 3.66
N PHE A 1721 29.83 -29.00 3.70
CA PHE A 1721 28.91 -29.33 2.62
C PHE A 1721 27.72 -28.37 2.57
N GLN A 1722 27.15 -28.08 3.74
CA GLN A 1722 25.98 -27.21 3.86
C GLN A 1722 24.85 -27.67 2.95
N SER A 1723 24.36 -28.86 3.22
CA SER A 1723 23.31 -29.46 2.40
C SER A 1723 22.00 -28.73 2.62
N PRO A 1724 21.38 -28.17 1.57
CA PRO A 1724 20.08 -27.51 1.76
C PRO A 1724 18.98 -28.43 2.25
N LEU A 1725 19.11 -29.73 2.01
CA LEU A 1725 18.04 -30.70 2.27
C LEU A 1725 18.13 -31.31 3.67
N ARG A 1726 19.01 -30.80 4.53
CA ARG A 1726 19.18 -31.34 5.87
C ARG A 1726 17.91 -31.17 6.69
N TRP A 1727 17.71 -32.07 7.66
CA TRP A 1727 16.50 -32.08 8.47
C TRP A 1727 16.33 -30.78 9.25
N GLU A 1728 17.42 -30.29 9.86
CA GLU A 1728 17.33 -29.12 10.72
C GLU A 1728 17.31 -27.80 9.95
N VAL A 1729 17.47 -27.84 8.63
CA VAL A 1729 17.50 -26.62 7.84
C VAL A 1729 16.10 -26.31 7.31
N VAL A 1730 15.55 -27.23 6.51
CA VAL A 1730 14.24 -27.03 5.91
C VAL A 1730 13.37 -28.26 6.11
N GLY A 1731 13.97 -29.34 6.61
CA GLY A 1731 13.24 -30.60 6.71
C GLY A 1731 12.06 -30.56 7.65
N LYS A 1732 12.23 -29.90 8.81
CA LYS A 1732 11.16 -29.86 9.79
C LYS A 1732 9.94 -29.13 9.26
N ASN A 1733 10.15 -27.99 8.58
CA ASN A 1733 9.03 -27.26 8.01
C ASN A 1733 8.29 -28.11 6.99
N LEU A 1734 9.03 -28.78 6.11
CA LEU A 1734 8.42 -29.63 5.09
C LEU A 1734 7.59 -30.73 5.73
N LEU A 1735 8.17 -31.43 6.71
CA LEU A 1735 7.47 -32.54 7.35
C LEU A 1735 6.21 -32.06 8.06
N ALA A 1736 6.32 -31.00 8.85
CA ALA A 1736 5.17 -30.51 9.60
C ALA A 1736 4.06 -30.06 8.66
N MET A 1737 4.41 -29.35 7.59
CA MET A 1737 3.36 -28.80 6.73
C MET A 1737 2.73 -29.90 5.87
N VAL A 1738 3.53 -30.88 5.43
CA VAL A 1738 2.94 -31.96 4.65
C VAL A 1738 2.03 -32.82 5.52
N ILE A 1739 2.40 -33.02 6.79
CA ILE A 1739 1.54 -33.84 7.65
C ILE A 1739 0.30 -33.05 8.08
N GLN A 1740 0.37 -31.72 8.13
CA GLN A 1740 -0.83 -30.94 8.45
C GLN A 1740 -1.71 -30.69 7.23
N GLY A 1741 -1.18 -30.86 6.02
CA GLY A 1741 -1.93 -30.65 4.81
C GLY A 1741 -3.35 -31.22 4.81
N PRO A 1742 -3.46 -32.55 4.94
CA PRO A 1742 -4.80 -33.16 4.94
C PRO A 1742 -5.68 -32.72 6.10
N LEU A 1743 -5.12 -32.14 7.16
CA LEU A 1743 -5.93 -31.72 8.29
C LEU A 1743 -6.91 -30.62 7.89
N PHE A 1744 -6.47 -29.67 7.06
CA PHE A 1744 -7.40 -28.63 6.59
C PHE A 1744 -8.53 -29.23 5.78
N LEU A 1745 -8.23 -30.19 4.90
CA LEU A 1745 -9.29 -30.84 4.13
C LEU A 1745 -10.27 -31.56 5.05
N LEU A 1746 -9.75 -32.27 6.06
CA LEU A 1746 -10.62 -32.98 6.99
C LEU A 1746 -11.50 -32.01 7.76
N PHE A 1747 -10.91 -30.90 8.22
CA PHE A 1747 -11.68 -29.92 8.99
C PHE A 1747 -12.76 -29.28 8.13
N THR A 1748 -12.43 -28.92 6.89
CA THR A 1748 -13.44 -28.29 6.04
C THR A 1748 -14.52 -29.27 5.63
N LEU A 1749 -14.19 -30.56 5.45
CA LEU A 1749 -15.23 -31.52 5.08
C LEU A 1749 -16.14 -31.81 6.28
N LEU A 1750 -15.58 -31.86 7.49
CA LEU A 1750 -16.46 -32.03 8.65
C LEU A 1750 -17.32 -30.79 8.88
N LEU A 1751 -16.78 -29.60 8.61
CA LEU A 1751 -17.59 -28.39 8.72
C LEU A 1751 -18.73 -28.42 7.71
N GLN A 1752 -18.46 -28.86 6.48
CA GLN A 1752 -19.52 -29.00 5.50
C GLN A 1752 -20.55 -30.05 5.93
N HIS A 1753 -20.08 -31.16 6.49
CA HIS A 1753 -20.93 -32.26 6.94
C HIS A 1753 -21.36 -32.11 8.39
N ARG A 1754 -21.35 -30.88 8.92
CA ARG A 1754 -21.79 -30.65 10.30
C ARG A 1754 -23.22 -31.11 10.53
N SER A 1755 -24.04 -31.13 9.49
CA SER A 1755 -25.44 -31.56 9.64
C SER A 1755 -25.50 -33.08 9.76
N GLN A 1756 -25.89 -33.56 10.94
CA GLN A 1756 -26.02 -34.99 11.18
C GLN A 1756 -27.31 -35.31 11.90
N GLU A 1774 -64.02 -32.49 4.73
CA GLU A 1774 -64.17 -33.82 5.28
C GLU A 1774 -63.27 -34.82 4.56
N ASP A 1775 -63.04 -34.57 3.26
CA ASP A 1775 -62.13 -35.42 2.50
C ASP A 1775 -60.72 -35.39 3.08
N VAL A 1776 -60.33 -34.28 3.70
CA VAL A 1776 -59.05 -34.21 4.40
C VAL A 1776 -59.03 -35.25 5.51
N ALA A 1777 -60.11 -35.35 6.29
CA ALA A 1777 -60.17 -36.32 7.37
C ALA A 1777 -60.14 -37.74 6.84
N ARG A 1778 -60.85 -38.01 5.75
CA ARG A 1778 -60.88 -39.36 5.21
C ARG A 1778 -59.50 -39.76 4.67
N GLU A 1779 -58.79 -38.83 4.02
CA GLU A 1779 -57.45 -39.13 3.56
C GLU A 1779 -56.49 -39.32 4.74
N ARG A 1780 -56.68 -38.54 5.80
CA ARG A 1780 -55.87 -38.70 7.00
C ARG A 1780 -56.05 -40.10 7.60
N GLU A 1781 -57.31 -40.54 7.69
CA GLU A 1781 -57.58 -41.88 8.22
C GLU A 1781 -57.03 -42.96 7.30
N ARG A 1782 -57.15 -42.77 5.99
CA ARG A 1782 -56.62 -43.76 5.05
C ARG A 1782 -55.10 -43.88 5.18
N VAL A 1783 -54.41 -42.75 5.34
CA VAL A 1783 -52.96 -42.80 5.50
C VAL A 1783 -52.57 -43.40 6.84
N VAL A 1784 -53.30 -43.06 7.90
CA VAL A 1784 -52.97 -43.56 9.23
C VAL A 1784 -53.17 -45.07 9.30
N GLN A 1785 -54.27 -45.58 8.74
CA GLN A 1785 -54.57 -47.00 8.85
C GLN A 1785 -53.54 -47.86 8.12
N GLY A 1786 -52.92 -47.32 7.08
CA GLY A 1786 -51.92 -48.08 6.35
C GLY A 1786 -51.35 -47.25 5.21
N ALA A 1787 -50.34 -47.81 4.57
CA ALA A 1787 -49.66 -47.17 3.45
C ALA A 1787 -49.86 -48.00 2.19
N THR A 1788 -49.99 -47.31 1.05
CA THR A 1788 -50.18 -47.97 -0.23
C THR A 1788 -48.83 -48.24 -0.87
N GLN A 1789 -48.62 -49.48 -1.32
CA GLN A 1789 -47.36 -49.84 -1.97
C GLN A 1789 -47.15 -49.04 -3.25
N GLY A 1790 -48.21 -48.85 -4.03
CA GLY A 1790 -48.09 -48.04 -5.23
C GLY A 1790 -47.75 -46.59 -4.93
N ASP A 1791 -48.27 -46.06 -3.82
CA ASP A 1791 -48.07 -44.66 -3.47
C ASP A 1791 -46.60 -44.37 -3.21
N VAL A 1792 -45.96 -43.66 -4.13
CA VAL A 1792 -44.54 -43.34 -3.97
C VAL A 1792 -44.34 -42.42 -2.77
N LEU A 1793 -45.09 -41.33 -2.72
CA LEU A 1793 -44.97 -40.36 -1.63
C LEU A 1793 -45.92 -40.73 -0.50
N VAL A 1794 -45.36 -41.04 0.67
CA VAL A 1794 -46.14 -41.32 1.86
C VAL A 1794 -45.64 -40.43 2.98
N LEU A 1795 -46.56 -39.68 3.59
CA LEU A 1795 -46.26 -38.77 4.68
C LEU A 1795 -46.97 -39.25 5.95
N ARG A 1796 -46.26 -39.21 7.06
CA ARG A 1796 -46.83 -39.56 8.36
C ARG A 1796 -46.28 -38.61 9.41
N ASN A 1797 -47.18 -38.07 10.23
CA ASN A 1797 -46.81 -37.12 11.28
C ASN A 1797 -45.99 -35.97 10.72
N LEU A 1798 -46.47 -35.40 9.61
CA LEU A 1798 -45.79 -34.31 8.93
C LEU A 1798 -45.86 -33.06 9.81
N THR A 1799 -44.76 -32.73 10.48
CA THR A 1799 -44.73 -31.62 11.42
C THR A 1799 -43.41 -30.87 11.26
N LYS A 1800 -43.49 -29.57 11.00
CA LYS A 1800 -42.32 -28.70 10.98
C LYS A 1800 -42.54 -27.60 12.02
N VAL A 1801 -41.61 -27.51 12.97
CA VAL A 1801 -41.68 -26.53 14.05
C VAL A 1801 -40.62 -25.47 13.80
N TYR A 1802 -41.05 -24.22 13.75
CA TYR A 1802 -40.14 -23.10 13.53
C TYR A 1802 -39.58 -22.61 14.86
N ARG A 1803 -38.36 -22.10 14.81
CA ARG A 1803 -37.64 -21.69 16.02
C ARG A 1803 -37.87 -20.20 16.26
N GLY A 1804 -38.42 -19.86 17.42
CA GLY A 1804 -38.62 -18.49 17.81
C GLY A 1804 -39.91 -17.86 17.35
N GLN A 1805 -40.69 -18.54 16.52
CA GLN A 1805 -41.95 -18.00 16.03
C GLN A 1805 -43.15 -18.38 16.90
N ARG A 1806 -42.93 -19.17 17.96
CA ARG A 1806 -43.97 -19.58 18.90
C ARG A 1806 -45.09 -20.37 18.23
N MET A 1807 -44.86 -20.89 17.03
CA MET A 1807 -45.87 -21.68 16.33
C MET A 1807 -45.22 -22.51 15.24
N PRO A 1808 -45.44 -23.83 15.24
CA PRO A 1808 -44.90 -24.66 14.15
C PRO A 1808 -45.52 -24.27 12.81
N ALA A 1809 -44.69 -24.32 11.76
CA ALA A 1809 -45.19 -24.04 10.42
C ALA A 1809 -46.20 -25.09 9.99
N VAL A 1810 -45.87 -26.36 10.16
CA VAL A 1810 -46.76 -27.47 9.86
C VAL A 1810 -46.77 -28.41 11.06
N ASP A 1811 -47.95 -28.94 11.39
CA ASP A 1811 -48.09 -29.79 12.57
C ASP A 1811 -49.02 -30.96 12.23
N ARG A 1812 -48.45 -32.17 12.18
CA ARG A 1812 -49.21 -33.42 12.12
C ARG A 1812 -50.14 -33.47 10.91
N LEU A 1813 -49.54 -33.47 9.73
CA LEU A 1813 -50.25 -33.71 8.47
C LEU A 1813 -49.80 -35.04 7.89
N CYS A 1814 -50.42 -35.40 6.77
CA CYS A 1814 -50.10 -36.63 6.06
C CYS A 1814 -50.64 -36.54 4.64
N LEU A 1815 -50.08 -37.36 3.76
CA LEU A 1815 -50.48 -37.35 2.35
C LEU A 1815 -49.95 -38.61 1.67
N GLY A 1816 -50.80 -39.22 0.85
CA GLY A 1816 -50.40 -40.35 0.04
C GLY A 1816 -50.61 -40.06 -1.43
N ILE A 1817 -49.52 -39.97 -2.19
CA ILE A 1817 -49.57 -39.54 -3.59
C ILE A 1817 -49.33 -40.76 -4.47
N PRO A 1818 -50.33 -41.20 -5.25
CA PRO A 1818 -50.07 -42.26 -6.22
C PRO A 1818 -49.15 -41.76 -7.32
N PRO A 1819 -48.40 -42.66 -7.96
CA PRO A 1819 -47.42 -42.23 -8.97
C PRO A 1819 -47.97 -42.05 -10.37
N GLY A 1820 -49.17 -42.55 -10.65
CA GLY A 1820 -49.74 -42.47 -11.98
C GLY A 1820 -50.41 -41.15 -12.33
N GLU A 1821 -50.50 -40.23 -11.38
CA GLU A 1821 -51.14 -38.94 -11.60
C GLU A 1821 -50.23 -37.83 -11.08
N CYS A 1822 -50.60 -36.59 -11.42
CA CYS A 1822 -49.82 -35.41 -11.06
C CYS A 1822 -50.51 -34.69 -9.92
N PHE A 1823 -49.78 -34.43 -8.83
CA PHE A 1823 -50.30 -33.76 -7.66
C PHE A 1823 -49.93 -32.29 -7.67
N GLY A 1824 -50.82 -31.46 -7.18
CA GLY A 1824 -50.55 -30.04 -7.05
C GLY A 1824 -50.81 -29.56 -5.64
N LEU A 1825 -49.91 -28.72 -5.14
CA LEU A 1825 -50.03 -28.14 -3.81
C LEU A 1825 -50.10 -26.62 -3.93
N LEU A 1826 -50.97 -26.00 -3.15
CA LEU A 1826 -51.22 -24.57 -3.20
C LEU A 1826 -51.27 -24.04 -1.78
N GLY A 1827 -50.97 -22.75 -1.64
CA GLY A 1827 -51.04 -22.11 -0.33
C GLY A 1827 -50.64 -20.66 -0.42
N VAL A 1828 -50.97 -19.93 0.65
CA VAL A 1828 -50.60 -18.53 0.80
C VAL A 1828 -49.25 -18.44 1.49
N ASN A 1829 -48.62 -17.27 1.44
CA ASN A 1829 -47.34 -17.07 2.10
C ASN A 1829 -47.47 -17.29 3.61
N GLY A 1830 -46.45 -17.91 4.19
CA GLY A 1830 -46.46 -18.26 5.60
C GLY A 1830 -47.17 -19.55 5.93
N ALA A 1831 -47.71 -20.25 4.94
CA ALA A 1831 -48.42 -21.50 5.21
C ALA A 1831 -47.46 -22.61 5.63
N GLY A 1832 -46.23 -22.56 5.13
CA GLY A 1832 -45.25 -23.60 5.41
C GLY A 1832 -45.05 -24.61 4.29
N LYS A 1833 -45.57 -24.35 3.09
CA LYS A 1833 -45.37 -25.27 1.97
C LYS A 1833 -43.89 -25.39 1.63
N THR A 1834 -43.17 -24.27 1.63
CA THR A 1834 -41.75 -24.31 1.35
C THR A 1834 -41.00 -25.15 2.38
N SER A 1835 -41.45 -25.11 3.64
CA SER A 1835 -40.85 -25.97 4.66
C SER A 1835 -41.04 -27.43 4.31
N THR A 1836 -42.23 -27.81 3.85
CA THR A 1836 -42.47 -29.19 3.44
C THR A 1836 -41.58 -29.57 2.27
N PHE A 1837 -41.45 -28.67 1.28
CA PHE A 1837 -40.63 -28.97 0.12
C PHE A 1837 -39.17 -29.14 0.51
N ARG A 1838 -38.68 -28.30 1.42
CA ARG A 1838 -37.28 -28.40 1.83
C ARG A 1838 -37.03 -29.62 2.70
N MET A 1839 -38.02 -30.01 3.52
CA MET A 1839 -37.88 -31.23 4.32
C MET A 1839 -37.85 -32.46 3.42
N VAL A 1840 -38.74 -32.52 2.42
CA VAL A 1840 -38.71 -33.63 1.48
C VAL A 1840 -37.39 -33.64 0.70
N THR A 1841 -36.96 -32.47 0.23
CA THR A 1841 -35.69 -32.36 -0.46
C THR A 1841 -34.53 -32.63 0.48
N GLY A 1842 -34.61 -32.13 1.72
CA GLY A 1842 -33.55 -32.33 2.68
C GLY A 1842 -32.82 -31.06 3.05
N ASP A 1843 -33.29 -29.92 2.53
CA ASP A 1843 -32.67 -28.64 2.86
C ASP A 1843 -32.82 -28.31 4.34
N THR A 1844 -34.01 -28.54 4.90
CA THR A 1844 -34.26 -28.26 6.31
C THR A 1844 -34.08 -29.53 7.12
N LEU A 1845 -33.47 -29.39 8.30
CA LEU A 1845 -33.24 -30.52 9.18
C LEU A 1845 -34.57 -31.14 9.59
N ALA A 1846 -34.66 -32.46 9.48
CA ALA A 1846 -35.89 -33.20 9.79
C ALA A 1846 -35.97 -33.37 11.30
N SER A 1847 -36.57 -32.38 11.97
CA SER A 1847 -36.74 -32.44 13.42
C SER A 1847 -37.64 -33.62 13.81
N ARG A 1848 -38.74 -33.79 13.08
CA ARG A 1848 -39.66 -34.89 13.36
C ARG A 1848 -40.54 -35.07 12.14
N GLY A 1849 -40.98 -36.32 11.93
CA GLY A 1849 -41.86 -36.63 10.82
C GLY A 1849 -41.31 -37.68 9.87
N GLU A 1850 -42.19 -38.41 9.20
CA GLU A 1850 -41.82 -39.44 8.24
C GLU A 1850 -42.26 -39.03 6.85
N ALA A 1851 -41.30 -39.01 5.92
CA ALA A 1851 -41.57 -38.69 4.52
C ALA A 1851 -40.80 -39.70 3.67
N VAL A 1852 -41.51 -40.67 3.09
CA VAL A 1852 -40.87 -41.75 2.36
C VAL A 1852 -41.30 -41.70 0.90
N LEU A 1853 -40.32 -41.87 0.00
CA LEU A 1853 -40.55 -41.86 -1.44
C LEU A 1853 -40.12 -43.21 -2.01
N ALA A 1854 -41.01 -43.83 -2.78
CA ALA A 1854 -40.75 -45.10 -3.46
C ALA A 1854 -40.32 -46.19 -2.48
N GLY A 1855 -40.81 -46.13 -1.24
CA GLY A 1855 -40.43 -47.09 -0.24
C GLY A 1855 -39.04 -46.89 0.34
N HIS A 1856 -38.38 -45.78 0.01
CA HIS A 1856 -37.03 -45.49 0.50
C HIS A 1856 -37.10 -44.29 1.43
N SER A 1857 -36.59 -44.44 2.64
CA SER A 1857 -36.70 -43.40 3.66
C SER A 1857 -35.57 -42.38 3.54
N VAL A 1858 -35.91 -41.11 3.71
CA VAL A 1858 -34.91 -40.06 3.69
C VAL A 1858 -34.03 -40.14 4.93
N ALA A 1859 -34.63 -40.45 6.09
CA ALA A 1859 -33.85 -40.54 7.33
C ALA A 1859 -32.97 -41.78 7.33
N ARG A 1860 -33.51 -42.94 6.93
CA ARG A 1860 -32.74 -44.17 6.93
C ARG A 1860 -31.60 -44.10 5.92
N GLU A 1861 -31.87 -43.57 4.73
CA GLU A 1861 -30.84 -43.47 3.68
C GLU A 1861 -31.15 -42.25 2.83
N PRO A 1862 -30.62 -41.08 3.18
CA PRO A 1862 -30.86 -39.89 2.36
C PRO A 1862 -30.32 -40.01 0.95
N SER A 1863 -29.23 -40.74 0.75
CA SER A 1863 -28.67 -40.91 -0.59
C SER A 1863 -29.65 -41.64 -1.51
N ALA A 1864 -30.29 -42.70 -1.01
CA ALA A 1864 -31.27 -43.41 -1.82
C ALA A 1864 -32.44 -42.52 -2.18
N ALA A 1865 -32.91 -41.70 -1.23
CA ALA A 1865 -34.02 -40.80 -1.51
C ALA A 1865 -33.63 -39.75 -2.55
N HIS A 1866 -32.40 -39.22 -2.47
CA HIS A 1866 -31.98 -38.15 -3.37
C HIS A 1866 -31.45 -38.66 -4.70
N LEU A 1867 -31.25 -39.98 -4.86
CA LEU A 1867 -30.75 -40.50 -6.13
C LEU A 1867 -31.77 -40.31 -7.25
N SER A 1868 -33.06 -40.46 -6.96
CA SER A 1868 -34.11 -40.48 -7.96
C SER A 1868 -35.11 -39.36 -7.76
N MET A 1869 -34.61 -38.14 -7.53
CA MET A 1869 -35.44 -36.96 -7.31
C MET A 1869 -35.13 -35.94 -8.38
N GLY A 1870 -36.13 -35.56 -9.17
CA GLY A 1870 -35.96 -34.51 -10.15
C GLY A 1870 -36.48 -33.18 -9.65
N TYR A 1871 -35.57 -32.31 -9.19
CA TYR A 1871 -35.94 -31.09 -8.47
C TYR A 1871 -35.83 -29.88 -9.39
N CYS A 1872 -36.87 -29.06 -9.40
CA CYS A 1872 -36.89 -27.84 -10.20
C CYS A 1872 -37.41 -26.68 -9.36
N PRO A 1873 -36.52 -25.86 -8.79
CA PRO A 1873 -36.97 -24.71 -8.00
C PRO A 1873 -37.22 -23.50 -8.87
N GLN A 1874 -37.72 -22.43 -8.23
CA GLN A 1874 -37.86 -21.15 -8.90
C GLN A 1874 -36.53 -20.45 -9.08
N SER A 1875 -35.53 -20.79 -8.27
CA SER A 1875 -34.22 -20.16 -8.39
C SER A 1875 -33.54 -20.57 -9.70
N ASP A 1876 -32.94 -19.59 -10.36
CA ASP A 1876 -32.23 -19.84 -11.63
C ASP A 1876 -30.79 -20.24 -11.33
N ALA A 1877 -30.66 -21.46 -10.78
CA ALA A 1877 -29.35 -22.02 -10.43
C ALA A 1877 -28.66 -22.47 -11.70
N ILE A 1878 -28.03 -21.51 -12.37
CA ILE A 1878 -27.37 -21.74 -13.65
C ILE A 1878 -25.99 -21.10 -13.63
N PHE A 1879 -25.14 -21.55 -14.54
CA PHE A 1879 -23.80 -21.00 -14.73
C PHE A 1879 -23.78 -20.16 -15.99
N GLU A 1880 -23.26 -18.93 -15.88
CA GLU A 1880 -23.24 -18.03 -17.02
C GLU A 1880 -22.39 -18.57 -18.15
N LEU A 1881 -21.22 -19.12 -17.83
CA LEU A 1881 -20.34 -19.65 -18.87
C LEU A 1881 -20.90 -20.94 -19.47
N LEU A 1882 -21.43 -21.83 -18.63
CA LEU A 1882 -21.98 -23.08 -19.10
C LEU A 1882 -23.27 -22.85 -19.89
N THR A 1883 -23.51 -23.71 -20.87
CA THR A 1883 -24.71 -23.67 -21.68
C THR A 1883 -25.72 -24.70 -21.20
N GLY A 1884 -26.93 -24.61 -21.75
CA GLY A 1884 -27.98 -25.55 -21.38
C GLY A 1884 -27.65 -26.97 -21.79
N ARG A 1885 -27.13 -27.15 -23.00
CA ARG A 1885 -26.77 -28.50 -23.44
C ARG A 1885 -25.62 -29.07 -22.62
N GLU A 1886 -24.71 -28.21 -22.17
CA GLU A 1886 -23.64 -28.68 -21.29
C GLU A 1886 -24.21 -29.17 -19.96
N HIS A 1887 -25.17 -28.45 -19.38
CA HIS A 1887 -25.82 -28.90 -18.16
C HIS A 1887 -26.53 -30.22 -18.39
N LEU A 1888 -27.26 -30.34 -19.51
CA LEU A 1888 -28.00 -31.56 -19.79
C LEU A 1888 -27.07 -32.75 -19.93
N GLU A 1889 -25.97 -32.58 -20.68
CA GLU A 1889 -25.02 -33.66 -20.85
C GLU A 1889 -24.34 -34.03 -19.53
N LEU A 1890 -24.00 -33.02 -18.72
CA LEU A 1890 -23.40 -33.28 -17.42
C LEU A 1890 -24.33 -34.10 -16.54
N LEU A 1891 -25.60 -33.71 -16.48
CA LEU A 1891 -26.56 -34.48 -15.69
C LEU A 1891 -26.73 -35.89 -16.23
N ALA A 1892 -26.81 -36.03 -17.57
CA ALA A 1892 -26.98 -37.34 -18.17
C ALA A 1892 -25.83 -38.26 -17.83
N ARG A 1893 -24.59 -37.78 -17.97
CA ARG A 1893 -23.45 -38.60 -17.62
C ARG A 1893 -23.32 -38.81 -16.10
N LEU A 1894 -23.91 -37.92 -15.30
CA LEU A 1894 -23.99 -38.18 -13.86
C LEU A 1894 -25.00 -39.28 -13.55
N ARG A 1895 -25.99 -39.47 -14.41
CA ARG A 1895 -27.03 -40.47 -14.18
C ARG A 1895 -26.80 -41.78 -14.91
N GLY A 1896 -25.54 -42.13 -15.20
CA GLY A 1896 -25.23 -43.44 -15.72
C GLY A 1896 -25.59 -43.69 -17.16
N VAL A 1897 -25.90 -42.65 -17.92
CA VAL A 1897 -26.25 -42.82 -19.34
C VAL A 1897 -25.00 -43.21 -20.11
N PRO A 1898 -25.06 -44.20 -21.01
CA PRO A 1898 -23.89 -44.54 -21.82
C PRO A 1898 -23.44 -43.38 -22.68
N GLU A 1899 -22.14 -43.35 -22.97
CA GLU A 1899 -21.55 -42.20 -23.66
C GLU A 1899 -22.17 -41.96 -25.03
N ALA A 1900 -22.40 -43.04 -25.79
CA ALA A 1900 -22.98 -42.88 -27.12
C ALA A 1900 -24.40 -42.34 -27.05
N GLN A 1901 -25.20 -42.82 -26.09
CA GLN A 1901 -26.58 -42.39 -25.96
C GLN A 1901 -26.72 -40.99 -25.39
N VAL A 1902 -25.66 -40.40 -24.85
CA VAL A 1902 -25.74 -39.07 -24.27
C VAL A 1902 -26.11 -38.03 -25.33
N ALA A 1903 -25.50 -38.12 -26.51
CA ALA A 1903 -25.77 -37.16 -27.57
C ALA A 1903 -27.24 -37.25 -28.02
N GLN A 1904 -27.75 -38.46 -28.20
CA GLN A 1904 -29.14 -38.59 -28.62
C GLN A 1904 -30.11 -38.19 -27.51
N THR A 1905 -29.75 -38.42 -26.25
CA THR A 1905 -30.57 -37.95 -25.15
C THR A 1905 -30.62 -36.43 -25.12
N ALA A 1906 -29.48 -35.78 -25.36
CA ALA A 1906 -29.45 -34.32 -25.42
C ALA A 1906 -30.28 -33.81 -26.59
N GLY A 1907 -30.19 -34.50 -27.74
CA GLY A 1907 -31.00 -34.12 -28.88
C GLY A 1907 -32.49 -34.21 -28.59
N SER A 1908 -32.91 -35.31 -27.97
CA SER A 1908 -34.32 -35.46 -27.61
C SER A 1908 -34.74 -34.40 -26.58
N GLY A 1909 -33.87 -34.12 -25.61
CA GLY A 1909 -34.21 -33.13 -24.60
C GLY A 1909 -34.36 -31.73 -25.17
N LEU A 1910 -33.51 -31.37 -26.13
CA LEU A 1910 -33.68 -30.07 -26.78
C LEU A 1910 -34.88 -30.06 -27.71
N ALA A 1911 -35.14 -31.19 -28.39
CA ALA A 1911 -36.27 -31.26 -29.30
C ALA A 1911 -37.60 -31.12 -28.58
N ARG A 1912 -37.72 -31.73 -27.40
CA ARG A 1912 -38.96 -31.60 -26.64
C ARG A 1912 -39.15 -30.22 -26.02
N LEU A 1913 -38.14 -29.35 -26.11
CA LEU A 1913 -38.27 -27.96 -25.69
C LEU A 1913 -37.88 -26.96 -26.77
N GLY A 1914 -37.51 -27.41 -27.97
CA GLY A 1914 -37.09 -26.52 -29.02
C GLY A 1914 -35.59 -26.25 -29.00
N LEU A 1915 -35.21 -25.09 -28.46
CA LEU A 1915 -33.82 -24.74 -28.21
C LEU A 1915 -32.95 -24.75 -29.46
N SER A 1916 -33.57 -24.71 -30.64
CA SER A 1916 -32.79 -24.64 -31.87
C SER A 1916 -31.99 -23.35 -31.96
N TRP A 1917 -32.63 -22.23 -31.62
CA TRP A 1917 -31.94 -20.94 -31.60
C TRP A 1917 -31.04 -20.77 -30.39
N TYR A 1918 -31.31 -21.49 -29.31
CA TYR A 1918 -30.56 -21.36 -28.05
C TYR A 1918 -29.59 -22.51 -27.83
N ALA A 1919 -29.33 -23.33 -28.84
CA ALA A 1919 -28.49 -24.51 -28.65
C ALA A 1919 -27.07 -24.12 -28.27
N ASP A 1920 -26.44 -23.25 -29.05
CA ASP A 1920 -25.06 -22.86 -28.78
C ASP A 1920 -24.95 -21.71 -27.77
N ARG A 1921 -26.05 -21.03 -27.48
CA ARG A 1921 -26.01 -19.92 -26.54
C ARG A 1921 -25.79 -20.43 -25.12
N PRO A 1922 -25.08 -19.67 -24.29
CA PRO A 1922 -24.94 -20.05 -22.88
C PRO A 1922 -26.25 -19.91 -22.14
N ALA A 1923 -26.39 -20.71 -21.08
CA ALA A 1923 -27.64 -20.73 -20.33
C ALA A 1923 -27.92 -19.40 -19.63
N GLY A 1924 -26.87 -18.67 -19.24
CA GLY A 1924 -27.08 -17.41 -18.56
C GLY A 1924 -27.73 -16.35 -19.42
N THR A 1925 -27.30 -16.25 -20.68
CA THR A 1925 -27.81 -15.23 -21.59
C THR A 1925 -29.06 -15.74 -22.33
N TYR A 1926 -30.09 -16.01 -21.54
CA TYR A 1926 -31.38 -16.49 -22.04
C TYR A 1926 -32.47 -15.50 -21.65
N SER A 1927 -33.72 -15.87 -21.96
CA SER A 1927 -34.87 -15.09 -21.52
C SER A 1927 -35.32 -15.58 -20.15
N GLY A 1928 -36.32 -14.88 -19.59
CA GLY A 1928 -36.77 -15.23 -18.25
C GLY A 1928 -37.33 -16.63 -18.14
N GLY A 1929 -38.19 -17.00 -19.09
CA GLY A 1929 -38.79 -18.33 -19.07
C GLY A 1929 -37.85 -19.43 -19.51
N ASN A 1930 -36.82 -19.10 -20.28
CA ASN A 1930 -35.88 -20.12 -20.72
C ASN A 1930 -35.12 -20.72 -19.54
N LYS A 1931 -34.85 -19.91 -18.52
CA LYS A 1931 -34.17 -20.42 -17.33
C LYS A 1931 -34.99 -21.53 -16.67
N ARG A 1932 -36.27 -21.26 -16.43
CA ARG A 1932 -37.14 -22.25 -15.80
C ARG A 1932 -37.37 -23.44 -16.72
N LYS A 1933 -37.47 -23.22 -18.03
CA LYS A 1933 -37.67 -24.35 -18.94
C LYS A 1933 -36.44 -25.26 -18.98
N LEU A 1934 -35.24 -24.68 -18.95
CA LEU A 1934 -34.04 -25.51 -18.91
C LEU A 1934 -33.88 -26.19 -17.56
N ALA A 1935 -34.33 -25.55 -16.48
CA ALA A 1935 -34.35 -26.21 -15.18
C ALA A 1935 -35.27 -27.43 -15.20
N THR A 1936 -36.46 -27.27 -15.79
CA THR A 1936 -37.37 -28.41 -15.93
C THR A 1936 -36.75 -29.51 -16.79
N ALA A 1937 -36.10 -29.13 -17.89
CA ALA A 1937 -35.44 -30.11 -18.74
C ALA A 1937 -34.36 -30.87 -17.98
N LEU A 1938 -33.56 -30.15 -17.19
CA LEU A 1938 -32.55 -30.80 -16.36
C LEU A 1938 -33.19 -31.74 -15.36
N ALA A 1939 -34.31 -31.34 -14.75
CA ALA A 1939 -34.98 -32.19 -13.78
C ALA A 1939 -35.49 -33.48 -14.42
N LEU A 1940 -36.09 -33.38 -15.62
CA LEU A 1940 -36.71 -34.55 -16.22
C LEU A 1940 -35.69 -35.52 -16.81
N VAL A 1941 -34.55 -35.01 -17.28
CA VAL A 1941 -33.53 -35.88 -17.86
C VAL A 1941 -32.99 -36.82 -16.78
N GLY A 1942 -32.84 -38.09 -17.12
CA GLY A 1942 -32.42 -39.12 -16.20
C GLY A 1942 -33.52 -39.98 -15.65
N ASP A 1943 -34.78 -39.64 -15.91
CA ASP A 1943 -35.96 -40.39 -15.49
C ASP A 1943 -35.98 -40.59 -13.98
N PRO A 1944 -36.15 -39.53 -13.20
CA PRO A 1944 -36.24 -39.70 -11.74
C PRO A 1944 -37.55 -40.37 -11.35
N ALA A 1945 -37.54 -40.96 -10.15
CA ALA A 1945 -38.74 -41.62 -9.64
C ALA A 1945 -39.87 -40.61 -9.45
N VAL A 1946 -39.56 -39.44 -8.90
CA VAL A 1946 -40.55 -38.39 -8.67
C VAL A 1946 -39.93 -37.05 -9.05
N VAL A 1947 -40.74 -36.20 -9.67
CA VAL A 1947 -40.30 -34.88 -10.12
C VAL A 1947 -41.06 -33.82 -9.33
N PHE A 1948 -40.33 -32.99 -8.60
CA PHE A 1948 -40.90 -31.89 -7.84
C PHE A 1948 -40.59 -30.56 -8.52
N LEU A 1949 -41.60 -29.71 -8.63
CA LEU A 1949 -41.46 -28.39 -9.24
C LEU A 1949 -42.05 -27.35 -8.29
N ASP A 1950 -41.28 -26.29 -8.03
CA ASP A 1950 -41.73 -25.20 -7.16
C ASP A 1950 -41.75 -23.91 -7.99
N GLU A 1951 -42.95 -23.37 -8.19
CA GLU A 1951 -43.16 -22.15 -8.95
C GLU A 1951 -42.48 -22.20 -10.32
N PRO A 1952 -42.86 -23.14 -11.18
CA PRO A 1952 -42.20 -23.25 -12.49
C PRO A 1952 -42.67 -22.23 -13.52
N THR A 1953 -43.82 -21.60 -13.30
CA THR A 1953 -44.39 -20.65 -14.26
C THR A 1953 -44.59 -19.31 -13.56
N THR A 1954 -43.63 -18.41 -13.71
CA THR A 1954 -43.70 -17.06 -13.15
C THR A 1954 -43.25 -16.07 -14.23
N GLY A 1955 -44.21 -15.57 -15.02
CA GLY A 1955 -43.95 -14.51 -15.96
C GLY A 1955 -43.08 -14.85 -17.15
N MET A 1956 -43.55 -15.75 -18.02
CA MET A 1956 -42.91 -15.99 -19.31
C MET A 1956 -43.96 -16.03 -20.41
N ASP A 1957 -43.47 -16.22 -21.63
CA ASP A 1957 -44.34 -16.27 -22.79
C ASP A 1957 -45.28 -17.48 -22.69
N PRO A 1958 -46.53 -17.35 -23.17
CA PRO A 1958 -47.44 -18.51 -23.14
C PRO A 1958 -46.96 -19.68 -23.98
N SER A 1959 -46.07 -19.47 -24.95
CA SER A 1959 -45.51 -20.59 -25.70
C SER A 1959 -44.65 -21.48 -24.81
N ALA A 1960 -43.90 -20.87 -23.89
CA ALA A 1960 -43.17 -21.66 -22.90
C ALA A 1960 -44.14 -22.46 -22.03
N ARG A 1961 -45.28 -21.86 -21.67
CA ARG A 1961 -46.31 -22.60 -20.94
C ARG A 1961 -46.83 -23.76 -21.77
N ARG A 1962 -47.00 -23.56 -23.07
CA ARG A 1962 -47.47 -24.62 -23.95
C ARG A 1962 -46.51 -25.79 -23.96
N PHE A 1963 -45.22 -25.50 -24.18
CA PHE A 1963 -44.20 -26.55 -24.12
C PHE A 1963 -44.20 -27.22 -22.76
N LEU A 1964 -44.42 -26.45 -21.69
CA LEU A 1964 -44.37 -27.01 -20.35
C LEU A 1964 -45.50 -28.00 -20.12
N TRP A 1965 -46.74 -27.66 -20.53
CA TRP A 1965 -47.81 -28.62 -20.27
C TRP A 1965 -47.73 -29.80 -21.22
N ASN A 1966 -47.20 -29.61 -22.43
CA ASN A 1966 -46.94 -30.76 -23.30
C ASN A 1966 -45.94 -31.72 -22.65
N SER A 1967 -44.84 -31.17 -22.12
CA SER A 1967 -43.83 -32.00 -21.48
C SER A 1967 -44.40 -32.71 -20.26
N LEU A 1968 -45.18 -32.01 -19.45
CA LEU A 1968 -45.69 -32.63 -18.23
C LEU A 1968 -46.74 -33.69 -18.53
N LEU A 1969 -47.57 -33.48 -19.55
CA LEU A 1969 -48.51 -34.54 -19.92
C LEU A 1969 -47.75 -35.75 -20.44
N ALA A 1970 -46.68 -35.53 -21.21
CA ALA A 1970 -45.88 -36.65 -21.68
C ALA A 1970 -45.28 -37.42 -20.50
N VAL A 1971 -44.74 -36.71 -19.51
CA VAL A 1971 -44.08 -37.39 -18.40
C VAL A 1971 -45.10 -38.07 -17.50
N VAL A 1972 -46.29 -37.49 -17.32
CA VAL A 1972 -47.30 -38.14 -16.48
C VAL A 1972 -47.91 -39.33 -17.20
N ARG A 1973 -47.98 -39.31 -18.53
CA ARG A 1973 -48.44 -40.47 -19.28
C ARG A 1973 -47.38 -41.57 -19.26
N GLU A 1974 -46.10 -41.19 -19.23
CA GLU A 1974 -45.03 -42.17 -19.16
C GLU A 1974 -45.09 -43.03 -17.91
N GLY A 1975 -45.72 -42.55 -16.84
CA GLY A 1975 -45.87 -43.35 -15.64
C GLY A 1975 -44.98 -42.92 -14.49
N ARG A 1976 -44.81 -41.61 -14.32
CA ARG A 1976 -43.99 -41.08 -13.24
C ARG A 1976 -44.76 -39.98 -12.52
N SER A 1977 -44.45 -39.82 -11.23
CA SER A 1977 -45.16 -38.88 -10.37
C SER A 1977 -44.53 -37.49 -10.48
N VAL A 1978 -45.38 -36.47 -10.61
CA VAL A 1978 -44.96 -35.09 -10.67
C VAL A 1978 -45.79 -34.30 -9.66
N MET A 1979 -45.11 -33.61 -8.75
CA MET A 1979 -45.75 -32.75 -7.77
C MET A 1979 -45.35 -31.31 -8.06
N LEU A 1980 -46.34 -30.45 -8.25
CA LEU A 1980 -46.11 -29.07 -8.66
C LEU A 1980 -46.73 -28.10 -7.66
N THR A 1981 -46.02 -27.02 -7.39
CA THR A 1981 -46.52 -25.96 -6.53
C THR A 1981 -46.17 -24.61 -7.14
N SER A 1982 -47.15 -23.73 -7.24
CA SER A 1982 -46.96 -22.40 -7.80
C SER A 1982 -48.13 -21.53 -7.36
N HIS A 1983 -48.21 -20.32 -7.92
CA HIS A 1983 -49.28 -19.38 -7.61
C HIS A 1983 -50.44 -19.47 -8.59
N SER A 1984 -50.16 -19.65 -9.88
CA SER A 1984 -51.18 -19.78 -10.91
C SER A 1984 -51.69 -21.21 -10.94
N MET A 1985 -52.90 -21.42 -10.43
CA MET A 1985 -53.47 -22.77 -10.37
C MET A 1985 -54.33 -23.11 -11.56
N GLU A 1986 -54.58 -22.15 -12.47
CA GLU A 1986 -55.32 -22.47 -13.69
C GLU A 1986 -54.58 -23.53 -14.51
N GLU A 1987 -53.26 -23.42 -14.56
CA GLU A 1987 -52.45 -24.45 -15.21
C GLU A 1987 -52.72 -25.82 -14.58
N CYS A 1988 -52.69 -25.88 -13.24
CA CYS A 1988 -52.92 -27.14 -12.55
C CYS A 1988 -54.31 -27.68 -12.84
N GLU A 1989 -55.31 -26.80 -12.91
CA GLU A 1989 -56.64 -27.24 -13.36
C GLU A 1989 -56.57 -27.81 -14.76
N ALA A 1990 -55.71 -27.28 -15.62
CA ALA A 1990 -55.59 -27.73 -16.99
C ALA A 1990 -54.52 -28.79 -17.22
N LEU A 1991 -53.72 -29.12 -16.20
CA LEU A 1991 -52.63 -30.08 -16.41
C LEU A 1991 -52.73 -31.32 -15.54
N CYS A 1992 -53.09 -31.18 -14.26
CA CYS A 1992 -53.06 -32.30 -13.33
C CYS A 1992 -54.48 -32.82 -13.09
N SER A 1993 -54.60 -33.75 -12.13
CA SER A 1993 -55.91 -34.32 -11.79
C SER A 1993 -56.10 -34.42 -10.27
N ARG A 1994 -55.30 -33.71 -9.49
CA ARG A 1994 -55.40 -33.78 -8.03
C ARG A 1994 -54.72 -32.56 -7.42
N LEU A 1995 -55.44 -31.84 -6.56
CA LEU A 1995 -54.95 -30.61 -5.97
C LEU A 1995 -55.22 -30.61 -4.47
N ALA A 1996 -54.41 -29.82 -3.75
CA ALA A 1996 -54.57 -29.66 -2.31
C ALA A 1996 -54.17 -28.26 -1.90
N ILE A 1997 -55.03 -27.61 -1.12
CA ILE A 1997 -54.78 -26.28 -0.57
C ILE A 1997 -54.42 -26.41 0.90
N MET A 1998 -53.39 -25.68 1.31
CA MET A 1998 -52.90 -25.71 2.69
C MET A 1998 -52.62 -24.29 3.17
N VAL A 1999 -53.06 -24.00 4.39
CA VAL A 1999 -52.80 -22.72 5.03
C VAL A 1999 -52.30 -22.97 6.44
N ASN A 2000 -51.15 -22.38 6.79
CA ASN A 2000 -50.58 -22.43 8.13
C ASN A 2000 -50.45 -23.87 8.64
N GLY A 2001 -50.00 -24.76 7.76
CA GLY A 2001 -49.75 -26.13 8.16
C GLY A 2001 -50.98 -26.98 8.37
N ARG A 2002 -52.13 -26.57 7.82
CA ARG A 2002 -53.37 -27.33 7.96
C ARG A 2002 -54.05 -27.42 6.60
N PHE A 2003 -54.34 -28.64 6.18
CA PHE A 2003 -55.02 -28.83 4.90
C PHE A 2003 -56.48 -28.38 4.99
N ARG A 2004 -57.01 -27.94 3.86
CA ARG A 2004 -58.37 -27.42 3.78
C ARG A 2004 -59.26 -28.20 2.83
N CYS A 2005 -58.75 -28.62 1.67
CA CYS A 2005 -59.57 -29.32 0.68
C CYS A 2005 -59.13 -30.76 0.48
N LEU A 2006 -57.88 -30.97 0.05
CA LEU A 2006 -57.27 -32.30 -0.10
C LEU A 2006 -58.23 -33.28 -0.78
N GLY A 2007 -58.56 -32.98 -2.04
CA GLY A 2007 -59.48 -33.81 -2.77
C GLY A 2007 -59.39 -33.60 -4.27
N SER A 2008 -60.27 -34.30 -4.98
CA SER A 2008 -60.29 -34.17 -6.44
C SER A 2008 -60.76 -32.77 -6.84
N PRO A 2009 -60.08 -32.13 -7.80
CA PRO A 2009 -60.33 -30.70 -8.07
C PRO A 2009 -61.78 -30.37 -8.39
N GLN A 2010 -62.47 -31.22 -9.15
CA GLN A 2010 -63.87 -30.93 -9.47
C GLN A 2010 -64.75 -30.95 -8.22
N HIS A 2011 -64.52 -31.92 -7.33
CA HIS A 2011 -65.25 -31.96 -6.07
C HIS A 2011 -64.96 -30.73 -5.23
N LEU A 2012 -63.73 -30.22 -5.32
CA LEU A 2012 -63.35 -29.06 -4.52
C LEU A 2012 -64.16 -27.84 -4.92
N LYS A 2013 -64.30 -27.60 -6.23
CA LYS A 2013 -65.16 -26.51 -6.70
C LYS A 2013 -66.62 -26.80 -6.36
N GLY A 2014 -67.06 -28.05 -6.51
CA GLY A 2014 -68.43 -28.38 -6.19
C GLY A 2014 -68.76 -28.22 -4.72
N ARG A 2015 -67.80 -28.53 -3.85
CA ARG A 2015 -68.06 -28.55 -2.41
C ARG A 2015 -67.98 -27.15 -1.79
N PHE A 2016 -66.80 -26.53 -1.86
CA PHE A 2016 -66.56 -25.29 -1.12
C PHE A 2016 -66.77 -24.04 -1.97
N ALA A 2017 -66.39 -24.07 -3.25
CA ALA A 2017 -66.54 -22.89 -4.09
C ALA A 2017 -67.99 -22.52 -4.33
N ALA A 2018 -68.92 -23.46 -4.10
CA ALA A 2018 -70.34 -23.17 -3.98
C ALA A 2018 -71.00 -22.65 -5.25
N GLY A 2019 -71.44 -21.40 -5.23
CA GLY A 2019 -72.38 -20.89 -6.20
C GLY A 2019 -71.76 -20.52 -7.54
N HIS A 2020 -72.59 -19.91 -8.39
CA HIS A 2020 -72.25 -19.59 -9.75
C HIS A 2020 -72.51 -18.10 -9.97
N THR A 2021 -71.84 -17.51 -10.97
CA THR A 2021 -71.96 -16.08 -11.20
C THR A 2021 -72.38 -15.80 -12.64
N LEU A 2022 -73.02 -14.65 -12.83
CA LEU A 2022 -73.55 -14.24 -14.12
C LEU A 2022 -73.13 -12.81 -14.42
N THR A 2023 -72.76 -12.53 -15.67
CA THR A 2023 -72.38 -11.21 -16.14
C THR A 2023 -73.25 -10.84 -17.33
N LEU A 2024 -73.73 -9.60 -17.34
CA LEU A 2024 -74.60 -9.09 -18.40
C LEU A 2024 -74.01 -7.82 -18.99
N ARG A 2025 -74.09 -7.71 -20.31
CA ARG A 2025 -73.60 -6.53 -21.05
C ARG A 2025 -74.76 -5.95 -21.84
N VAL A 2026 -75.16 -4.74 -21.50
CA VAL A 2026 -76.32 -4.08 -22.10
C VAL A 2026 -75.84 -2.82 -22.79
N PRO A 2027 -76.18 -2.60 -24.06
CA PRO A 2027 -75.83 -1.31 -24.70
C PRO A 2027 -76.47 -0.12 -24.01
N ALA A 2028 -77.68 -0.27 -23.49
CA ALA A 2028 -78.33 0.81 -22.77
C ALA A 2028 -77.72 1.02 -21.38
N ALA A 2029 -77.09 0.00 -20.82
CA ALA A 2029 -76.41 0.09 -19.52
C ALA A 2029 -77.36 0.56 -18.42
N ARG A 2030 -78.56 -0.02 -18.39
CA ARG A 2030 -79.54 0.25 -17.34
C ARG A 2030 -79.72 -1.00 -16.50
N SER A 2031 -79.55 -0.85 -15.18
CA SER A 2031 -79.52 -2.01 -14.31
C SER A 2031 -80.89 -2.66 -14.19
N GLN A 2032 -81.94 -1.86 -13.98
CA GLN A 2032 -83.25 -2.40 -13.64
C GLN A 2032 -83.82 -3.37 -14.68
N PRO A 2033 -83.82 -3.07 -15.98
CA PRO A 2033 -84.48 -3.98 -16.93
C PRO A 2033 -83.92 -5.39 -16.92
N ALA A 2034 -82.62 -5.54 -16.65
CA ALA A 2034 -82.04 -6.88 -16.54
C ALA A 2034 -82.19 -7.45 -15.13
N ALA A 2035 -81.92 -6.63 -14.11
CA ALA A 2035 -81.94 -7.09 -12.74
C ALA A 2035 -83.33 -7.58 -12.32
N ALA A 2036 -84.39 -7.02 -12.92
CA ALA A 2036 -85.74 -7.47 -12.59
C ALA A 2036 -85.89 -8.96 -12.82
N PHE A 2037 -85.73 -9.42 -14.06
CA PHE A 2037 -85.89 -10.85 -14.30
C PHE A 2037 -84.68 -11.67 -13.84
N VAL A 2038 -83.54 -11.03 -13.58
CA VAL A 2038 -82.43 -11.77 -12.98
C VAL A 2038 -82.77 -12.18 -11.56
N ALA A 2039 -83.33 -11.25 -10.78
CA ALA A 2039 -83.77 -11.58 -9.43
C ALA A 2039 -85.05 -12.42 -9.44
N ALA A 2040 -85.85 -12.31 -10.50
CA ALA A 2040 -87.02 -13.18 -10.62
C ALA A 2040 -86.63 -14.62 -10.92
N GLU A 2041 -85.56 -14.82 -11.69
CA GLU A 2041 -85.19 -16.17 -12.11
C GLU A 2041 -84.74 -17.01 -10.92
N PHE A 2042 -83.91 -16.46 -10.05
CA PHE A 2042 -83.41 -17.19 -8.89
C PHE A 2042 -83.81 -16.49 -7.60
N PRO A 2043 -84.11 -17.23 -6.54
CA PRO A 2043 -84.50 -16.58 -5.26
C PRO A 2043 -83.42 -15.68 -4.71
N GLY A 2044 -82.14 -16.01 -4.91
CA GLY A 2044 -81.07 -15.18 -4.40
C GLY A 2044 -80.99 -13.85 -5.12
N ALA A 2045 -80.53 -12.83 -4.39
CA ALA A 2045 -80.40 -11.48 -4.92
C ALA A 2045 -79.00 -10.91 -4.71
N GLU A 2046 -77.99 -11.76 -4.60
CA GLU A 2046 -76.63 -11.29 -4.37
C GLU A 2046 -76.11 -10.55 -5.60
N LEU A 2047 -75.44 -9.43 -5.36
CA LEU A 2047 -74.89 -8.61 -6.44
C LEU A 2047 -73.52 -8.10 -6.03
N ARG A 2048 -72.68 -7.84 -7.04
CA ARG A 2048 -71.34 -7.32 -6.81
C ARG A 2048 -70.89 -6.59 -8.06
N GLU A 2049 -70.13 -5.51 -7.88
CA GLU A 2049 -69.60 -4.66 -8.95
C GLU A 2049 -70.67 -4.38 -10.01
N ALA A 2050 -71.76 -3.76 -9.55
CA ALA A 2050 -72.86 -3.43 -10.42
C ALA A 2050 -72.48 -2.31 -11.39
N HIS A 2051 -72.03 -2.68 -12.58
CA HIS A 2051 -71.56 -1.73 -13.57
C HIS A 2051 -72.19 -2.03 -14.91
N GLY A 2052 -72.38 -0.98 -15.71
CA GLY A 2052 -72.89 -1.16 -17.06
C GLY A 2052 -71.98 -2.01 -17.93
N GLY A 2053 -70.67 -1.87 -17.75
CA GLY A 2053 -69.73 -2.69 -18.51
C GLY A 2053 -69.86 -4.17 -18.21
N ARG A 2054 -69.99 -4.51 -16.92
CA ARG A 2054 -70.10 -5.91 -16.54
C ARG A 2054 -70.81 -6.00 -15.19
N LEU A 2055 -71.66 -7.01 -15.04
CA LEU A 2055 -72.38 -7.28 -13.80
C LEU A 2055 -71.84 -8.57 -13.18
N ARG A 2056 -72.18 -8.79 -11.92
CA ARG A 2056 -71.86 -10.04 -11.23
C ARG A 2056 -73.01 -10.38 -10.30
N PHE A 2057 -73.77 -11.41 -10.65
CA PHE A 2057 -74.90 -11.88 -9.85
C PHE A 2057 -74.60 -13.28 -9.34
N GLN A 2058 -74.67 -13.45 -8.02
CA GLN A 2058 -74.37 -14.73 -7.38
C GLN A 2058 -75.68 -15.46 -7.12
N LEU A 2059 -75.96 -16.51 -7.89
CA LEU A 2059 -77.16 -17.30 -7.71
C LEU A 2059 -77.04 -18.15 -6.45
N PRO A 2060 -78.16 -18.61 -5.90
CA PRO A 2060 -78.12 -19.44 -4.68
C PRO A 2060 -77.22 -20.64 -4.86
N PRO A 2061 -76.18 -20.77 -4.03
CA PRO A 2061 -75.24 -21.88 -4.17
C PRO A 2061 -75.91 -23.23 -3.95
N GLY A 2062 -75.39 -24.24 -4.63
CA GLY A 2062 -75.90 -25.60 -4.48
C GLY A 2062 -77.30 -25.79 -4.99
N GLY A 2063 -77.65 -25.19 -6.13
CA GLY A 2063 -78.96 -25.39 -6.71
C GLY A 2063 -79.21 -26.83 -7.11
N ARG A 2064 -80.28 -27.43 -6.55
CA ARG A 2064 -80.57 -28.83 -6.85
C ARG A 2064 -80.94 -29.02 -8.31
N CYS A 2065 -81.76 -28.12 -8.86
CA CYS A 2065 -82.20 -28.23 -10.24
C CYS A 2065 -81.11 -27.77 -11.19
N ALA A 2066 -81.28 -28.10 -12.48
CA ALA A 2066 -80.34 -27.70 -13.50
C ALA A 2066 -80.43 -26.20 -13.77
N LEU A 2067 -79.41 -25.68 -14.45
CA LEU A 2067 -79.39 -24.27 -14.83
C LEU A 2067 -80.29 -23.99 -16.01
N ALA A 2068 -80.88 -25.03 -16.62
CA ALA A 2068 -81.81 -24.83 -17.73
C ALA A 2068 -82.93 -23.88 -17.36
N ARG A 2069 -83.30 -23.83 -16.07
CA ARG A 2069 -84.33 -22.92 -15.59
C ARG A 2069 -84.09 -21.48 -16.03
N VAL A 2070 -82.85 -21.10 -16.34
CA VAL A 2070 -82.59 -19.77 -16.85
C VAL A 2070 -82.34 -19.83 -18.35
N PHE A 2071 -81.72 -20.92 -18.83
CA PHE A 2071 -81.21 -20.99 -20.19
C PHE A 2071 -82.28 -20.67 -21.22
N GLY A 2072 -83.30 -21.53 -21.31
CA GLY A 2072 -84.40 -21.26 -22.22
C GLY A 2072 -85.07 -19.93 -21.91
N GLU A 2073 -85.17 -19.60 -20.63
CA GLU A 2073 -85.72 -18.29 -20.24
C GLU A 2073 -84.92 -17.17 -20.88
N LEU A 2074 -83.59 -17.27 -20.83
CA LEU A 2074 -82.76 -16.26 -21.49
C LEU A 2074 -83.10 -16.16 -22.97
N ALA A 2075 -83.36 -17.30 -23.61
CA ALA A 2075 -83.66 -17.31 -25.04
C ALA A 2075 -84.88 -16.46 -25.38
N VAL A 2076 -85.74 -16.20 -24.40
CA VAL A 2076 -86.87 -15.32 -24.63
C VAL A 2076 -86.53 -13.87 -24.29
N HIS A 2077 -85.76 -13.66 -23.21
CA HIS A 2077 -85.59 -12.32 -22.68
C HIS A 2077 -84.71 -11.44 -23.56
N GLY A 2078 -83.98 -12.02 -24.51
CA GLY A 2078 -83.29 -11.21 -25.50
C GLY A 2078 -84.25 -10.36 -26.31
N ALA A 2079 -85.50 -10.81 -26.45
CA ALA A 2079 -86.53 -9.99 -27.08
C ALA A 2079 -87.03 -8.90 -26.14
N GLU A 2080 -87.00 -9.14 -24.83
CA GLU A 2080 -87.53 -8.16 -23.88
C GLU A 2080 -86.64 -6.93 -23.81
N HIS A 2081 -85.33 -7.13 -23.69
CA HIS A 2081 -84.38 -6.03 -23.56
C HIS A 2081 -83.18 -6.29 -24.47
N GLY A 2082 -82.61 -5.21 -24.99
CA GLY A 2082 -81.43 -5.31 -25.82
C GLY A 2082 -80.18 -5.58 -24.99
N VAL A 2083 -79.58 -6.76 -25.20
CA VAL A 2083 -78.40 -7.18 -24.45
C VAL A 2083 -77.32 -7.57 -25.45
N GLU A 2084 -76.11 -7.07 -25.24
CA GLU A 2084 -74.98 -7.44 -26.09
C GLU A 2084 -74.72 -8.94 -25.98
N ASP A 2085 -74.37 -9.41 -24.79
CA ASP A 2085 -74.14 -10.83 -24.55
C ASP A 2085 -74.28 -11.09 -23.06
N PHE A 2086 -74.47 -12.37 -22.72
CA PHE A 2086 -74.53 -12.82 -21.34
C PHE A 2086 -73.50 -13.93 -21.14
N SER A 2087 -72.82 -13.89 -20.00
CA SER A 2087 -71.76 -14.84 -19.70
C SER A 2087 -71.99 -15.46 -18.34
N VAL A 2088 -71.61 -16.73 -18.19
CA VAL A 2088 -71.82 -17.46 -16.95
C VAL A 2088 -70.50 -18.07 -16.50
N SER A 2089 -70.15 -17.86 -15.23
CA SER A 2089 -68.98 -18.46 -14.61
C SER A 2089 -69.50 -19.51 -13.62
N GLN A 2090 -69.34 -20.78 -13.99
CA GLN A 2090 -69.95 -21.88 -13.26
C GLN A 2090 -68.94 -22.52 -12.31
N THR A 2091 -68.52 -21.74 -11.33
CA THR A 2091 -67.83 -22.22 -10.13
C THR A 2091 -66.54 -22.98 -10.48
N MET A 2092 -65.59 -22.23 -11.03
CA MET A 2092 -64.25 -22.74 -11.28
C MET A 2092 -63.43 -22.68 -9.99
N LEU A 2093 -62.12 -22.89 -10.10
CA LEU A 2093 -61.27 -22.96 -8.91
C LEU A 2093 -60.98 -21.59 -8.33
N GLU A 2094 -60.87 -20.56 -9.16
CA GLU A 2094 -60.58 -19.22 -8.67
C GLU A 2094 -61.77 -18.55 -7.99
N GLU A 2095 -62.87 -19.29 -7.78
CA GLU A 2095 -63.97 -18.76 -6.99
C GLU A 2095 -63.52 -18.40 -5.58
N VAL A 2096 -62.48 -19.07 -5.07
CA VAL A 2096 -61.90 -18.67 -3.79
C VAL A 2096 -61.28 -17.27 -3.90
N PHE A 2097 -60.64 -16.96 -5.02
CA PHE A 2097 -60.10 -15.61 -5.20
C PHE A 2097 -61.23 -14.59 -5.37
N LEU A 2098 -62.33 -14.98 -6.02
CA LEU A 2098 -63.49 -14.09 -6.08
C LEU A 2098 -64.06 -13.82 -4.69
N TYR A 2099 -64.14 -14.87 -3.86
CA TYR A 2099 -64.59 -14.71 -2.48
C TYR A 2099 -63.65 -13.79 -1.71
N PHE A 2100 -62.34 -13.96 -1.91
CA PHE A 2100 -61.36 -13.08 -1.27
C PHE A 2100 -61.53 -11.64 -1.73
N SER A 2101 -61.77 -11.43 -3.03
CA SER A 2101 -61.95 -10.08 -3.54
C SER A 2101 -63.20 -9.43 -2.96
N LYS A 2102 -64.29 -10.19 -2.87
CA LYS A 2102 -65.51 -9.64 -2.27
C LYS A 2102 -65.32 -9.40 -0.77
N ASP A 2103 -64.72 -10.35 -0.07
CA ASP A 2103 -64.47 -10.23 1.36
C ASP A 2103 -63.51 -11.32 1.84
#